data_5M4T
#
_entry.id   5M4T
#
_entity_poly.entity_id   1
_entity_poly.type   'polypeptide(L)'
_entity_poly.pdbx_seq_one_letter_code
;GSKKQQTESAENKEKICNAAKDNQKACENLKEKGCVFNTESNKCELKKDVKEKLEKESKETEGKDEKANTTGS
;
_entity_poly.pdbx_strand_id   A
#
# COMPACT_ATOMS: atom_id res chain seq x y z
N GLY A 1 -19.98 3.69 -10.90
CA GLY A 1 -19.65 2.74 -9.81
C GLY A 1 -18.55 3.28 -8.92
N SER A 2 -18.16 2.49 -7.93
CA SER A 2 -17.13 2.89 -6.99
C SER A 2 -15.77 2.36 -7.45
N LYS A 3 -14.84 3.26 -7.71
CA LYS A 3 -13.49 2.87 -8.08
C LYS A 3 -12.60 2.89 -6.85
N LYS A 4 -11.63 2.00 -6.81
CA LYS A 4 -10.72 1.93 -5.68
C LYS A 4 -9.32 2.37 -6.08
N GLN A 5 -9.08 3.67 -6.00
CA GLN A 5 -7.76 4.23 -6.26
C GLN A 5 -7.04 4.44 -4.94
N GLN A 6 -7.83 4.48 -3.87
CA GLN A 6 -7.33 4.63 -2.53
C GLN A 6 -8.46 4.37 -1.54
N THR A 7 -9.45 5.24 -1.59
CA THR A 7 -10.63 5.14 -0.76
C THR A 7 -10.24 5.06 0.73
N GLU A 8 -11.06 4.41 1.55
CA GLU A 8 -10.86 4.42 3.00
C GLU A 8 -9.73 3.50 3.40
N SER A 9 -9.72 2.30 2.82
CA SER A 9 -8.74 1.29 3.15
C SER A 9 -7.31 1.81 2.96
N ALA A 10 -7.03 2.38 1.80
CA ALA A 10 -5.69 2.86 1.52
C ALA A 10 -5.40 4.17 2.24
N GLU A 11 -6.42 4.99 2.47
CA GLU A 11 -6.25 6.26 3.15
C GLU A 11 -5.67 6.05 4.55
N ASN A 12 -6.42 5.33 5.38
CA ASN A 12 -6.02 5.12 6.78
C ASN A 12 -4.73 4.32 6.84
N LYS A 13 -4.55 3.41 5.89
CA LYS A 13 -3.33 2.60 5.83
C LYS A 13 -2.14 3.51 5.60
N GLU A 14 -2.24 4.30 4.55
CA GLU A 14 -1.21 5.26 4.19
C GLU A 14 -0.97 6.26 5.33
N LYS A 15 -2.06 6.69 5.94
CA LYS A 15 -2.01 7.68 7.02
C LYS A 15 -1.23 7.13 8.21
N ILE A 16 -1.42 5.86 8.52
CA ILE A 16 -0.72 5.23 9.62
C ILE A 16 0.77 5.18 9.33
N CYS A 17 1.10 4.88 8.09
CA CYS A 17 2.47 4.87 7.64
C CYS A 17 3.06 6.28 7.67
N ASN A 18 2.29 7.25 7.18
CA ASN A 18 2.75 8.64 7.10
C ASN A 18 2.82 9.27 8.48
N ALA A 19 2.15 8.66 9.45
CA ALA A 19 2.21 9.11 10.82
C ALA A 19 3.59 8.87 11.43
N ALA A 20 4.36 7.99 10.79
CA ALA A 20 5.72 7.72 11.22
C ALA A 20 6.68 8.61 10.47
N LYS A 21 6.15 9.28 9.45
CA LYS A 21 6.90 10.18 8.60
C LYS A 21 8.10 9.50 7.96
N ASP A 22 9.26 9.66 8.56
CA ASP A 22 10.49 9.13 8.01
C ASP A 22 11.29 8.38 9.07
N ASN A 23 10.62 8.00 10.14
CA ASN A 23 11.22 7.14 11.16
C ASN A 23 11.15 5.69 10.69
N GLN A 24 12.31 5.14 10.36
CA GLN A 24 12.38 3.80 9.81
C GLN A 24 11.94 2.76 10.84
N LYS A 25 12.48 2.86 12.05
CA LYS A 25 12.18 1.87 13.08
C LYS A 25 10.69 1.84 13.40
N ALA A 26 10.08 3.02 13.46
CA ALA A 26 8.64 3.11 13.70
C ALA A 26 7.88 2.42 12.58
N CYS A 27 8.36 2.58 11.36
CA CYS A 27 7.74 1.99 10.19
C CYS A 27 7.94 0.47 10.20
N GLU A 28 9.12 0.05 10.63
CA GLU A 28 9.42 -1.37 10.80
C GLU A 28 8.43 -2.01 11.76
N ASN A 29 8.01 -1.26 12.77
CA ASN A 29 7.01 -1.73 13.72
C ASN A 29 5.63 -1.73 13.08
N LEU A 30 5.41 -0.79 12.16
CA LEU A 30 4.13 -0.68 11.48
C LEU A 30 4.09 -1.56 10.24
N LYS A 31 5.18 -2.29 9.99
CA LYS A 31 5.30 -3.16 8.82
C LYS A 31 4.16 -4.18 8.78
N GLU A 32 3.72 -4.62 9.96
CA GLU A 32 2.63 -5.60 10.05
C GLU A 32 1.32 -5.02 9.55
N LYS A 33 1.22 -3.70 9.56
CA LYS A 33 -0.02 -3.01 9.22
C LYS A 33 -0.02 -2.61 7.75
N GLY A 34 1.01 -3.01 7.03
CA GLY A 34 1.09 -2.72 5.61
C GLY A 34 1.97 -1.53 5.30
N CYS A 35 2.73 -1.08 6.28
CA CYS A 35 3.61 0.05 6.10
C CYS A 35 5.02 -0.39 5.74
N VAL A 36 5.57 0.20 4.70
CA VAL A 36 6.91 -0.11 4.26
C VAL A 36 7.72 1.18 4.07
N PHE A 37 8.90 1.23 4.64
CA PHE A 37 9.76 2.38 4.47
C PHE A 37 10.26 2.44 3.04
N ASN A 38 10.04 3.57 2.40
CA ASN A 38 10.45 3.75 1.02
C ASN A 38 11.65 4.68 0.97
N THR A 39 12.80 4.10 0.65
CA THR A 39 14.05 4.85 0.64
C THR A 39 14.10 5.86 -0.49
N GLU A 40 13.35 5.58 -1.56
CA GLU A 40 13.30 6.46 -2.72
C GLU A 40 12.83 7.85 -2.31
N SER A 41 11.71 7.89 -1.58
CA SER A 41 11.12 9.15 -1.15
C SER A 41 11.58 9.51 0.26
N ASN A 42 12.20 8.55 0.94
CA ASN A 42 12.64 8.70 2.32
C ASN A 42 11.45 9.01 3.23
N LYS A 43 10.59 8.01 3.40
CA LYS A 43 9.46 8.10 4.30
C LYS A 43 8.80 6.74 4.45
N CYS A 44 7.94 6.60 5.45
CA CYS A 44 7.18 5.37 5.63
C CYS A 44 5.93 5.45 4.75
N GLU A 45 5.85 4.55 3.79
CA GLU A 45 4.81 4.61 2.78
C GLU A 45 3.97 3.33 2.82
N LEU A 46 2.76 3.41 2.30
CA LEU A 46 1.88 2.26 2.24
C LEU A 46 2.40 1.25 1.23
N LYS A 47 2.47 -0.01 1.62
CA LYS A 47 2.89 -1.06 0.73
C LYS A 47 1.77 -1.37 -0.26
N LYS A 48 1.83 -0.71 -1.41
CA LYS A 48 0.83 -0.89 -2.45
C LYS A 48 0.83 -2.33 -2.95
N ASP A 49 1.98 -2.96 -2.75
CA ASP A 49 2.16 -4.37 -3.03
C ASP A 49 1.13 -5.20 -2.28
N VAL A 50 1.15 -5.09 -0.96
CA VAL A 50 0.21 -5.82 -0.12
C VAL A 50 -1.20 -5.31 -0.30
N LYS A 51 -1.34 -4.00 -0.48
CA LYS A 51 -2.65 -3.37 -0.65
C LYS A 51 -3.40 -4.00 -1.82
N GLU A 52 -2.71 -4.23 -2.91
CA GLU A 52 -3.32 -4.83 -4.09
C GLU A 52 -3.49 -6.34 -3.91
N LYS A 53 -2.46 -6.99 -3.37
CA LYS A 53 -2.49 -8.44 -3.18
C LYS A 53 -3.56 -8.84 -2.17
N LEU A 54 -3.83 -7.97 -1.22
CA LEU A 54 -4.90 -8.20 -0.24
C LEU A 54 -6.25 -7.90 -0.87
N GLU A 55 -6.28 -6.90 -1.75
CA GLU A 55 -7.50 -6.49 -2.42
C GLU A 55 -8.03 -7.61 -3.32
N LYS A 56 -7.11 -8.24 -4.05
CA LYS A 56 -7.48 -9.32 -4.95
C LYS A 56 -7.74 -10.61 -4.18
N GLU A 57 -7.40 -10.59 -2.89
CA GLU A 57 -7.72 -11.70 -1.99
C GLU A 57 -9.14 -11.52 -1.45
N SER A 58 -9.64 -10.29 -1.57
CA SER A 58 -10.94 -9.92 -1.02
C SER A 58 -12.06 -10.12 -2.05
N LYS A 59 -11.84 -11.03 -3.00
CA LYS A 59 -12.85 -11.31 -4.00
C LYS A 59 -13.85 -12.35 -3.52
N GLU A 60 -13.74 -12.70 -2.24
CA GLU A 60 -14.61 -13.69 -1.59
C GLU A 60 -14.47 -15.06 -2.26
N THR A 61 -15.28 -15.30 -3.28
CA THR A 61 -15.20 -16.52 -4.06
C THR A 61 -14.70 -16.19 -5.46
N GLU A 62 -15.53 -15.40 -6.16
CA GLU A 62 -15.19 -14.86 -7.48
C GLU A 62 -16.41 -14.18 -8.07
N GLY A 63 -17.57 -14.61 -7.60
CA GLY A 63 -18.82 -14.14 -8.15
C GLY A 63 -19.29 -12.84 -7.52
N LYS A 64 -18.50 -11.78 -7.69
CA LYS A 64 -18.93 -10.45 -7.28
C LYS A 64 -19.79 -9.84 -8.37
N ASP A 65 -21.08 -9.74 -8.13
CA ASP A 65 -21.95 -9.13 -9.10
C ASP A 65 -21.84 -7.61 -8.99
N GLU A 66 -21.27 -7.00 -10.01
CA GLU A 66 -21.12 -5.56 -10.02
C GLU A 66 -22.28 -4.95 -10.80
N LYS A 67 -22.68 -5.65 -11.85
CA LYS A 67 -23.85 -5.27 -12.62
C LYS A 67 -24.85 -6.42 -12.63
N ALA A 68 -24.33 -7.63 -12.79
CA ALA A 68 -25.16 -8.83 -12.78
C ALA A 68 -24.32 -10.05 -12.44
N ASN A 69 -24.83 -10.91 -11.58
CA ASN A 69 -24.15 -12.14 -11.22
C ASN A 69 -24.36 -13.19 -12.31
N THR A 70 -25.61 -13.37 -12.70
CA THR A 70 -25.96 -14.32 -13.74
C THR A 70 -27.37 -14.06 -14.24
N THR A 71 -27.57 -14.14 -15.55
CA THR A 71 -28.89 -13.97 -16.13
C THR A 71 -29.71 -15.25 -15.92
N GLY A 72 -29.01 -16.38 -15.82
CA GLY A 72 -29.67 -17.65 -15.61
C GLY A 72 -30.66 -17.99 -16.69
N SER A 73 -31.90 -18.25 -16.29
CA SER A 73 -32.98 -18.51 -17.23
C SER A 73 -33.72 -17.23 -17.53
N GLY A 1 -13.03 10.31 -8.95
CA GLY A 1 -12.73 11.60 -9.63
C GLY A 1 -11.91 12.54 -8.78
N SER A 2 -12.05 13.84 -9.03
CA SER A 2 -11.26 14.85 -8.33
C SER A 2 -11.88 15.21 -6.98
N LYS A 3 -12.92 14.48 -6.59
CA LYS A 3 -13.57 14.69 -5.30
C LYS A 3 -12.70 14.09 -4.19
N LYS A 4 -11.88 13.11 -4.58
CA LYS A 4 -10.94 12.44 -3.69
C LYS A 4 -11.66 11.48 -2.75
N GLN A 5 -11.32 10.22 -2.85
CA GLN A 5 -11.84 9.20 -1.95
C GLN A 5 -10.85 8.06 -1.82
N GLN A 6 -10.28 7.65 -2.95
CA GLN A 6 -9.43 6.47 -3.02
C GLN A 6 -10.21 5.23 -2.59
N THR A 7 -10.14 4.93 -1.30
CA THR A 7 -10.86 3.82 -0.71
C THR A 7 -10.50 3.72 0.76
N GLU A 8 -11.17 2.82 1.48
CA GLU A 8 -10.98 2.66 2.93
C GLU A 8 -9.52 2.41 3.27
N SER A 9 -8.97 1.32 2.75
CA SER A 9 -7.62 0.89 3.08
C SER A 9 -6.58 1.95 2.71
N ALA A 10 -6.75 2.57 1.54
CA ALA A 10 -5.77 3.54 1.06
C ALA A 10 -5.67 4.74 1.99
N GLU A 11 -6.81 5.29 2.37
CA GLU A 11 -6.84 6.52 3.16
C GLU A 11 -6.23 6.32 4.54
N ASN A 12 -6.75 5.34 5.28
CA ASN A 12 -6.33 5.15 6.67
C ASN A 12 -4.92 4.59 6.77
N LYS A 13 -4.53 3.72 5.84
CA LYS A 13 -3.20 3.13 5.88
C LYS A 13 -2.15 4.17 5.57
N GLU A 14 -2.37 4.96 4.53
CA GLU A 14 -1.47 6.05 4.18
C GLU A 14 -1.27 6.96 5.38
N LYS A 15 -2.36 7.25 6.08
CA LYS A 15 -2.31 8.11 7.25
C LYS A 15 -1.44 7.48 8.35
N ILE A 16 -1.57 6.18 8.54
CA ILE A 16 -0.79 5.46 9.54
C ILE A 16 0.68 5.46 9.15
N CYS A 17 0.93 5.13 7.91
CA CYS A 17 2.28 5.10 7.37
C CYS A 17 2.91 6.49 7.42
N ASN A 18 2.13 7.52 7.09
CA ASN A 18 2.63 8.88 7.05
C ASN A 18 2.81 9.44 8.46
N ALA A 19 2.12 8.84 9.42
CA ALA A 19 2.28 9.21 10.83
C ALA A 19 3.63 8.75 11.36
N ALA A 20 4.25 7.79 10.68
CA ALA A 20 5.56 7.31 11.04
C ALA A 20 6.61 8.20 10.39
N LYS A 21 6.14 8.99 9.44
CA LYS A 21 6.95 9.96 8.73
C LYS A 21 8.18 9.33 8.10
N ASP A 22 9.34 9.73 8.58
CA ASP A 22 10.61 9.36 7.96
C ASP A 22 11.41 8.48 8.90
N ASN A 23 10.74 7.95 9.91
CA ASN A 23 11.39 7.08 10.90
C ASN A 23 11.37 5.64 10.40
N GLN A 24 12.55 5.13 10.09
CA GLN A 24 12.69 3.76 9.60
C GLN A 24 12.19 2.75 10.62
N LYS A 25 12.67 2.88 11.85
CA LYS A 25 12.37 1.90 12.89
C LYS A 25 10.88 1.89 13.24
N ALA A 26 10.29 3.08 13.31
CA ALA A 26 8.86 3.18 13.58
C ALA A 26 8.06 2.48 12.48
N CYS A 27 8.54 2.62 11.26
CA CYS A 27 7.88 2.00 10.11
C CYS A 27 8.05 0.49 10.17
N GLU A 28 9.26 0.03 10.45
CA GLU A 28 9.54 -1.39 10.56
C GLU A 28 8.65 -2.05 11.62
N ASN A 29 8.29 -1.30 12.65
CA ASN A 29 7.43 -1.80 13.71
C ASN A 29 6.02 -2.04 13.19
N LEU A 30 5.40 -1.01 12.63
CA LEU A 30 4.03 -1.09 12.14
C LEU A 30 3.98 -1.64 10.71
N LYS A 31 5.12 -2.15 10.25
CA LYS A 31 5.23 -2.79 8.94
C LYS A 31 4.22 -3.94 8.83
N GLU A 32 3.93 -4.56 9.96
CA GLU A 32 3.00 -5.69 10.01
C GLU A 32 1.59 -5.27 9.59
N LYS A 33 1.27 -4.00 9.78
CA LYS A 33 -0.07 -3.50 9.49
C LYS A 33 -0.27 -3.31 8.00
N GLY A 34 0.50 -2.41 7.40
CA GLY A 34 0.40 -2.21 5.96
C GLY A 34 1.35 -1.14 5.47
N CYS A 35 2.44 -0.92 6.19
CA CYS A 35 3.36 0.13 5.83
C CYS A 35 4.73 -0.45 5.50
N VAL A 36 5.44 0.23 4.61
CA VAL A 36 6.79 -0.16 4.25
C VAL A 36 7.63 1.09 4.05
N PHE A 37 8.86 1.07 4.54
CA PHE A 37 9.72 2.22 4.41
C PHE A 37 10.25 2.31 2.99
N ASN A 38 10.03 3.45 2.38
CA ASN A 38 10.45 3.67 1.01
C ASN A 38 11.71 4.52 0.99
N THR A 39 12.82 3.92 0.63
CA THR A 39 14.11 4.58 0.65
C THR A 39 14.21 5.67 -0.42
N GLU A 40 13.33 5.63 -1.42
CA GLU A 40 13.27 6.68 -2.41
C GLU A 40 12.78 7.98 -1.77
N SER A 41 11.63 7.90 -1.13
CA SER A 41 10.98 9.06 -0.54
C SER A 41 11.46 9.25 0.90
N ASN A 42 12.47 8.45 1.28
CA ASN A 42 13.09 8.46 2.62
C ASN A 42 12.06 8.51 3.75
N LYS A 43 10.91 7.89 3.53
CA LYS A 43 9.84 7.93 4.52
C LYS A 43 9.03 6.64 4.47
N CYS A 44 8.06 6.52 5.37
CA CYS A 44 7.24 5.32 5.45
C CYS A 44 5.94 5.51 4.66
N GLU A 45 5.67 4.59 3.73
CA GLU A 45 4.50 4.70 2.87
C GLU A 45 3.70 3.41 2.85
N LEU A 46 2.56 3.46 2.19
CA LEU A 46 1.66 2.31 2.09
C LEU A 46 2.18 1.26 1.11
N LYS A 47 2.25 0.02 1.56
CA LYS A 47 2.76 -1.06 0.72
C LYS A 47 1.79 -1.40 -0.40
N LYS A 48 0.55 -0.94 -0.28
CA LYS A 48 -0.44 -1.14 -1.34
C LYS A 48 -0.10 -0.25 -2.51
N ASP A 49 0.32 0.96 -2.19
CA ASP A 49 0.76 1.91 -3.19
C ASP A 49 1.95 1.34 -3.96
N VAL A 50 2.87 0.76 -3.22
CA VAL A 50 4.06 0.15 -3.80
C VAL A 50 3.67 -1.05 -4.66
N LYS A 51 2.87 -1.94 -4.10
CA LYS A 51 2.46 -3.15 -4.81
C LYS A 51 1.65 -2.82 -6.05
N GLU A 52 0.86 -1.76 -5.96
CA GLU A 52 -0.01 -1.35 -7.06
C GLU A 52 0.82 -1.00 -8.30
N LYS A 53 1.92 -0.29 -8.10
CA LYS A 53 2.79 0.08 -9.20
C LYS A 53 3.69 -1.09 -9.63
N LEU A 54 3.84 -2.07 -8.75
CA LEU A 54 4.63 -3.26 -9.07
C LEU A 54 3.77 -4.26 -9.83
N GLU A 55 2.55 -4.45 -9.35
CA GLU A 55 1.58 -5.33 -10.00
C GLU A 55 1.33 -4.83 -11.41
N LYS A 56 0.90 -3.57 -11.51
CA LYS A 56 0.72 -2.88 -12.79
C LYS A 56 -0.43 -3.45 -13.61
N GLU A 57 -1.06 -2.58 -14.40
CA GLU A 57 -2.15 -2.91 -15.30
C GLU A 57 -3.45 -3.18 -14.55
N SER A 58 -3.34 -3.55 -13.28
CA SER A 58 -4.51 -3.78 -12.43
C SER A 58 -5.13 -2.45 -12.00
N LYS A 59 -5.13 -1.49 -12.92
CA LYS A 59 -5.65 -0.15 -12.65
C LYS A 59 -7.17 -0.16 -12.71
N GLU A 60 -7.72 -1.20 -13.33
CA GLU A 60 -9.17 -1.39 -13.46
C GLU A 60 -9.75 -0.44 -14.50
N THR A 61 -10.84 -0.86 -15.11
CA THR A 61 -11.55 -0.06 -16.08
C THR A 61 -13.03 -0.38 -16.01
N GLU A 62 -13.70 0.21 -15.03
CA GLU A 62 -15.09 -0.09 -14.76
C GLU A 62 -16.01 0.98 -15.34
N GLY A 63 -15.40 1.96 -15.97
CA GLY A 63 -16.16 3.04 -16.58
C GLY A 63 -15.90 3.14 -18.06
N LYS A 64 -16.77 2.48 -18.84
CA LYS A 64 -16.69 2.46 -20.31
C LYS A 64 -15.52 1.61 -20.79
N ASP A 65 -15.84 0.66 -21.66
CA ASP A 65 -14.83 -0.22 -22.25
C ASP A 65 -13.96 0.56 -23.21
N GLU A 66 -12.72 0.10 -23.38
CA GLU A 66 -11.79 0.77 -24.27
C GLU A 66 -11.95 0.28 -25.70
N LYS A 67 -12.90 0.87 -26.42
CA LYS A 67 -13.04 0.69 -27.86
C LYS A 67 -13.32 -0.77 -28.21
N ALA A 68 -14.57 -1.18 -28.01
CA ALA A 68 -15.02 -2.54 -28.31
C ALA A 68 -14.14 -3.56 -27.58
N ASN A 69 -14.14 -3.50 -26.26
CA ASN A 69 -13.34 -4.41 -25.45
C ASN A 69 -13.90 -5.83 -25.52
N THR A 70 -15.19 -5.95 -25.34
CA THR A 70 -15.84 -7.25 -25.39
C THR A 70 -17.31 -7.11 -25.75
N THR A 71 -17.80 -8.04 -26.55
CA THR A 71 -19.19 -8.04 -26.99
C THR A 71 -19.64 -9.46 -27.32
N GLY A 72 -20.86 -9.82 -26.95
CA GLY A 72 -21.38 -11.13 -27.27
C GLY A 72 -22.10 -11.78 -26.11
N SER A 73 -22.44 -10.99 -25.11
CA SER A 73 -23.17 -11.50 -23.96
C SER A 73 -24.61 -11.82 -24.35
N GLY A 1 -22.38 17.47 -7.25
CA GLY A 1 -21.34 16.65 -7.92
C GLY A 1 -20.84 15.53 -7.04
N SER A 2 -20.32 14.48 -7.66
CA SER A 2 -19.81 13.34 -6.93
C SER A 2 -18.34 13.11 -7.28
N LYS A 3 -17.45 13.58 -6.41
CA LYS A 3 -16.03 13.36 -6.59
C LYS A 3 -15.50 12.40 -5.53
N LYS A 4 -15.75 11.12 -5.74
CA LYS A 4 -15.30 10.09 -4.83
C LYS A 4 -13.90 9.61 -5.22
N GLN A 5 -12.99 9.59 -4.27
CA GLN A 5 -11.62 9.21 -4.54
C GLN A 5 -11.08 8.31 -3.43
N GLN A 6 -10.90 7.04 -3.78
CA GLN A 6 -10.35 6.04 -2.86
C GLN A 6 -11.32 5.73 -1.72
N THR A 7 -11.01 4.71 -0.93
CA THR A 7 -11.91 4.25 0.11
C THR A 7 -11.23 4.24 1.49
N GLU A 8 -12.02 3.93 2.50
CA GLU A 8 -11.59 3.90 3.90
C GLU A 8 -10.28 3.15 4.10
N SER A 9 -10.24 1.92 3.59
CA SER A 9 -9.09 1.03 3.77
C SER A 9 -7.79 1.68 3.31
N ALA A 10 -7.78 2.15 2.06
CA ALA A 10 -6.57 2.74 1.50
C ALA A 10 -6.23 4.06 2.18
N GLU A 11 -7.25 4.80 2.58
CA GLU A 11 -7.08 6.12 3.18
C GLU A 11 -6.42 6.01 4.55
N ASN A 12 -7.01 5.19 5.43
CA ASN A 12 -6.54 5.09 6.81
C ASN A 12 -5.22 4.32 6.87
N LYS A 13 -5.03 3.40 5.94
CA LYS A 13 -3.83 2.56 5.94
C LYS A 13 -2.61 3.41 5.64
N GLU A 14 -2.73 4.21 4.59
CA GLU A 14 -1.68 5.11 4.18
C GLU A 14 -1.35 6.11 5.30
N LYS A 15 -2.39 6.58 5.99
CA LYS A 15 -2.22 7.53 7.09
C LYS A 15 -1.40 6.89 8.22
N ILE A 16 -1.64 5.60 8.47
CA ILE A 16 -0.93 4.88 9.51
C ILE A 16 0.56 4.85 9.20
N CYS A 17 0.86 4.67 7.94
CA CYS A 17 2.23 4.64 7.46
C CYS A 17 2.85 6.03 7.50
N ASN A 18 2.06 7.03 7.11
CA ASN A 18 2.54 8.41 7.09
C ASN A 18 2.75 8.95 8.50
N ALA A 19 2.16 8.27 9.49
CA ALA A 19 2.36 8.65 10.89
C ALA A 19 3.79 8.38 11.34
N ALA A 20 4.50 7.52 10.60
CA ALA A 20 5.89 7.23 10.89
C ALA A 20 6.79 8.23 10.19
N LYS A 21 6.23 8.85 9.14
CA LYS A 21 6.89 9.90 8.38
C LYS A 21 8.18 9.41 7.73
N ASP A 22 9.31 9.65 8.38
CA ASP A 22 10.61 9.30 7.83
C ASP A 22 11.36 8.36 8.77
N ASN A 23 10.71 8.00 9.87
CA ASN A 23 11.35 7.16 10.87
C ASN A 23 11.30 5.70 10.43
N GLN A 24 12.46 5.19 10.02
CA GLN A 24 12.58 3.81 9.55
C GLN A 24 12.21 2.84 10.66
N LYS A 25 12.67 3.11 11.88
CA LYS A 25 12.40 2.21 13.00
C LYS A 25 10.90 2.13 13.24
N ALA A 26 10.27 3.29 13.35
CA ALA A 26 8.84 3.36 13.59
C ALA A 26 8.06 2.67 12.48
N CYS A 27 8.55 2.82 11.26
CA CYS A 27 7.92 2.20 10.11
C CYS A 27 7.95 0.69 10.23
N GLU A 28 9.13 0.15 10.49
CA GLU A 28 9.30 -1.30 10.64
C GLU A 28 8.50 -1.81 11.85
N ASN A 29 8.14 -0.91 12.75
CA ASN A 29 7.31 -1.26 13.90
C ASN A 29 5.85 -1.47 13.48
N LEU A 30 5.34 -0.52 12.68
CA LEU A 30 3.95 -0.58 12.23
C LEU A 30 3.87 -1.20 10.82
N LYS A 31 4.96 -1.83 10.43
CA LYS A 31 5.10 -2.53 9.15
C LYS A 31 3.95 -3.51 8.90
N GLU A 32 3.37 -3.98 9.99
CA GLU A 32 2.34 -5.01 9.96
C GLU A 32 1.10 -4.57 9.19
N LYS A 33 0.90 -3.27 9.09
CA LYS A 33 -0.32 -2.72 8.50
C LYS A 33 -0.18 -2.55 6.98
N GLY A 34 1.01 -2.83 6.46
CA GLY A 34 1.25 -2.70 5.04
C GLY A 34 2.21 -1.56 4.75
N CYS A 35 2.78 -1.02 5.81
CA CYS A 35 3.68 0.11 5.70
C CYS A 35 5.10 -0.35 5.44
N VAL A 36 5.71 0.18 4.40
CA VAL A 36 7.09 -0.13 4.09
C VAL A 36 7.90 1.16 4.02
N PHE A 37 9.15 1.09 4.43
CA PHE A 37 10.00 2.25 4.34
C PHE A 37 10.59 2.35 2.95
N ASN A 38 10.44 3.51 2.35
CA ASN A 38 10.95 3.75 1.03
C ASN A 38 12.21 4.59 1.11
N THR A 39 13.35 3.93 0.92
CA THR A 39 14.64 4.55 1.11
C THR A 39 14.91 5.64 0.08
N GLU A 40 14.29 5.52 -1.10
CA GLU A 40 14.47 6.49 -2.17
C GLU A 40 14.06 7.88 -1.71
N SER A 41 12.82 8.00 -1.26
CA SER A 41 12.28 9.28 -0.85
C SER A 41 12.57 9.53 0.64
N ASN A 42 13.04 8.49 1.32
CA ASN A 42 13.25 8.52 2.76
C ASN A 42 11.93 8.82 3.48
N LYS A 43 11.05 7.83 3.50
CA LYS A 43 9.76 7.97 4.14
C LYS A 43 9.12 6.60 4.31
N CYS A 44 8.19 6.51 5.24
CA CYS A 44 7.37 5.32 5.38
C CYS A 44 6.03 5.55 4.69
N GLU A 45 5.66 4.65 3.80
CA GLU A 45 4.40 4.78 3.10
C GLU A 45 3.73 3.42 2.96
N LEU A 46 2.44 3.44 2.71
CA LEU A 46 1.71 2.20 2.48
C LEU A 46 2.15 1.61 1.16
N LYS A 47 2.58 0.35 1.17
CA LYS A 47 2.94 -0.31 -0.07
C LYS A 47 1.68 -0.59 -0.87
N LYS A 48 1.26 0.42 -1.62
CA LYS A 48 0.01 0.36 -2.38
C LYS A 48 0.08 -0.74 -3.43
N ASP A 49 1.30 -1.05 -3.81
CA ASP A 49 1.58 -2.14 -4.73
C ASP A 49 1.07 -3.47 -4.18
N VAL A 50 1.51 -3.81 -2.97
CA VAL A 50 1.13 -5.06 -2.33
C VAL A 50 -0.28 -4.96 -1.77
N LYS A 51 -0.65 -3.76 -1.33
CA LYS A 51 -1.99 -3.51 -0.85
C LYS A 51 -3.03 -3.90 -1.91
N GLU A 52 -2.75 -3.48 -3.13
CA GLU A 52 -3.57 -3.81 -4.28
C GLU A 52 -3.59 -5.32 -4.52
N LYS A 53 -2.41 -5.94 -4.48
CA LYS A 53 -2.30 -7.39 -4.70
C LYS A 53 -3.02 -8.19 -3.62
N LEU A 54 -3.22 -7.55 -2.48
CA LEU A 54 -3.86 -8.21 -1.36
C LEU A 54 -5.39 -8.17 -1.50
N GLU A 55 -5.89 -7.07 -2.05
CA GLU A 55 -7.33 -6.94 -2.27
C GLU A 55 -7.69 -7.17 -3.73
N LYS A 56 -6.73 -7.79 -4.43
CA LYS A 56 -6.90 -8.47 -5.73
C LYS A 56 -8.01 -7.90 -6.63
N GLU A 57 -9.24 -8.33 -6.41
CA GLU A 57 -10.34 -7.97 -7.30
C GLU A 57 -11.48 -7.30 -6.54
N SER A 58 -12.41 -8.08 -6.00
CA SER A 58 -13.44 -7.54 -5.13
C SER A 58 -12.84 -7.28 -3.77
N LYS A 59 -12.34 -8.36 -3.17
CA LYS A 59 -11.47 -8.30 -2.02
C LYS A 59 -10.36 -9.32 -2.17
N GLU A 60 -10.36 -10.35 -1.36
CA GLU A 60 -9.28 -11.32 -1.38
C GLU A 60 -9.67 -12.51 -2.26
N THR A 61 -10.89 -12.48 -2.76
CA THR A 61 -11.39 -13.47 -3.72
C THR A 61 -11.46 -14.87 -3.08
N GLU A 62 -11.28 -14.92 -1.77
CA GLU A 62 -11.34 -16.17 -1.02
C GLU A 62 -10.26 -17.14 -1.49
N GLY A 63 -10.30 -18.36 -0.97
CA GLY A 63 -9.36 -19.37 -1.41
C GLY A 63 -10.07 -20.54 -2.06
N LYS A 64 -10.68 -21.36 -1.22
CA LYS A 64 -11.46 -22.50 -1.68
C LYS A 64 -12.31 -23.04 -0.53
N ASP A 65 -13.04 -24.11 -0.79
CA ASP A 65 -13.87 -24.74 0.21
C ASP A 65 -12.99 -25.34 1.32
N GLU A 66 -12.19 -26.33 0.95
CA GLU A 66 -11.27 -27.03 1.86
C GLU A 66 -12.02 -27.59 3.07
N LYS A 67 -12.06 -26.82 4.15
CA LYS A 67 -12.77 -27.23 5.34
C LYS A 67 -14.15 -26.59 5.38
N ALA A 68 -14.17 -25.28 5.50
CA ALA A 68 -15.42 -24.54 5.57
C ALA A 68 -15.68 -23.81 4.26
N ASN A 69 -16.79 -24.13 3.63
CA ASN A 69 -17.19 -23.48 2.38
C ASN A 69 -17.93 -22.20 2.70
N THR A 70 -17.65 -21.15 1.94
CA THR A 70 -18.23 -19.84 2.21
C THR A 70 -19.70 -19.78 1.86
N THR A 71 -20.54 -19.88 2.89
CA THR A 71 -21.97 -19.79 2.71
C THR A 71 -22.39 -18.33 2.50
N GLY A 72 -21.92 -17.47 3.39
CA GLY A 72 -22.23 -16.06 3.28
C GLY A 72 -21.54 -15.25 4.36
N SER A 73 -20.98 -14.13 3.97
CA SER A 73 -20.32 -13.22 4.90
C SER A 73 -20.40 -11.79 4.39
N GLY A 1 -14.04 17.45 -3.35
CA GLY A 1 -13.78 15.99 -3.48
C GLY A 1 -15.05 15.18 -3.34
N SER A 2 -15.04 14.23 -2.43
CA SER A 2 -16.18 13.36 -2.22
C SER A 2 -16.82 13.64 -0.86
N LYS A 3 -16.19 14.53 -0.09
CA LYS A 3 -16.61 14.85 1.27
C LYS A 3 -16.51 13.62 2.16
N LYS A 4 -15.73 12.65 1.69
CA LYS A 4 -15.53 11.40 2.39
C LYS A 4 -14.41 10.63 1.72
N GLN A 5 -13.44 10.20 2.51
CA GLN A 5 -12.35 9.40 1.99
C GLN A 5 -12.87 8.05 1.52
N GLN A 6 -12.94 7.90 0.20
CA GLN A 6 -13.44 6.68 -0.42
C GLN A 6 -12.46 5.55 -0.15
N THR A 7 -12.96 4.49 0.48
CA THR A 7 -12.14 3.35 0.90
C THR A 7 -11.21 3.79 2.03
N GLU A 8 -11.78 3.93 3.21
CA GLU A 8 -11.08 4.38 4.40
C GLU A 8 -9.93 3.43 4.75
N SER A 9 -10.11 2.15 4.43
CA SER A 9 -9.10 1.13 4.66
C SER A 9 -7.78 1.50 3.96
N ALA A 10 -7.88 1.77 2.66
CA ALA A 10 -6.70 2.14 1.88
C ALA A 10 -6.11 3.45 2.39
N GLU A 11 -7.01 4.39 2.73
CA GLU A 11 -6.61 5.70 3.17
C GLU A 11 -5.83 5.62 4.48
N ASN A 12 -6.42 5.00 5.51
CA ASN A 12 -5.80 5.00 6.83
C ASN A 12 -4.56 4.12 6.89
N LYS A 13 -4.36 3.26 5.89
CA LYS A 13 -3.10 2.52 5.80
C LYS A 13 -2.00 3.48 5.42
N GLU A 14 -2.26 4.26 4.38
CA GLU A 14 -1.33 5.28 3.93
C GLU A 14 -1.16 6.33 5.02
N LYS A 15 -2.24 6.59 5.74
CA LYS A 15 -2.25 7.55 6.83
C LYS A 15 -1.30 7.14 7.95
N ILE A 16 -1.26 5.85 8.27
CA ILE A 16 -0.39 5.35 9.33
C ILE A 16 1.06 5.57 8.93
N CYS A 17 1.34 5.34 7.66
CA CYS A 17 2.65 5.60 7.10
C CYS A 17 2.99 7.08 7.17
N ASN A 18 2.02 7.92 6.78
CA ASN A 18 2.22 9.37 6.76
C ASN A 18 2.40 9.92 8.17
N ALA A 19 1.88 9.20 9.15
CA ALA A 19 2.03 9.58 10.55
C ALA A 19 3.44 9.28 11.07
N ALA A 20 4.09 8.27 10.48
CA ALA A 20 5.42 7.86 10.93
C ALA A 20 6.49 8.74 10.30
N LYS A 21 6.21 9.19 9.08
CA LYS A 21 7.06 10.17 8.38
C LYS A 21 8.45 9.62 8.09
N ASP A 22 9.41 9.92 8.95
CA ASP A 22 10.81 9.55 8.72
C ASP A 22 11.32 8.60 9.79
N ASN A 23 10.47 8.27 10.75
CA ASN A 23 10.86 7.38 11.84
C ASN A 23 10.85 5.94 11.35
N GLN A 24 12.00 5.47 10.90
CA GLN A 24 12.12 4.16 10.27
C GLN A 24 11.78 3.03 11.23
N LYS A 25 12.18 3.17 12.50
CA LYS A 25 11.90 2.15 13.50
C LYS A 25 10.40 1.88 13.59
N ALA A 26 9.62 2.95 13.59
CA ALA A 26 8.17 2.83 13.64
C ALA A 26 7.68 2.08 12.40
N CYS A 27 8.24 2.46 11.27
CA CYS A 27 7.90 1.87 9.99
C CYS A 27 8.22 0.38 9.95
N GLU A 28 9.35 0.01 10.53
CA GLU A 28 9.74 -1.39 10.65
C GLU A 28 8.67 -2.17 11.42
N ASN A 29 8.09 -1.53 12.42
CA ASN A 29 7.08 -2.16 13.26
C ASN A 29 5.74 -2.24 12.53
N LEU A 30 5.24 -1.09 12.10
CA LEU A 30 3.93 -1.01 11.47
C LEU A 30 3.97 -1.47 10.01
N LYS A 31 5.13 -1.99 9.59
CA LYS A 31 5.29 -2.58 8.28
C LYS A 31 4.31 -3.75 8.13
N GLU A 32 4.07 -4.43 9.24
CA GLU A 32 3.18 -5.59 9.27
C GLU A 32 1.71 -5.15 9.31
N LYS A 33 1.49 -3.84 9.37
CA LYS A 33 0.14 -3.29 9.44
C LYS A 33 -0.25 -2.67 8.10
N GLY A 34 0.51 -3.00 7.07
CA GLY A 34 0.25 -2.47 5.74
C GLY A 34 1.07 -1.23 5.48
N CYS A 35 2.38 -1.39 5.42
CA CYS A 35 3.28 -0.28 5.18
C CYS A 35 4.69 -0.78 4.93
N VAL A 36 5.56 0.10 4.46
CA VAL A 36 6.97 -0.19 4.32
C VAL A 36 7.76 1.11 4.17
N PHE A 37 8.89 1.22 4.85
CA PHE A 37 9.71 2.39 4.71
C PHE A 37 10.35 2.40 3.33
N ASN A 38 10.12 3.47 2.60
CA ASN A 38 10.67 3.60 1.25
C ASN A 38 11.91 4.45 1.31
N THR A 39 13.06 3.82 1.12
CA THR A 39 14.34 4.51 1.23
C THR A 39 14.63 5.36 0.00
N GLU A 40 13.86 5.15 -1.06
CA GLU A 40 14.08 5.87 -2.30
C GLU A 40 13.71 7.34 -2.15
N SER A 41 12.57 7.61 -1.52
CA SER A 41 12.17 8.98 -1.20
C SER A 41 12.40 9.25 0.27
N ASN A 42 12.87 8.22 0.97
CA ASN A 42 13.15 8.27 2.40
C ASN A 42 11.91 8.70 3.18
N LYS A 43 10.93 7.83 3.23
CA LYS A 43 9.69 8.10 3.96
C LYS A 43 8.94 6.81 4.24
N CYS A 44 8.13 6.84 5.28
CA CYS A 44 7.16 5.78 5.51
C CYS A 44 6.06 5.84 4.46
N GLU A 45 5.94 4.79 3.67
CA GLU A 45 4.96 4.79 2.59
C GLU A 45 4.21 3.47 2.55
N LEU A 46 2.92 3.54 2.26
CA LEU A 46 2.11 2.35 2.10
C LEU A 46 2.47 1.69 0.78
N LYS A 47 2.72 0.39 0.82
CA LYS A 47 3.07 -0.33 -0.40
C LYS A 47 1.80 -0.60 -1.19
N LYS A 48 1.37 0.43 -1.88
CA LYS A 48 0.08 0.45 -2.55
C LYS A 48 0.06 -0.44 -3.79
N ASP A 49 1.25 -0.81 -4.24
CA ASP A 49 1.38 -1.77 -5.34
C ASP A 49 0.81 -3.12 -4.91
N VAL A 50 1.46 -3.71 -3.93
CA VAL A 50 1.07 -4.99 -3.39
C VAL A 50 -0.34 -4.92 -2.81
N LYS A 51 -0.62 -3.83 -2.08
CA LYS A 51 -1.92 -3.65 -1.47
C LYS A 51 -3.02 -3.61 -2.52
N GLU A 52 -2.67 -3.10 -3.70
CA GLU A 52 -3.64 -2.96 -4.79
C GLU A 52 -4.08 -4.33 -5.27
N LYS A 53 -3.11 -5.18 -5.61
CA LYS A 53 -3.42 -6.49 -6.17
C LYS A 53 -3.92 -7.46 -5.10
N LEU A 54 -3.61 -7.18 -3.85
CA LEU A 54 -4.09 -8.01 -2.76
C LEU A 54 -5.54 -7.67 -2.44
N GLU A 55 -5.82 -6.38 -2.39
CA GLU A 55 -7.18 -5.88 -2.23
C GLU A 55 -8.05 -6.31 -3.41
N LYS A 56 -7.59 -6.00 -4.61
CA LYS A 56 -8.31 -6.33 -5.82
C LYS A 56 -7.37 -6.94 -6.84
N GLU A 57 -7.27 -8.26 -6.83
CA GLU A 57 -6.46 -8.97 -7.82
C GLU A 57 -7.19 -8.97 -9.15
N SER A 58 -8.50 -8.78 -9.07
CA SER A 58 -9.35 -8.63 -10.24
C SER A 58 -9.23 -9.81 -11.20
N LYS A 59 -9.85 -10.93 -10.83
CA LYS A 59 -9.86 -12.11 -11.67
C LYS A 59 -11.24 -12.76 -11.71
N GLU A 60 -12.18 -12.16 -10.99
CA GLU A 60 -13.53 -12.72 -10.90
C GLU A 60 -14.40 -12.22 -12.03
N THR A 61 -14.92 -11.02 -11.88
CA THR A 61 -15.75 -10.38 -12.89
C THR A 61 -15.67 -8.87 -12.72
N GLU A 62 -14.59 -8.30 -13.22
CA GLU A 62 -14.26 -6.92 -12.94
C GLU A 62 -14.51 -6.06 -14.17
N GLY A 63 -14.36 -4.75 -14.01
CA GLY A 63 -14.46 -3.84 -15.13
C GLY A 63 -15.72 -3.02 -15.08
N LYS A 64 -16.82 -3.60 -15.52
CA LYS A 64 -18.09 -2.91 -15.52
C LYS A 64 -18.85 -3.23 -14.25
N ASP A 65 -18.84 -2.29 -13.31
CA ASP A 65 -19.57 -2.46 -12.07
C ASP A 65 -21.06 -2.37 -12.33
N GLU A 66 -21.70 -3.53 -12.31
CA GLU A 66 -23.11 -3.66 -12.65
C GLU A 66 -24.01 -2.90 -11.67
N LYS A 67 -24.27 -3.51 -10.52
CA LYS A 67 -25.12 -2.90 -9.51
C LYS A 67 -24.32 -1.91 -8.69
N ALA A 68 -23.30 -2.42 -8.01
CA ALA A 68 -22.38 -1.57 -7.26
C ALA A 68 -20.97 -2.09 -7.49
N ASN A 69 -20.70 -3.27 -6.95
CA ASN A 69 -19.44 -3.99 -7.18
C ASN A 69 -18.23 -3.26 -6.61
N THR A 70 -18.46 -2.10 -6.01
CA THR A 70 -17.39 -1.31 -5.43
C THR A 70 -17.16 -1.70 -3.98
N THR A 71 -16.14 -1.12 -3.38
CA THR A 71 -15.82 -1.38 -1.98
C THR A 71 -16.70 -0.52 -1.06
N GLY A 72 -17.44 0.40 -1.66
CA GLY A 72 -18.25 1.33 -0.89
C GLY A 72 -19.59 0.74 -0.51
N SER A 73 -19.58 -0.25 0.37
CA SER A 73 -20.79 -0.84 0.88
C SER A 73 -20.68 -1.03 2.39
N GLY A 1 -13.12 8.90 -1.55
CA GLY A 1 -13.77 10.23 -1.43
C GLY A 1 -14.99 10.17 -0.53
N SER A 2 -15.59 11.33 -0.28
CA SER A 2 -16.71 11.42 0.62
C SER A 2 -17.96 10.79 0.01
N LYS A 3 -18.09 10.89 -1.31
CA LYS A 3 -19.22 10.31 -2.00
C LYS A 3 -18.79 9.08 -2.79
N LYS A 4 -17.81 9.26 -3.67
CA LYS A 4 -17.39 8.20 -4.57
C LYS A 4 -16.01 7.68 -4.20
N GLN A 5 -15.72 6.44 -4.63
CA GLN A 5 -14.43 5.77 -4.40
C GLN A 5 -14.20 5.48 -2.93
N GLN A 6 -14.18 4.19 -2.59
CA GLN A 6 -13.89 3.76 -1.23
C GLN A 6 -12.39 3.69 -1.04
N THR A 7 -11.78 4.84 -0.85
CA THR A 7 -10.34 4.94 -0.72
C THR A 7 -9.93 4.77 0.73
N GLU A 8 -10.93 4.60 1.61
CA GLU A 8 -10.71 4.47 3.06
C GLU A 8 -9.57 3.51 3.38
N SER A 9 -9.60 2.34 2.75
CA SER A 9 -8.59 1.31 2.99
C SER A 9 -7.18 1.85 2.73
N ALA A 10 -6.94 2.29 1.50
CA ALA A 10 -5.63 2.78 1.10
C ALA A 10 -5.28 4.08 1.80
N GLU A 11 -6.29 4.91 2.04
CA GLU A 11 -6.09 6.22 2.64
C GLU A 11 -5.62 6.11 4.08
N ASN A 12 -6.38 5.41 4.91
CA ASN A 12 -6.08 5.31 6.34
C ASN A 12 -4.80 4.53 6.55
N LYS A 13 -4.55 3.55 5.66
CA LYS A 13 -3.36 2.73 5.77
C LYS A 13 -2.13 3.55 5.44
N GLU A 14 -2.23 4.31 4.35
CA GLU A 14 -1.18 5.24 3.95
C GLU A 14 -0.84 6.16 5.12
N LYS A 15 -1.89 6.71 5.73
CA LYS A 15 -1.76 7.62 6.86
C LYS A 15 -1.05 6.96 8.05
N ILE A 16 -1.33 5.68 8.27
CA ILE A 16 -0.71 4.96 9.38
C ILE A 16 0.80 4.89 9.17
N CYS A 17 1.18 4.62 7.93
CA CYS A 17 2.57 4.53 7.56
C CYS A 17 3.22 5.92 7.54
N ASN A 18 2.47 6.92 7.11
CA ASN A 18 2.98 8.29 7.05
C ASN A 18 3.13 8.87 8.45
N ALA A 19 2.40 8.31 9.40
CA ALA A 19 2.48 8.74 10.80
C ALA A 19 3.86 8.44 11.41
N ALA A 20 4.64 7.61 10.73
CA ALA A 20 5.99 7.30 11.17
C ALA A 20 6.97 8.27 10.53
N LYS A 21 6.55 8.86 9.42
CA LYS A 21 7.35 9.85 8.70
C LYS A 21 8.71 9.31 8.28
N ASP A 22 9.75 9.73 8.99
CA ASP A 22 11.11 9.40 8.63
C ASP A 22 11.66 8.30 9.54
N ASN A 23 10.89 7.94 10.55
CA ASN A 23 11.33 6.94 11.51
C ASN A 23 11.08 5.55 10.93
N GLN A 24 12.12 5.00 10.31
CA GLN A 24 12.05 3.69 9.71
C GLN A 24 11.73 2.62 10.76
N LYS A 25 12.42 2.68 11.89
CA LYS A 25 12.27 1.66 12.91
C LYS A 25 10.84 1.60 13.43
N ALA A 26 10.27 2.77 13.71
CA ALA A 26 8.90 2.84 14.20
C ALA A 26 7.93 2.26 13.19
N CYS A 27 8.22 2.51 11.91
CA CYS A 27 7.36 2.04 10.84
C CYS A 27 7.56 0.54 10.63
N GLU A 28 8.80 0.07 10.79
CA GLU A 28 9.10 -1.35 10.72
C GLU A 28 8.37 -2.12 11.84
N ASN A 29 8.05 -1.40 12.91
CA ASN A 29 7.32 -1.98 14.04
C ASN A 29 5.84 -2.12 13.70
N LEU A 30 5.24 -1.03 13.24
CA LEU A 30 3.83 -1.05 12.87
C LEU A 30 3.66 -1.51 11.41
N LYS A 31 4.73 -2.06 10.87
CA LYS A 31 4.75 -2.65 9.53
C LYS A 31 3.70 -3.76 9.41
N GLU A 32 3.22 -4.21 10.55
CA GLU A 32 2.15 -5.19 10.62
C GLU A 32 0.92 -4.75 9.81
N LYS A 33 0.75 -3.45 9.66
CA LYS A 33 -0.39 -2.90 8.94
C LYS A 33 -0.11 -2.83 7.44
N GLY A 34 1.14 -3.09 7.06
CA GLY A 34 1.53 -2.99 5.68
C GLY A 34 2.22 -1.67 5.37
N CYS A 35 3.24 -1.35 6.16
CA CYS A 35 3.95 -0.09 6.01
C CYS A 35 5.39 -0.34 5.60
N VAL A 36 5.75 0.17 4.43
CA VAL A 36 7.09 -0.03 3.90
C VAL A 36 7.80 1.30 3.75
N PHE A 37 8.89 1.48 4.49
CA PHE A 37 9.70 2.66 4.35
C PHE A 37 10.24 2.74 2.93
N ASN A 38 9.91 3.82 2.25
CA ASN A 38 10.24 3.93 0.84
C ASN A 38 11.33 4.97 0.64
N THR A 39 12.54 4.50 0.37
CA THR A 39 13.69 5.37 0.16
C THR A 39 13.47 6.27 -1.06
N GLU A 40 12.58 5.84 -1.93
CA GLU A 40 12.19 6.61 -3.11
C GLU A 40 11.66 7.98 -2.71
N SER A 41 10.88 8.01 -1.64
CA SER A 41 10.31 9.26 -1.13
C SER A 41 11.02 9.70 0.15
N ASN A 42 11.86 8.82 0.70
CA ASN A 42 12.65 9.11 1.91
C ASN A 42 11.74 9.13 3.13
N LYS A 43 10.54 8.59 2.97
CA LYS A 43 9.58 8.51 4.06
C LYS A 43 8.95 7.12 4.03
N CYS A 44 8.33 6.73 5.12
CA CYS A 44 7.64 5.46 5.15
C CYS A 44 6.26 5.62 4.53
N GLU A 45 5.94 4.75 3.58
CA GLU A 45 4.69 4.83 2.87
C GLU A 45 3.95 3.50 2.98
N LEU A 46 2.73 3.46 2.47
CA LEU A 46 1.96 2.23 2.45
C LEU A 46 2.65 1.19 1.58
N LYS A 47 2.42 -0.08 1.89
CA LYS A 47 2.92 -1.19 1.12
C LYS A 47 2.67 -0.98 -0.38
N LYS A 48 3.72 -0.62 -1.11
CA LYS A 48 3.59 -0.25 -2.52
C LYS A 48 3.31 -1.47 -3.39
N ASP A 49 3.30 -2.65 -2.79
CA ASP A 49 2.82 -3.85 -3.46
C ASP A 49 1.33 -3.69 -3.75
N VAL A 50 0.60 -3.18 -2.76
CA VAL A 50 -0.83 -2.95 -2.90
C VAL A 50 -1.07 -1.67 -3.71
N LYS A 51 -0.23 -0.67 -3.49
CA LYS A 51 -0.33 0.60 -4.21
C LYS A 51 -0.16 0.37 -5.71
N GLU A 52 0.81 -0.45 -6.06
CA GLU A 52 1.06 -0.82 -7.45
C GLU A 52 -0.16 -1.50 -8.06
N LYS A 53 -0.59 -2.60 -7.43
CA LYS A 53 -1.66 -3.44 -7.97
C LYS A 53 -3.00 -2.70 -7.99
N LEU A 54 -3.09 -1.62 -7.24
CA LEU A 54 -4.33 -0.85 -7.18
C LEU A 54 -4.36 0.22 -8.28
N GLU A 55 -3.24 0.89 -8.48
CA GLU A 55 -3.18 2.02 -9.40
C GLU A 55 -2.78 1.56 -10.81
N LYS A 56 -2.41 0.29 -10.95
CA LYS A 56 -2.02 -0.23 -12.25
C LYS A 56 -3.22 -0.30 -13.18
N GLU A 57 -3.02 0.12 -14.42
CA GLU A 57 -4.06 0.04 -15.42
C GLU A 57 -3.63 -0.86 -16.57
N SER A 58 -2.70 -0.36 -17.38
CA SER A 58 -2.23 -1.11 -18.53
C SER A 58 -0.70 -1.15 -18.55
N LYS A 59 -0.14 -2.02 -17.72
CA LYS A 59 1.29 -2.22 -17.70
C LYS A 59 1.65 -3.57 -18.34
N GLU A 60 0.71 -4.49 -18.29
CA GLU A 60 0.89 -5.81 -18.85
C GLU A 60 -0.47 -6.35 -19.26
N THR A 61 -0.50 -7.08 -20.35
CA THR A 61 -1.74 -7.63 -20.88
C THR A 61 -1.74 -9.15 -20.85
N GLU A 62 -0.70 -9.76 -21.43
CA GLU A 62 -0.61 -11.20 -21.51
C GLU A 62 0.81 -11.64 -21.85
N GLY A 63 1.68 -10.68 -22.07
CA GLY A 63 3.02 -10.96 -22.54
C GLY A 63 3.03 -11.67 -23.88
N LYS A 64 1.97 -11.46 -24.66
CA LYS A 64 1.85 -12.12 -25.95
C LYS A 64 2.14 -11.15 -27.09
N ASP A 65 2.36 -9.88 -26.72
CA ASP A 65 2.55 -8.80 -27.69
C ASP A 65 1.28 -8.54 -28.49
N GLU A 66 0.75 -7.34 -28.38
CA GLU A 66 -0.50 -6.99 -29.04
C GLU A 66 -0.25 -6.39 -30.42
N LYS A 67 -0.16 -7.26 -31.43
CA LYS A 67 0.00 -6.85 -32.82
C LYS A 67 1.24 -5.99 -33.02
N ALA A 68 2.35 -6.42 -32.42
CA ALA A 68 3.60 -5.66 -32.43
C ALA A 68 3.41 -4.35 -31.67
N ASN A 69 3.45 -4.42 -30.35
CA ASN A 69 3.21 -3.26 -29.52
C ASN A 69 4.35 -2.25 -29.68
N THR A 70 3.99 -1.00 -29.91
CA THR A 70 4.96 0.05 -30.13
C THR A 70 4.27 1.41 -30.20
N THR A 71 5.05 2.46 -30.01
CA THR A 71 4.54 3.82 -30.14
C THR A 71 4.35 4.18 -31.61
N GLY A 72 4.95 3.37 -32.48
CA GLY A 72 4.86 3.60 -33.90
C GLY A 72 6.15 3.20 -34.59
N SER A 73 7.22 3.90 -34.26
CA SER A 73 8.53 3.60 -34.79
C SER A 73 9.45 3.17 -33.64
N GLY A 1 -10.17 18.85 0.45
CA GLY A 1 -9.92 19.00 1.91
C GLY A 1 -9.33 17.75 2.51
N SER A 2 -8.28 17.92 3.32
CA SER A 2 -7.61 16.79 3.93
C SER A 2 -8.44 16.23 5.09
N LYS A 3 -9.26 15.23 4.78
CA LYS A 3 -10.10 14.60 5.78
C LYS A 3 -10.44 13.18 5.36
N LYS A 4 -11.24 13.05 4.31
CA LYS A 4 -11.64 11.75 3.77
C LYS A 4 -12.50 11.96 2.53
N GLN A 5 -12.44 11.03 1.59
CA GLN A 5 -13.28 11.12 0.39
C GLN A 5 -13.45 9.74 -0.25
N GLN A 6 -12.44 9.30 -0.98
CA GLN A 6 -12.48 8.01 -1.65
C GLN A 6 -11.21 7.24 -1.38
N THR A 7 -11.17 5.97 -1.81
CA THR A 7 -10.07 5.06 -1.52
C THR A 7 -9.69 5.13 -0.04
N GLU A 8 -10.72 5.21 0.80
CA GLU A 8 -10.55 5.43 2.23
C GLU A 8 -9.67 4.36 2.88
N SER A 9 -9.78 3.13 2.39
CA SER A 9 -9.01 2.02 2.92
C SER A 9 -7.52 2.28 2.75
N ALA A 10 -7.13 2.65 1.54
CA ALA A 10 -5.75 3.00 1.27
C ALA A 10 -5.38 4.32 1.94
N GLU A 11 -6.33 5.25 1.94
CA GLU A 11 -6.13 6.57 2.50
C GLU A 11 -5.76 6.53 3.98
N ASN A 12 -6.57 5.86 4.77
CA ASN A 12 -6.34 5.83 6.21
C ASN A 12 -5.16 4.93 6.57
N LYS A 13 -4.93 3.90 5.77
CA LYS A 13 -3.77 3.02 5.99
C LYS A 13 -2.49 3.75 5.61
N GLU A 14 -2.58 4.58 4.57
CA GLU A 14 -1.49 5.44 4.17
C GLU A 14 -1.10 6.34 5.34
N LYS A 15 -2.12 6.89 5.99
CA LYS A 15 -1.92 7.79 7.12
C LYS A 15 -1.26 7.05 8.28
N ILE A 16 -1.56 5.76 8.42
CA ILE A 16 -0.97 4.95 9.48
C ILE A 16 0.53 4.86 9.28
N CYS A 17 0.91 4.61 8.04
CA CYS A 17 2.31 4.53 7.67
C CYS A 17 2.95 5.91 7.72
N ASN A 18 2.22 6.92 7.26
CA ASN A 18 2.71 8.30 7.24
C ASN A 18 2.86 8.85 8.65
N ALA A 19 2.19 8.21 9.61
CA ALA A 19 2.30 8.58 11.01
C ALA A 19 3.66 8.19 11.57
N ALA A 20 4.33 7.28 10.88
CA ALA A 20 5.68 6.89 11.24
C ALA A 20 6.68 7.84 10.59
N LYS A 21 6.17 8.57 9.61
CA LYS A 21 6.94 9.61 8.93
C LYS A 21 8.21 9.04 8.31
N ASP A 22 9.29 9.80 8.37
CA ASP A 22 10.57 9.37 7.81
C ASP A 22 11.35 8.53 8.80
N ASN A 23 10.73 8.21 9.93
CA ASN A 23 11.40 7.40 10.95
C ASN A 23 11.22 5.92 10.63
N GLN A 24 12.28 5.33 10.10
CA GLN A 24 12.24 3.94 9.66
C GLN A 24 12.04 3.00 10.84
N LYS A 25 12.60 3.36 11.98
CA LYS A 25 12.45 2.56 13.19
C LYS A 25 10.98 2.38 13.54
N ALA A 26 10.22 3.48 13.50
CA ALA A 26 8.80 3.45 13.77
C ALA A 26 8.07 2.62 12.72
N CYS A 27 8.49 2.76 11.47
CA CYS A 27 7.91 2.02 10.37
C CYS A 27 8.08 0.52 10.58
N GLU A 28 9.30 0.13 10.90
CA GLU A 28 9.61 -1.29 11.13
C GLU A 28 8.80 -1.86 12.29
N ASN A 29 8.41 -1.00 13.23
CA ASN A 29 7.60 -1.43 14.37
C ASN A 29 6.19 -1.78 13.92
N LEU A 30 5.66 -1.02 12.97
CA LEU A 30 4.31 -1.25 12.46
C LEU A 30 4.36 -1.77 11.01
N LYS A 31 5.51 -2.32 10.65
CA LYS A 31 5.77 -2.85 9.32
C LYS A 31 4.74 -3.90 8.92
N GLU A 32 4.38 -4.77 9.86
CA GLU A 32 3.45 -5.87 9.58
C GLU A 32 2.05 -5.35 9.23
N LYS A 33 1.79 -4.08 9.51
CA LYS A 33 0.48 -3.49 9.22
C LYS A 33 0.36 -3.09 7.76
N GLY A 34 1.39 -3.38 6.98
CA GLY A 34 1.38 -3.07 5.57
C GLY A 34 2.16 -1.81 5.26
N CYS A 35 2.92 -1.35 6.24
CA CYS A 35 3.71 -0.14 6.10
C CYS A 35 5.15 -0.48 5.76
N VAL A 36 5.59 -0.03 4.60
CA VAL A 36 6.94 -0.27 4.13
C VAL A 36 7.67 1.05 3.91
N PHE A 37 8.80 1.20 4.55
CA PHE A 37 9.60 2.39 4.35
C PHE A 37 10.13 2.43 2.93
N ASN A 38 9.81 3.51 2.24
CA ASN A 38 10.23 3.68 0.87
C ASN A 38 11.45 4.59 0.82
N THR A 39 12.57 4.00 0.42
CA THR A 39 13.85 4.71 0.42
C THR A 39 13.91 5.76 -0.67
N GLU A 40 12.95 5.72 -1.58
CA GLU A 40 12.90 6.67 -2.69
C GLU A 40 12.43 8.03 -2.16
N SER A 41 11.23 8.07 -1.59
CA SER A 41 10.69 9.31 -1.05
C SER A 41 11.22 9.56 0.36
N ASN A 42 11.82 8.52 0.93
CA ASN A 42 12.36 8.57 2.29
C ASN A 42 11.24 8.82 3.30
N LYS A 43 10.38 7.82 3.47
CA LYS A 43 9.35 7.85 4.50
C LYS A 43 8.62 6.51 4.49
N CYS A 44 7.86 6.25 5.54
CA CYS A 44 7.09 5.02 5.63
C CYS A 44 5.78 5.16 4.87
N GLU A 45 5.60 4.34 3.84
CA GLU A 45 4.42 4.42 3.00
C GLU A 45 3.68 3.10 2.97
N LEU A 46 2.39 3.16 2.70
CA LEU A 46 1.57 1.95 2.58
C LEU A 46 2.03 1.17 1.36
N LYS A 47 2.30 -0.12 1.55
CA LYS A 47 2.86 -0.93 0.47
C LYS A 47 1.88 -1.03 -0.70
N LYS A 48 0.60 -0.78 -0.45
CA LYS A 48 -0.39 -0.76 -1.53
C LYS A 48 -0.15 0.41 -2.45
N ASP A 49 0.30 1.51 -1.88
CA ASP A 49 0.54 2.72 -2.63
C ASP A 49 1.89 2.63 -3.33
N VAL A 50 2.88 2.14 -2.60
CA VAL A 50 4.21 1.94 -3.17
C VAL A 50 4.13 1.02 -4.38
N LYS A 51 3.50 -0.13 -4.19
CA LYS A 51 3.35 -1.10 -5.25
C LYS A 51 2.48 -0.56 -6.39
N GLU A 52 1.54 0.29 -6.05
CA GLU A 52 0.66 0.85 -7.06
C GLU A 52 1.44 1.69 -8.06
N LYS A 53 2.27 2.58 -7.55
CA LYS A 53 3.05 3.47 -8.41
C LYS A 53 4.31 2.79 -8.92
N LEU A 54 4.77 1.78 -8.21
CA LEU A 54 5.96 1.04 -8.61
C LEU A 54 5.61 -0.01 -9.66
N GLU A 55 4.77 -0.98 -9.26
CA GLU A 55 4.40 -2.08 -10.13
C GLU A 55 3.42 -1.60 -11.21
N LYS A 56 2.52 -0.69 -10.82
CA LYS A 56 1.58 -0.06 -11.74
C LYS A 56 0.47 -1.00 -12.22
N GLU A 57 -0.77 -0.54 -12.07
CA GLU A 57 -1.94 -1.29 -12.47
C GLU A 57 -2.08 -1.33 -13.99
N SER A 58 -1.32 -0.47 -14.66
CA SER A 58 -1.41 -0.31 -16.10
C SER A 58 -0.75 -1.45 -16.86
N LYS A 59 -0.18 -2.40 -16.13
CA LYS A 59 0.45 -3.56 -16.76
C LYS A 59 -0.58 -4.67 -16.95
N GLU A 60 -1.12 -5.15 -15.83
CA GLU A 60 -2.05 -6.26 -15.82
C GLU A 60 -2.57 -6.44 -14.40
N THR A 61 -1.64 -6.75 -13.49
CA THR A 61 -1.89 -6.92 -12.06
C THR A 61 -2.98 -7.96 -11.78
N GLU A 62 -3.17 -8.89 -12.71
CA GLU A 62 -4.04 -10.02 -12.47
C GLU A 62 -3.28 -11.11 -11.72
N GLY A 63 -3.51 -11.16 -10.42
CA GLY A 63 -2.80 -12.09 -9.57
C GLY A 63 -2.29 -11.41 -8.31
N LYS A 64 -1.43 -10.41 -8.52
CA LYS A 64 -0.88 -9.61 -7.43
C LYS A 64 -0.02 -10.48 -6.52
N ASP A 65 1.25 -10.61 -6.88
CA ASP A 65 2.19 -11.45 -6.14
C ASP A 65 2.36 -10.92 -4.72
N GLU A 66 2.30 -9.60 -4.59
CA GLU A 66 2.38 -8.92 -3.29
C GLU A 66 3.76 -9.13 -2.65
N LYS A 67 3.89 -10.18 -1.83
CA LYS A 67 5.12 -10.44 -1.12
C LYS A 67 6.07 -11.26 -1.97
N ALA A 68 5.78 -12.54 -2.11
CA ALA A 68 6.62 -13.44 -2.86
C ALA A 68 5.80 -14.53 -3.52
N ASN A 69 5.83 -14.55 -4.85
CA ASN A 69 5.19 -15.59 -5.63
C ASN A 69 6.20 -16.14 -6.62
N THR A 70 7.08 -16.99 -6.12
CA THR A 70 8.21 -17.46 -6.88
C THR A 70 7.79 -18.43 -7.97
N THR A 71 8.04 -18.03 -9.22
CA THR A 71 7.73 -18.83 -10.40
C THR A 71 6.22 -18.95 -10.61
N GLY A 72 5.67 -18.00 -11.37
CA GLY A 72 4.25 -18.03 -11.66
C GLY A 72 3.76 -16.72 -12.24
N SER A 73 3.00 -15.98 -11.43
CA SER A 73 2.40 -14.71 -11.85
C SER A 73 1.45 -14.92 -13.03
N GLY A 1 -24.16 5.53 -1.98
CA GLY A 1 -24.68 4.75 -0.83
C GLY A 1 -23.65 4.61 0.26
N SER A 2 -23.26 3.37 0.55
CA SER A 2 -22.27 3.11 1.59
C SER A 2 -20.90 2.89 0.96
N LYS A 3 -20.27 3.97 0.54
CA LYS A 3 -18.99 3.87 -0.14
C LYS A 3 -17.85 3.90 0.88
N LYS A 4 -18.19 4.31 2.11
CA LYS A 4 -17.21 4.44 3.19
C LYS A 4 -16.26 5.59 2.89
N GLN A 5 -16.80 6.57 2.15
CA GLN A 5 -16.06 7.77 1.76
C GLN A 5 -14.96 7.45 0.77
N GLN A 6 -14.18 8.45 0.38
CA GLN A 6 -13.09 8.26 -0.57
C GLN A 6 -11.80 7.93 0.15
N THR A 7 -11.85 7.89 1.47
CA THR A 7 -10.68 7.59 2.27
C THR A 7 -10.28 6.13 2.11
N GLU A 8 -11.11 5.25 2.67
CA GLU A 8 -10.92 3.80 2.60
C GLU A 8 -9.60 3.39 3.27
N SER A 9 -9.34 2.09 3.35
CA SER A 9 -8.15 1.56 3.98
C SER A 9 -6.89 2.18 3.38
N ALA A 10 -6.98 2.53 2.10
CA ALA A 10 -5.87 3.20 1.40
C ALA A 10 -5.41 4.43 2.17
N GLU A 11 -6.36 5.29 2.53
CA GLU A 11 -6.07 6.51 3.27
C GLU A 11 -5.46 6.17 4.64
N ASN A 12 -6.15 5.31 5.39
CA ASN A 12 -5.73 4.96 6.75
C ASN A 12 -4.37 4.31 6.75
N LYS A 13 -4.20 3.30 5.91
CA LYS A 13 -2.98 2.53 5.89
C LYS A 13 -1.81 3.40 5.47
N GLU A 14 -2.06 4.25 4.47
CA GLU A 14 -1.08 5.23 4.06
C GLU A 14 -0.74 6.13 5.24
N LYS A 15 -1.78 6.59 5.93
CA LYS A 15 -1.63 7.53 7.03
C LYS A 15 -1.04 6.87 8.28
N ILE A 16 -1.12 5.55 8.35
CA ILE A 16 -0.46 4.81 9.41
C ILE A 16 1.04 4.83 9.17
N CYS A 17 1.42 4.54 7.93
CA CYS A 17 2.82 4.56 7.53
C CYS A 17 3.37 5.99 7.50
N ASN A 18 2.54 6.93 7.00
CA ASN A 18 2.95 8.32 6.89
C ASN A 18 3.10 8.98 8.24
N ALA A 19 2.34 8.51 9.22
CA ALA A 19 2.48 8.98 10.59
C ALA A 19 3.86 8.67 11.16
N ALA A 20 4.54 7.69 10.54
CA ALA A 20 5.87 7.30 10.98
C ALA A 20 6.90 8.25 10.39
N LYS A 21 6.58 8.76 9.21
CA LYS A 21 7.44 9.70 8.50
C LYS A 21 8.81 9.10 8.18
N ASP A 22 9.86 9.78 8.62
CA ASP A 22 11.22 9.36 8.33
C ASP A 22 11.68 8.30 9.33
N ASN A 23 10.96 8.21 10.44
CA ASN A 23 11.29 7.26 11.49
C ASN A 23 10.96 5.84 11.04
N GLN A 24 11.98 5.12 10.57
CA GLN A 24 11.79 3.78 10.09
C GLN A 24 11.47 2.83 11.23
N LYS A 25 12.17 2.99 12.35
CA LYS A 25 11.96 2.14 13.52
C LYS A 25 10.49 2.10 13.93
N ALA A 26 9.89 3.27 14.06
CA ALA A 26 8.48 3.37 14.41
C ALA A 26 7.63 2.62 13.40
N CYS A 27 7.98 2.80 12.14
CA CYS A 27 7.30 2.12 11.05
C CYS A 27 7.47 0.61 11.18
N GLU A 28 8.70 0.17 11.37
CA GLU A 28 9.02 -1.25 11.54
C GLU A 28 8.11 -1.91 12.58
N ASN A 29 7.70 -1.14 13.60
CA ASN A 29 6.77 -1.64 14.61
C ASN A 29 5.39 -1.89 14.00
N LEU A 30 4.82 -0.87 13.39
CA LEU A 30 3.45 -0.95 12.86
C LEU A 30 3.44 -1.41 11.40
N LYS A 31 4.58 -1.90 10.94
CA LYS A 31 4.80 -2.21 9.53
C LYS A 31 3.95 -3.39 9.07
N GLU A 32 3.54 -4.21 10.03
CA GLU A 32 2.80 -5.42 9.75
C GLU A 32 1.41 -5.10 9.18
N LYS A 33 0.99 -3.85 9.30
CA LYS A 33 -0.30 -3.42 8.76
C LYS A 33 -0.18 -3.13 7.27
N GLY A 34 1.03 -3.12 6.76
CA GLY A 34 1.24 -2.93 5.34
C GLY A 34 2.04 -1.68 5.03
N CYS A 35 3.16 -1.50 5.71
CA CYS A 35 3.99 -0.33 5.48
C CYS A 35 5.30 -0.75 4.83
N VAL A 36 5.81 0.12 3.97
CA VAL A 36 7.11 -0.10 3.37
C VAL A 36 7.87 1.21 3.32
N PHE A 37 9.06 1.24 3.91
CA PHE A 37 9.85 2.43 3.89
C PHE A 37 10.45 2.61 2.51
N ASN A 38 10.02 3.66 1.85
CA ASN A 38 10.42 3.90 0.48
C ASN A 38 11.51 4.94 0.46
N THR A 39 12.71 4.50 0.13
CA THR A 39 13.88 5.36 0.14
C THR A 39 13.79 6.42 -0.96
N GLU A 40 12.93 6.19 -1.93
CA GLU A 40 12.78 7.12 -3.05
C GLU A 40 11.99 8.35 -2.60
N SER A 41 11.24 8.22 -1.52
CA SER A 41 10.53 9.35 -0.93
C SER A 41 11.09 9.65 0.45
N ASN A 42 11.98 8.77 0.91
CA ASN A 42 12.58 8.85 2.24
C ASN A 42 11.51 8.91 3.31
N LYS A 43 10.68 7.88 3.35
CA LYS A 43 9.63 7.75 4.37
C LYS A 43 8.87 6.46 4.16
N CYS A 44 8.08 6.08 5.16
CA CYS A 44 7.27 4.88 5.04
C CYS A 44 5.96 5.17 4.32
N GLU A 45 5.74 4.47 3.22
CA GLU A 45 4.53 4.62 2.44
C GLU A 45 3.75 3.30 2.44
N LEU A 46 2.54 3.33 1.91
CA LEU A 46 1.69 2.14 1.85
C LEU A 46 2.17 1.19 0.75
N LYS A 47 2.32 -0.08 1.10
CA LYS A 47 2.84 -1.08 0.16
C LYS A 47 1.87 -1.32 -1.00
N LYS A 48 0.63 -0.89 -0.80
CA LYS A 48 -0.41 -1.10 -1.81
C LYS A 48 -0.02 -0.45 -3.11
N ASP A 49 0.44 0.79 -3.02
CA ASP A 49 0.79 1.56 -4.21
C ASP A 49 1.98 0.95 -4.92
N VAL A 50 2.94 0.47 -4.14
CA VAL A 50 4.13 -0.16 -4.68
C VAL A 50 3.76 -1.38 -5.52
N LYS A 51 2.88 -2.21 -4.99
CA LYS A 51 2.42 -3.40 -5.70
C LYS A 51 1.50 -3.02 -6.85
N GLU A 52 0.60 -2.10 -6.56
CA GLU A 52 -0.39 -1.63 -7.52
C GLU A 52 0.28 -1.09 -8.79
N LYS A 53 1.18 -0.13 -8.59
CA LYS A 53 1.87 0.53 -9.68
C LYS A 53 2.81 -0.43 -10.39
N LEU A 54 3.37 -1.36 -9.63
CA LEU A 54 4.27 -2.36 -10.18
C LEU A 54 3.52 -3.29 -11.11
N GLU A 55 2.36 -3.74 -10.68
CA GLU A 55 1.54 -4.63 -11.48
C GLU A 55 0.78 -3.86 -12.55
N LYS A 56 -0.42 -3.41 -12.23
CA LYS A 56 -1.32 -2.80 -13.21
C LYS A 56 -2.38 -1.97 -12.49
N GLU A 57 -2.91 -0.98 -13.18
CA GLU A 57 -3.93 -0.13 -12.62
C GLU A 57 -5.32 -0.64 -12.98
N SER A 58 -5.55 -0.83 -14.28
CA SER A 58 -6.84 -1.32 -14.76
C SER A 58 -6.64 -2.32 -15.90
N LYS A 59 -5.49 -2.96 -15.94
CA LYS A 59 -5.13 -3.83 -17.06
C LYS A 59 -4.98 -5.29 -16.62
N GLU A 60 -5.50 -5.61 -15.44
CA GLU A 60 -5.36 -6.96 -14.90
C GLU A 60 -6.49 -7.88 -15.38
N THR A 61 -7.71 -7.57 -14.96
CA THR A 61 -8.83 -8.44 -15.24
C THR A 61 -10.17 -7.70 -15.15
N GLU A 62 -10.24 -6.69 -14.27
CA GLU A 62 -11.49 -5.99 -14.00
C GLU A 62 -12.58 -6.96 -13.56
N GLY A 63 -12.43 -7.49 -12.36
CA GLY A 63 -13.38 -8.45 -11.85
C GLY A 63 -12.80 -9.27 -10.73
N LYS A 64 -13.64 -9.61 -9.77
CA LYS A 64 -13.20 -10.39 -8.62
C LYS A 64 -14.07 -11.63 -8.44
N ASP A 65 -15.39 -11.42 -8.45
CA ASP A 65 -16.35 -12.51 -8.28
C ASP A 65 -16.13 -13.20 -6.95
N GLU A 66 -15.84 -12.41 -5.91
CA GLU A 66 -15.61 -12.93 -4.56
C GLU A 66 -16.79 -13.78 -4.11
N LYS A 67 -17.89 -13.12 -3.76
CA LYS A 67 -19.11 -13.80 -3.38
C LYS A 67 -20.29 -12.85 -3.60
N ALA A 68 -21.18 -13.22 -4.51
CA ALA A 68 -22.34 -12.42 -4.86
C ALA A 68 -21.91 -11.16 -5.63
N ASN A 69 -20.66 -11.16 -6.04
CA ASN A 69 -20.11 -10.07 -6.83
C ASN A 69 -20.47 -10.28 -8.30
N THR A 70 -21.40 -9.46 -8.78
CA THR A 70 -21.95 -9.59 -10.13
C THR A 70 -22.37 -11.04 -10.42
N THR A 71 -23.43 -11.47 -9.76
CA THR A 71 -23.93 -12.82 -9.93
C THR A 71 -25.44 -12.81 -10.18
N GLY A 72 -25.82 -12.89 -11.45
CA GLY A 72 -27.23 -12.95 -11.80
C GLY A 72 -27.66 -14.37 -12.13
N SER A 73 -26.81 -15.07 -12.85
CA SER A 73 -27.04 -16.47 -13.18
C SER A 73 -25.69 -17.17 -13.32
N GLY A 1 -15.34 21.45 1.63
CA GLY A 1 -15.04 20.39 2.62
C GLY A 1 -14.71 19.07 1.95
N SER A 2 -15.49 18.04 2.29
CA SER A 2 -15.34 16.71 1.73
C SER A 2 -13.95 16.11 1.99
N LYS A 3 -13.78 15.55 3.17
CA LYS A 3 -12.58 14.79 3.50
C LYS A 3 -12.93 13.31 3.61
N LYS A 4 -14.11 12.97 3.11
CA LYS A 4 -14.57 11.59 3.11
C LYS A 4 -14.04 10.88 1.87
N GLN A 5 -13.29 9.82 2.07
CA GLN A 5 -12.69 9.09 0.96
C GLN A 5 -13.24 7.66 0.91
N GLN A 6 -13.57 7.22 -0.29
CA GLN A 6 -14.21 5.91 -0.48
C GLN A 6 -13.21 4.78 -0.25
N THR A 7 -11.96 5.06 -0.56
CA THR A 7 -10.90 4.08 -0.35
C THR A 7 -10.44 4.11 1.11
N GLU A 8 -11.29 3.58 1.98
CA GLU A 8 -11.05 3.58 3.42
C GLU A 8 -9.72 2.94 3.77
N SER A 9 -9.46 1.78 3.20
CA SER A 9 -8.28 1.00 3.55
C SER A 9 -7.01 1.75 3.12
N ALA A 10 -7.01 2.25 1.90
CA ALA A 10 -5.85 2.95 1.35
C ALA A 10 -5.60 4.24 2.14
N GLU A 11 -6.67 4.94 2.48
CA GLU A 11 -6.57 6.23 3.15
C GLU A 11 -5.98 6.07 4.55
N ASN A 12 -6.64 5.25 5.37
CA ASN A 12 -6.25 5.11 6.77
C ASN A 12 -4.87 4.47 6.90
N LYS A 13 -4.57 3.50 6.03
CA LYS A 13 -3.27 2.84 6.07
C LYS A 13 -2.16 3.83 5.74
N GLU A 14 -2.36 4.60 4.66
CA GLU A 14 -1.44 5.65 4.30
C GLU A 14 -1.18 6.56 5.49
N LYS A 15 -2.26 6.99 6.14
CA LYS A 15 -2.18 7.88 7.29
C LYS A 15 -1.30 7.27 8.39
N ILE A 16 -1.53 5.99 8.67
CA ILE A 16 -0.78 5.30 9.72
C ILE A 16 0.69 5.18 9.34
N CYS A 17 0.93 4.82 8.09
CA CYS A 17 2.26 4.71 7.57
C CYS A 17 2.97 6.08 7.55
N ASN A 18 2.21 7.12 7.21
CA ASN A 18 2.76 8.47 7.14
C ASN A 18 3.07 9.00 8.53
N ALA A 19 2.41 8.41 9.54
CA ALA A 19 2.66 8.79 10.93
C ALA A 19 4.07 8.41 11.38
N ALA A 20 4.70 7.50 10.64
CA ALA A 20 6.08 7.12 10.92
C ALA A 20 7.03 8.13 10.30
N LYS A 21 6.53 8.81 9.27
CA LYS A 21 7.25 9.89 8.61
C LYS A 21 8.60 9.43 8.07
N ASP A 22 9.66 9.85 8.76
CA ASP A 22 11.03 9.66 8.33
C ASP A 22 11.70 8.56 9.13
N ASN A 23 11.07 8.17 10.23
CA ASN A 23 11.66 7.19 11.13
C ASN A 23 11.35 5.77 10.65
N GLN A 24 12.32 5.17 9.97
CA GLN A 24 12.17 3.85 9.41
C GLN A 24 11.85 2.83 10.49
N LYS A 25 12.48 2.97 11.65
CA LYS A 25 12.24 2.04 12.75
C LYS A 25 10.78 2.08 13.22
N ALA A 26 10.16 3.25 13.13
CA ALA A 26 8.74 3.37 13.45
C ALA A 26 7.91 2.63 12.42
N CYS A 27 8.29 2.78 11.16
CA CYS A 27 7.65 2.07 10.07
C CYS A 27 7.78 0.57 10.28
N GLU A 28 8.98 0.15 10.68
CA GLU A 28 9.25 -1.24 10.98
C GLU A 28 8.32 -1.78 12.06
N ASN A 29 8.01 -0.94 13.04
CA ASN A 29 7.15 -1.31 14.15
C ASN A 29 5.72 -1.60 13.68
N LEU A 30 5.22 -0.77 12.77
CA LEU A 30 3.85 -0.92 12.28
C LEU A 30 3.83 -1.44 10.84
N LYS A 31 4.96 -1.98 10.40
CA LYS A 31 5.12 -2.47 9.03
C LYS A 31 4.10 -3.55 8.70
N GLU A 32 3.69 -4.28 9.73
CA GLU A 32 2.71 -5.36 9.58
C GLU A 32 1.41 -4.87 8.96
N LYS A 33 1.01 -3.64 9.32
CA LYS A 33 -0.29 -3.11 8.92
C LYS A 33 -0.30 -2.67 7.45
N GLY A 34 0.77 -2.97 6.73
CA GLY A 34 0.82 -2.69 5.32
C GLY A 34 1.76 -1.57 4.98
N CYS A 35 2.53 -1.13 5.96
CA CYS A 35 3.45 -0.04 5.78
C CYS A 35 4.79 -0.55 5.27
N VAL A 36 5.45 0.27 4.48
CA VAL A 36 6.79 -0.03 4.00
C VAL A 36 7.56 1.27 3.82
N PHE A 37 8.79 1.32 4.29
CA PHE A 37 9.59 2.52 4.20
C PHE A 37 10.36 2.54 2.89
N ASN A 38 10.22 3.63 2.16
CA ASN A 38 10.97 3.83 0.95
C ASN A 38 12.14 4.75 1.23
N THR A 39 13.34 4.19 1.23
CA THR A 39 14.53 4.96 1.53
C THR A 39 14.88 5.94 0.42
N GLU A 40 14.34 5.70 -0.77
CA GLU A 40 14.58 6.57 -1.90
C GLU A 40 13.91 7.94 -1.68
N SER A 41 12.59 7.95 -1.64
CA SER A 41 11.84 9.18 -1.38
C SER A 41 11.94 9.57 0.10
N ASN A 42 12.30 8.58 0.92
CA ASN A 42 12.46 8.74 2.36
C ASN A 42 11.13 9.04 3.04
N LYS A 43 10.32 8.00 3.18
CA LYS A 43 9.11 8.04 3.99
C LYS A 43 8.46 6.67 4.01
N CYS A 44 7.68 6.40 5.06
CA CYS A 44 6.94 5.16 5.17
C CYS A 44 5.56 5.32 4.57
N GLU A 45 5.15 4.39 3.74
CA GLU A 45 3.84 4.46 3.09
C GLU A 45 3.24 3.07 2.94
N LEU A 46 2.00 3.01 2.47
CA LEU A 46 1.30 1.75 2.25
C LEU A 46 1.88 1.02 1.04
N LYS A 47 2.08 -0.30 1.14
CA LYS A 47 2.64 -1.05 0.02
C LYS A 47 1.56 -1.39 -1.02
N LYS A 48 1.12 -0.36 -1.72
CA LYS A 48 0.10 -0.51 -2.75
C LYS A 48 0.61 -1.45 -3.83
N ASP A 49 1.92 -1.45 -4.00
CA ASP A 49 2.60 -2.24 -5.02
C ASP A 49 2.32 -3.73 -4.83
N VAL A 50 2.45 -4.19 -3.59
CA VAL A 50 2.26 -5.58 -3.26
C VAL A 50 0.79 -5.98 -3.37
N LYS A 51 -0.10 -5.16 -2.81
CA LYS A 51 -1.53 -5.48 -2.82
C LYS A 51 -2.06 -5.49 -4.25
N GLU A 52 -1.62 -4.52 -5.03
CA GLU A 52 -2.09 -4.38 -6.41
C GLU A 52 -1.70 -5.60 -7.24
N LYS A 53 -0.48 -6.10 -7.01
CA LYS A 53 0.03 -7.21 -7.80
C LYS A 53 -0.56 -8.54 -7.34
N LEU A 54 -1.04 -8.57 -6.10
CA LEU A 54 -1.60 -9.78 -5.53
C LEU A 54 -3.11 -9.85 -5.75
N GLU A 55 -3.77 -8.72 -5.57
CA GLU A 55 -5.22 -8.64 -5.70
C GLU A 55 -5.61 -8.58 -7.18
N LYS A 56 -4.78 -7.91 -7.98
CA LYS A 56 -4.96 -7.79 -9.42
C LYS A 56 -6.27 -7.09 -9.79
N GLU A 57 -7.33 -7.87 -9.97
CA GLU A 57 -8.60 -7.36 -10.46
C GLU A 57 -9.58 -7.15 -9.32
N SER A 58 -9.05 -6.83 -8.14
CA SER A 58 -9.83 -6.77 -6.91
C SER A 58 -10.69 -8.03 -6.76
N LYS A 59 -10.04 -9.15 -6.51
CA LYS A 59 -10.69 -10.45 -6.45
C LYS A 59 -11.23 -10.71 -5.04
N GLU A 60 -11.65 -9.66 -4.37
CA GLU A 60 -12.17 -9.76 -3.02
C GLU A 60 -13.67 -10.07 -3.03
N THR A 61 -14.12 -10.63 -4.14
CA THR A 61 -15.52 -11.05 -4.27
C THR A 61 -15.72 -12.39 -3.58
N GLU A 62 -14.60 -13.03 -3.23
CA GLU A 62 -14.59 -14.33 -2.57
C GLU A 62 -15.23 -15.39 -3.48
N GLY A 63 -14.45 -15.84 -4.46
CA GLY A 63 -14.92 -16.84 -5.39
C GLY A 63 -13.94 -17.98 -5.53
N LYS A 64 -14.21 -19.07 -4.82
CA LYS A 64 -13.36 -20.26 -4.87
C LYS A 64 -13.98 -21.27 -5.82
N ASP A 65 -15.11 -21.84 -5.40
CA ASP A 65 -15.96 -22.68 -6.25
C ASP A 65 -15.24 -23.93 -6.76
N GLU A 66 -14.16 -24.31 -6.10
CA GLU A 66 -13.38 -25.47 -6.52
C GLU A 66 -14.05 -26.75 -6.04
N LYS A 67 -14.33 -27.65 -6.99
CA LYS A 67 -15.07 -28.88 -6.71
C LYS A 67 -16.45 -28.54 -6.14
N ALA A 68 -16.92 -27.36 -6.51
CA ALA A 68 -18.15 -26.82 -5.96
C ALA A 68 -19.10 -26.40 -7.08
N ASN A 69 -18.70 -25.40 -7.86
CA ASN A 69 -19.52 -24.93 -8.96
C ASN A 69 -19.10 -25.61 -10.26
N THR A 70 -18.04 -25.08 -10.88
CA THR A 70 -17.49 -25.62 -12.11
C THR A 70 -18.57 -25.79 -13.19
N THR A 71 -19.03 -24.67 -13.75
CA THR A 71 -20.05 -24.63 -14.79
C THR A 71 -21.31 -25.42 -14.41
N GLY A 72 -22.29 -24.73 -13.87
CA GLY A 72 -23.53 -25.36 -13.48
C GLY A 72 -24.57 -25.30 -14.58
N SER A 73 -25.25 -24.17 -14.68
CA SER A 73 -26.28 -23.98 -15.70
C SER A 73 -25.99 -22.72 -16.51
N GLY A 1 -21.56 12.55 -5.12
CA GLY A 1 -20.60 12.26 -4.03
C GLY A 1 -19.34 13.10 -4.16
N SER A 2 -18.31 12.75 -3.42
CA SER A 2 -17.04 13.42 -3.52
C SER A 2 -15.95 12.42 -3.89
N LYS A 3 -15.10 12.80 -4.84
CA LYS A 3 -14.03 11.93 -5.29
C LYS A 3 -12.72 12.31 -4.61
N LYS A 4 -12.80 13.29 -3.71
CA LYS A 4 -11.62 13.76 -2.97
C LYS A 4 -11.18 12.73 -1.93
N GLN A 5 -11.97 11.69 -1.77
CA GLN A 5 -11.67 10.63 -0.83
C GLN A 5 -12.26 9.31 -1.34
N GLN A 6 -11.40 8.42 -1.82
CA GLN A 6 -11.87 7.18 -2.45
C GLN A 6 -12.21 6.12 -1.41
N THR A 7 -11.19 5.50 -0.84
CA THR A 7 -11.42 4.38 0.07
C THR A 7 -10.75 4.59 1.41
N GLU A 8 -11.46 4.15 2.43
CA GLU A 8 -10.97 4.13 3.80
C GLU A 8 -9.71 3.26 3.92
N SER A 9 -9.64 2.22 3.10
CA SER A 9 -8.51 1.28 3.14
C SER A 9 -7.22 2.01 2.84
N ALA A 10 -7.17 2.69 1.71
CA ALA A 10 -5.98 3.45 1.35
C ALA A 10 -5.83 4.66 2.26
N GLU A 11 -6.95 5.25 2.62
CA GLU A 11 -6.99 6.42 3.47
C GLU A 11 -6.22 6.20 4.78
N ASN A 12 -6.64 5.21 5.55
CA ASN A 12 -6.05 4.96 6.86
C ASN A 12 -4.67 4.32 6.72
N LYS A 13 -4.49 3.48 5.72
CA LYS A 13 -3.20 2.84 5.49
C LYS A 13 -2.13 3.90 5.21
N GLU A 14 -2.39 4.75 4.22
CA GLU A 14 -1.49 5.86 3.90
C GLU A 14 -1.21 6.70 5.14
N LYS A 15 -2.27 6.99 5.88
CA LYS A 15 -2.19 7.79 7.08
C LYS A 15 -1.23 7.17 8.11
N ILE A 16 -1.46 5.90 8.40
CA ILE A 16 -0.70 5.19 9.42
C ILE A 16 0.74 5.01 8.96
N CYS A 17 0.91 4.67 7.70
CA CYS A 17 2.24 4.54 7.12
C CYS A 17 2.98 5.88 7.16
N ASN A 18 2.28 6.96 6.81
CA ASN A 18 2.92 8.28 6.74
C ASN A 18 3.12 8.85 8.14
N ALA A 19 2.36 8.35 9.10
CA ALA A 19 2.49 8.80 10.50
C ALA A 19 3.83 8.34 11.09
N ALA A 20 4.46 7.37 10.43
CA ALA A 20 5.76 6.87 10.86
C ALA A 20 6.85 7.79 10.34
N LYS A 21 6.54 8.47 9.25
CA LYS A 21 7.44 9.45 8.65
C LYS A 21 8.80 8.85 8.29
N ASP A 22 9.84 9.67 8.43
CA ASP A 22 11.20 9.29 8.04
C ASP A 22 11.81 8.32 9.04
N ASN A 23 11.11 8.09 10.16
CA ASN A 23 11.59 7.18 11.18
C ASN A 23 11.34 5.75 10.76
N GLN A 24 12.40 5.07 10.31
CA GLN A 24 12.28 3.71 9.82
C GLN A 24 11.95 2.74 10.94
N LYS A 25 12.51 2.98 12.12
CA LYS A 25 12.24 2.14 13.28
C LYS A 25 10.73 2.10 13.55
N ALA A 26 10.14 3.28 13.64
CA ALA A 26 8.70 3.40 13.89
C ALA A 26 7.91 2.75 12.76
N CYS A 27 8.41 2.87 11.54
CA CYS A 27 7.80 2.23 10.38
C CYS A 27 7.78 0.72 10.56
N GLU A 28 8.94 0.18 10.91
CA GLU A 28 9.09 -1.27 11.11
C GLU A 28 8.21 -1.76 12.26
N ASN A 29 7.84 -0.86 13.16
CA ASN A 29 6.91 -1.20 14.25
C ASN A 29 5.52 -1.47 13.69
N LEU A 30 5.00 -0.54 12.91
CA LEU A 30 3.66 -0.67 12.31
C LEU A 30 3.74 -1.32 10.93
N LYS A 31 4.92 -1.85 10.62
CA LYS A 31 5.22 -2.50 9.35
C LYS A 31 4.22 -3.61 9.03
N GLU A 32 3.78 -4.30 10.08
CA GLU A 32 2.87 -5.43 9.94
C GLU A 32 1.50 -4.98 9.44
N LYS A 33 1.27 -3.67 9.41
CA LYS A 33 -0.01 -3.13 8.96
C LYS A 33 0.04 -2.75 7.49
N GLY A 34 1.04 -3.24 6.79
CA GLY A 34 1.12 -3.03 5.35
C GLY A 34 1.91 -1.80 4.98
N CYS A 35 2.76 -1.36 5.88
CA CYS A 35 3.59 -0.19 5.64
C CYS A 35 5.01 -0.60 5.33
N VAL A 36 5.57 -0.04 4.26
CA VAL A 36 6.93 -0.34 3.85
C VAL A 36 7.71 0.94 3.63
N PHE A 37 8.73 1.15 4.44
CA PHE A 37 9.56 2.32 4.32
C PHE A 37 10.19 2.40 2.93
N ASN A 38 9.91 3.48 2.23
CA ASN A 38 10.42 3.68 0.89
C ASN A 38 11.51 4.73 0.91
N THR A 39 12.74 4.30 0.65
CA THR A 39 13.88 5.18 0.73
C THR A 39 13.88 6.21 -0.41
N GLU A 40 13.02 6.00 -1.39
CA GLU A 40 12.86 6.93 -2.49
C GLU A 40 12.16 8.20 -2.01
N SER A 41 11.11 8.01 -1.23
CA SER A 41 10.40 9.14 -0.63
C SER A 41 10.99 9.46 0.74
N ASN A 42 11.85 8.55 1.21
CA ASN A 42 12.58 8.71 2.47
C ASN A 42 11.62 8.65 3.65
N LYS A 43 10.47 8.03 3.46
CA LYS A 43 9.49 7.91 4.52
C LYS A 43 8.82 6.56 4.47
N CYS A 44 8.15 6.21 5.56
CA CYS A 44 7.36 4.99 5.59
C CYS A 44 6.17 5.15 4.66
N GLU A 45 6.13 4.35 3.61
CA GLU A 45 5.11 4.49 2.58
C GLU A 45 4.21 3.27 2.60
N LEU A 46 3.02 3.38 2.02
CA LEU A 46 2.15 2.23 1.85
C LEU A 46 2.88 1.21 0.98
N LYS A 47 2.71 -0.08 1.26
CA LYS A 47 3.47 -1.14 0.58
C LYS A 47 3.52 -0.91 -0.93
N LYS A 48 4.71 -1.07 -1.48
CA LYS A 48 5.00 -0.68 -2.86
C LYS A 48 4.07 -1.39 -3.84
N ASP A 49 3.71 -2.63 -3.51
CA ASP A 49 2.87 -3.46 -4.38
C ASP A 49 1.62 -2.71 -4.87
N VAL A 50 0.76 -2.35 -3.93
CA VAL A 50 -0.48 -1.65 -4.24
C VAL A 50 -0.19 -0.21 -4.66
N LYS A 51 0.85 0.36 -4.08
CA LYS A 51 1.24 1.74 -4.35
C LYS A 51 1.57 1.93 -5.83
N GLU A 52 2.39 1.05 -6.36
CA GLU A 52 2.77 1.11 -7.77
C GLU A 52 1.55 0.88 -8.64
N LYS A 53 0.74 -0.12 -8.28
CA LYS A 53 -0.45 -0.46 -9.05
C LYS A 53 -1.46 0.69 -9.04
N LEU A 54 -1.28 1.64 -8.13
CA LEU A 54 -2.14 2.80 -8.05
C LEU A 54 -1.65 3.92 -8.97
N GLU A 55 -0.38 4.27 -8.85
CA GLU A 55 0.16 5.43 -9.55
C GLU A 55 0.70 5.10 -10.95
N LYS A 56 0.95 3.82 -11.21
CA LYS A 56 1.46 3.39 -12.51
C LYS A 56 0.34 3.44 -13.55
N GLU A 57 0.38 4.47 -14.39
CA GLU A 57 -0.62 4.64 -15.43
C GLU A 57 0.00 5.24 -16.69
N SER A 58 0.98 6.11 -16.50
CA SER A 58 1.64 6.74 -17.63
C SER A 58 2.96 6.02 -17.96
N LYS A 59 2.85 4.90 -18.67
CA LYS A 59 4.03 4.13 -19.04
C LYS A 59 4.40 4.35 -20.51
N GLU A 60 3.44 4.24 -21.41
CA GLU A 60 3.74 4.35 -22.84
C GLU A 60 3.72 5.80 -23.29
N THR A 61 4.91 6.41 -23.28
CA THR A 61 5.14 7.81 -23.69
C THR A 61 4.21 8.80 -22.95
N GLU A 62 3.56 8.32 -21.88
CA GLU A 62 2.65 9.13 -21.07
C GLU A 62 1.45 9.62 -21.88
N GLY A 63 1.19 8.98 -23.02
CA GLY A 63 0.10 9.39 -23.87
C GLY A 63 0.56 10.31 -24.97
N LYS A 64 -0.13 10.25 -26.10
CA LYS A 64 0.20 11.06 -27.28
C LYS A 64 1.53 10.61 -27.88
N ASP A 65 1.45 9.75 -28.88
CA ASP A 65 2.64 9.19 -29.50
C ASP A 65 3.16 10.13 -30.57
N GLU A 66 2.29 11.02 -31.04
CA GLU A 66 2.60 11.98 -32.10
C GLU A 66 3.05 11.25 -33.38
N LYS A 67 4.34 10.99 -33.44
CA LYS A 67 4.94 10.26 -34.54
C LYS A 67 6.34 9.82 -34.12
N ALA A 68 6.44 8.54 -33.76
CA ALA A 68 7.69 7.97 -33.24
C ALA A 68 8.05 8.60 -31.90
N ASN A 69 7.34 8.18 -30.85
CA ASN A 69 7.59 8.67 -29.50
C ASN A 69 8.16 7.56 -28.63
N THR A 70 9.45 7.67 -28.34
CA THR A 70 10.08 6.78 -27.39
C THR A 70 10.85 7.59 -26.34
N THR A 71 11.43 8.70 -26.79
CA THR A 71 12.15 9.62 -25.92
C THR A 71 13.30 8.92 -25.21
N GLY A 72 14.34 8.60 -25.98
CA GLY A 72 15.49 7.91 -25.43
C GLY A 72 16.57 8.86 -24.99
N SER A 73 16.68 9.07 -23.69
CA SER A 73 17.69 9.93 -23.13
C SER A 73 18.32 9.28 -21.90
N GLY A 1 -15.04 -4.94 -9.96
CA GLY A 1 -15.04 -5.86 -8.80
C GLY A 1 -15.91 -5.35 -7.67
N SER A 2 -17.08 -5.99 -7.50
CA SER A 2 -18.04 -5.60 -6.47
C SER A 2 -18.47 -4.14 -6.66
N LYS A 3 -19.00 -3.52 -5.61
CA LYS A 3 -19.39 -2.12 -5.68
C LYS A 3 -18.16 -1.23 -5.68
N LYS A 4 -17.05 -1.79 -5.20
CA LYS A 4 -15.74 -1.13 -5.21
C LYS A 4 -15.69 0.02 -4.21
N GLN A 5 -15.21 -0.31 -3.01
CA GLN A 5 -15.03 0.67 -1.94
C GLN A 5 -13.68 0.46 -1.28
N GLN A 6 -12.74 1.33 -1.60
CA GLN A 6 -11.36 1.22 -1.10
C GLN A 6 -11.03 2.43 -0.24
N THR A 7 -12.01 3.31 -0.10
CA THR A 7 -11.83 4.61 0.56
C THR A 7 -11.10 4.52 1.90
N GLU A 8 -11.66 3.80 2.86
CA GLU A 8 -11.08 3.75 4.19
C GLU A 8 -9.90 2.79 4.24
N SER A 9 -9.87 1.84 3.31
CA SER A 9 -8.79 0.87 3.25
C SER A 9 -7.47 1.57 2.97
N ALA A 10 -7.38 2.24 1.83
CA ALA A 10 -6.16 2.93 1.43
C ALA A 10 -5.88 4.09 2.38
N GLU A 11 -6.93 4.79 2.77
CA GLU A 11 -6.81 5.99 3.59
C GLU A 11 -6.13 5.69 4.93
N ASN A 12 -6.69 4.74 5.67
CA ASN A 12 -6.20 4.45 7.01
C ASN A 12 -4.81 3.83 6.97
N LYS A 13 -4.55 3.00 5.94
CA LYS A 13 -3.22 2.42 5.77
C LYS A 13 -2.19 3.51 5.57
N GLU A 14 -2.44 4.39 4.60
CA GLU A 14 -1.54 5.48 4.29
C GLU A 14 -1.29 6.35 5.52
N LYS A 15 -2.36 6.62 6.26
CA LYS A 15 -2.26 7.46 7.44
C LYS A 15 -1.31 6.82 8.46
N ILE A 16 -1.50 5.53 8.70
CA ILE A 16 -0.70 4.82 9.69
C ILE A 16 0.75 4.77 9.25
N CYS A 17 0.96 4.52 7.96
CA CYS A 17 2.28 4.52 7.39
C CYS A 17 2.93 5.91 7.49
N ASN A 18 2.15 6.94 7.18
CA ASN A 18 2.66 8.31 7.16
C ASN A 18 2.90 8.83 8.56
N ALA A 19 2.30 8.20 9.56
CA ALA A 19 2.50 8.56 10.96
C ALA A 19 3.92 8.23 11.42
N ALA A 20 4.63 7.43 10.62
CA ALA A 20 6.02 7.11 10.91
C ALA A 20 6.95 8.16 10.30
N LYS A 21 6.39 8.89 9.34
CA LYS A 21 7.07 10.01 8.70
C LYS A 21 8.42 9.61 8.10
N ASP A 22 9.51 10.03 8.75
CA ASP A 22 10.85 9.84 8.21
C ASP A 22 11.59 8.76 9.00
N ASN A 23 10.99 8.26 10.06
CA ASN A 23 11.64 7.28 10.92
C ASN A 23 11.35 5.86 10.45
N GLN A 24 12.35 5.25 9.84
CA GLN A 24 12.25 3.90 9.31
C GLN A 24 11.93 2.90 10.40
N LYS A 25 12.59 3.06 11.55
CA LYS A 25 12.42 2.14 12.67
C LYS A 25 10.96 2.09 13.09
N ALA A 26 10.35 3.26 13.24
CA ALA A 26 8.94 3.35 13.62
C ALA A 26 8.04 2.75 12.54
N CYS A 27 8.42 2.97 11.29
CA CYS A 27 7.68 2.43 10.16
C CYS A 27 7.65 0.92 10.20
N GLU A 28 8.83 0.33 10.32
CA GLU A 28 8.97 -1.12 10.35
C GLU A 28 8.21 -1.72 11.53
N ASN A 29 8.00 -0.93 12.58
CA ASN A 29 7.20 -1.37 13.73
C ASN A 29 5.74 -1.56 13.32
N LEU A 30 5.12 -0.48 12.83
CA LEU A 30 3.70 -0.51 12.46
C LEU A 30 3.50 -1.05 11.05
N LYS A 31 4.59 -1.54 10.48
CA LYS A 31 4.59 -2.09 9.12
C LYS A 31 3.66 -3.28 9.00
N GLU A 32 3.34 -3.88 10.15
CA GLU A 32 2.45 -5.03 10.21
C GLU A 32 1.06 -4.69 9.66
N LYS A 33 0.76 -3.40 9.62
CA LYS A 33 -0.53 -2.92 9.12
C LYS A 33 -0.49 -2.66 7.63
N GLY A 34 0.63 -3.00 6.99
CA GLY A 34 0.74 -2.87 5.55
C GLY A 34 1.47 -1.62 5.12
N CYS A 35 2.68 -1.44 5.62
CA CYS A 35 3.46 -0.27 5.28
C CYS A 35 4.82 -0.66 4.70
N VAL A 36 5.55 0.32 4.21
CA VAL A 36 6.91 0.11 3.76
C VAL A 36 7.67 1.43 3.75
N PHE A 37 8.80 1.46 4.43
CA PHE A 37 9.64 2.63 4.38
C PHE A 37 10.58 2.52 3.19
N ASN A 38 10.46 3.47 2.29
CA ASN A 38 11.31 3.50 1.10
C ASN A 38 12.42 4.50 1.33
N THR A 39 13.64 4.00 1.47
CA THR A 39 14.79 4.85 1.79
C THR A 39 15.11 5.82 0.65
N GLU A 40 14.83 5.39 -0.58
CA GLU A 40 15.01 6.25 -1.75
C GLU A 40 14.17 7.51 -1.63
N SER A 41 12.90 7.33 -1.31
CA SER A 41 11.98 8.45 -1.15
C SER A 41 12.14 9.07 0.24
N ASN A 42 12.69 8.26 1.15
CA ASN A 42 12.87 8.65 2.54
C ASN A 42 11.53 8.98 3.19
N LYS A 43 10.65 7.98 3.23
CA LYS A 43 9.37 8.12 3.90
C LYS A 43 8.69 6.76 4.02
N CYS A 44 7.83 6.62 5.02
CA CYS A 44 7.06 5.40 5.20
C CYS A 44 5.72 5.55 4.49
N GLU A 45 5.49 4.70 3.50
CA GLU A 45 4.31 4.84 2.66
C GLU A 45 3.58 3.51 2.55
N LEU A 46 2.30 3.58 2.20
CA LEU A 46 1.54 2.39 1.86
C LEU A 46 2.00 1.90 0.49
N LYS A 47 2.36 0.63 0.40
CA LYS A 47 2.86 0.09 -0.86
C LYS A 47 1.72 -0.17 -1.85
N LYS A 48 0.74 0.72 -1.85
CA LYS A 48 -0.43 0.60 -2.71
C LYS A 48 -0.04 0.62 -4.18
N ASP A 49 1.13 1.17 -4.44
CA ASP A 49 1.63 1.31 -5.80
C ASP A 49 2.34 0.04 -6.22
N VAL A 50 3.04 -0.57 -5.26
CA VAL A 50 3.64 -1.87 -5.47
C VAL A 50 2.55 -2.89 -5.77
N LYS A 51 1.47 -2.81 -5.00
CA LYS A 51 0.32 -3.68 -5.19
C LYS A 51 -0.41 -3.33 -6.48
N GLU A 52 -0.39 -2.06 -6.83
CA GLU A 52 -1.03 -1.56 -8.04
C GLU A 52 -0.37 -2.18 -9.27
N LYS A 53 0.95 -2.13 -9.30
CA LYS A 53 1.72 -2.74 -10.40
C LYS A 53 1.91 -4.23 -10.16
N LEU A 54 1.42 -4.73 -9.03
CA LEU A 54 1.44 -6.15 -8.75
C LEU A 54 0.20 -6.80 -9.34
N GLU A 55 -0.96 -6.21 -9.08
CA GLU A 55 -2.22 -6.68 -9.64
C GLU A 55 -2.27 -6.39 -11.14
N LYS A 56 -1.59 -5.30 -11.52
CA LYS A 56 -1.34 -4.99 -12.94
C LYS A 56 -2.62 -4.71 -13.72
N GLU A 57 -3.71 -4.41 -13.03
CA GLU A 57 -4.96 -4.11 -13.70
C GLU A 57 -5.01 -2.63 -14.09
N SER A 58 -4.98 -1.76 -13.09
CA SER A 58 -4.97 -0.34 -13.33
C SER A 58 -3.57 0.13 -13.68
N LYS A 59 -3.25 0.12 -14.96
CA LYS A 59 -1.92 0.53 -15.43
C LYS A 59 -2.01 1.79 -16.27
N GLU A 60 -3.19 2.03 -16.84
CA GLU A 60 -3.43 3.15 -17.76
C GLU A 60 -2.73 2.91 -19.10
N THR A 61 -1.51 2.39 -19.05
CA THR A 61 -0.80 1.94 -20.23
C THR A 61 -1.62 0.87 -20.95
N GLU A 62 -2.15 -0.04 -20.15
CA GLU A 62 -2.99 -1.10 -20.67
C GLU A 62 -4.04 -1.48 -19.62
N GLY A 63 -5.29 -1.50 -20.04
CA GLY A 63 -6.36 -1.95 -19.18
C GLY A 63 -7.10 -3.13 -19.78
N LYS A 64 -7.51 -2.96 -21.04
CA LYS A 64 -8.17 -4.00 -21.80
C LYS A 64 -8.43 -3.51 -23.21
N ASP A 65 -8.87 -4.41 -24.09
CA ASP A 65 -9.22 -4.02 -25.46
C ASP A 65 -10.36 -3.02 -25.43
N GLU A 66 -11.26 -3.22 -24.47
CA GLU A 66 -12.35 -2.28 -24.17
C GLU A 66 -13.41 -2.29 -25.28
N LYS A 67 -13.08 -1.70 -26.42
CA LYS A 67 -14.01 -1.65 -27.53
C LYS A 67 -13.26 -1.51 -28.85
N ALA A 68 -12.52 -0.43 -28.98
CA ALA A 68 -11.83 -0.13 -30.23
C ALA A 68 -10.41 0.35 -29.97
N ASN A 69 -9.45 -0.45 -30.40
CA ASN A 69 -8.05 -0.09 -30.30
C ASN A 69 -7.33 -0.50 -31.59
N THR A 70 -6.22 0.16 -31.89
CA THR A 70 -5.57 -0.02 -33.18
C THR A 70 -4.52 -1.14 -33.13
N THR A 71 -4.10 -1.50 -31.93
CA THR A 71 -3.09 -2.53 -31.74
C THR A 71 -3.75 -3.91 -31.71
N GLY A 72 -2.98 -4.94 -32.03
CA GLY A 72 -3.48 -6.30 -31.95
C GLY A 72 -3.61 -6.78 -30.52
N SER A 73 -4.63 -6.27 -29.83
CA SER A 73 -4.89 -6.66 -28.46
C SER A 73 -6.00 -7.71 -28.43
N GLY A 1 -12.10 14.03 -14.79
CA GLY A 1 -12.39 14.62 -13.46
C GLY A 1 -11.18 14.57 -12.55
N SER A 2 -11.40 14.69 -11.26
CA SER A 2 -10.33 14.65 -10.29
C SER A 2 -10.50 13.47 -9.34
N LYS A 3 -11.41 13.61 -8.39
CA LYS A 3 -11.66 12.55 -7.42
C LYS A 3 -12.73 11.59 -7.93
N LYS A 4 -12.30 10.64 -8.74
CA LYS A 4 -13.16 9.55 -9.18
C LYS A 4 -12.84 8.28 -8.40
N GLN A 5 -11.91 8.40 -7.47
CA GLN A 5 -11.47 7.28 -6.66
C GLN A 5 -11.17 7.75 -5.24
N GLN A 6 -12.18 7.70 -4.38
CA GLN A 6 -12.01 8.09 -3.00
C GLN A 6 -11.70 6.87 -2.15
N THR A 7 -10.45 6.46 -2.16
CA THR A 7 -10.04 5.26 -1.45
C THR A 7 -9.74 5.54 0.02
N GLU A 8 -10.76 5.42 0.86
CA GLU A 8 -10.60 5.67 2.28
C GLU A 8 -9.74 4.57 2.91
N SER A 9 -9.91 3.36 2.43
CA SER A 9 -9.17 2.21 2.92
C SER A 9 -7.67 2.39 2.68
N ALA A 10 -7.32 2.83 1.49
CA ALA A 10 -5.93 3.08 1.16
C ALA A 10 -5.41 4.31 1.89
N GLU A 11 -6.25 5.34 1.97
CA GLU A 11 -5.86 6.60 2.58
C GLU A 11 -5.61 6.44 4.08
N ASN A 12 -6.53 5.82 4.79
CA ASN A 12 -6.41 5.67 6.22
C ASN A 12 -5.28 4.71 6.57
N LYS A 13 -5.07 3.70 5.72
CA LYS A 13 -3.99 2.75 5.93
C LYS A 13 -2.65 3.44 5.71
N GLU A 14 -2.61 4.25 4.66
CA GLU A 14 -1.41 5.03 4.36
C GLU A 14 -1.12 6.04 5.46
N LYS A 15 -2.18 6.65 6.00
CA LYS A 15 -2.04 7.57 7.12
C LYS A 15 -1.39 6.89 8.33
N ILE A 16 -1.68 5.60 8.49
CA ILE A 16 -1.08 4.82 9.56
C ILE A 16 0.44 4.77 9.35
N CYS A 17 0.81 4.51 8.11
CA CYS A 17 2.21 4.43 7.73
C CYS A 17 2.87 5.81 7.76
N ASN A 18 2.14 6.82 7.33
CA ASN A 18 2.67 8.19 7.31
C ASN A 18 2.89 8.70 8.72
N ALA A 19 2.16 8.14 9.68
CA ALA A 19 2.33 8.49 11.09
C ALA A 19 3.64 7.92 11.64
N ALA A 20 4.36 7.19 10.80
CA ALA A 20 5.64 6.65 11.17
C ALA A 20 6.75 7.51 10.55
N LYS A 21 6.31 8.59 9.89
CA LYS A 21 7.20 9.59 9.27
C LYS A 21 8.35 8.96 8.49
N ASP A 22 9.46 9.69 8.40
CA ASP A 22 10.64 9.19 7.71
C ASP A 22 11.49 8.36 8.68
N ASN A 23 10.96 8.13 9.86
CA ASN A 23 11.65 7.33 10.86
C ASN A 23 11.42 5.85 10.57
N GLN A 24 12.48 5.15 10.15
CA GLN A 24 12.33 3.77 9.74
C GLN A 24 12.01 2.87 10.92
N LYS A 25 12.55 3.18 12.10
CA LYS A 25 12.26 2.39 13.29
C LYS A 25 10.76 2.39 13.56
N ALA A 26 10.16 3.57 13.47
CA ALA A 26 8.72 3.70 13.63
C ALA A 26 8.00 2.87 12.57
N CYS A 27 8.47 2.97 11.34
CA CYS A 27 7.90 2.21 10.24
C CYS A 27 7.98 0.72 10.53
N GLU A 28 9.13 0.29 11.07
CA GLU A 28 9.35 -1.11 11.44
C GLU A 28 8.36 -1.54 12.53
N ASN A 29 7.95 -0.59 13.37
CA ASN A 29 6.98 -0.88 14.44
C ASN A 29 5.65 -1.29 13.86
N LEU A 30 5.27 -0.65 12.76
CA LEU A 30 4.02 -0.96 12.08
C LEU A 30 4.29 -1.57 10.69
N LYS A 31 5.48 -2.11 10.52
CA LYS A 31 5.91 -2.73 9.26
C LYS A 31 4.99 -3.89 8.88
N GLU A 32 4.70 -4.75 9.84
CA GLU A 32 3.91 -5.95 9.59
C GLU A 32 2.43 -5.64 9.46
N LYS A 33 2.10 -4.35 9.56
CA LYS A 33 0.73 -3.92 9.47
C LYS A 33 0.41 -3.42 8.07
N GLY A 34 1.37 -3.58 7.16
CA GLY A 34 1.16 -3.23 5.77
C GLY A 34 2.02 -2.06 5.32
N CYS A 35 2.78 -1.51 6.24
CA CYS A 35 3.61 -0.35 5.95
C CYS A 35 5.02 -0.77 5.57
N VAL A 36 5.59 -0.08 4.58
CA VAL A 36 6.95 -0.34 4.14
C VAL A 36 7.70 0.98 4.03
N PHE A 37 9.00 0.96 4.26
CA PHE A 37 9.78 2.17 4.16
C PHE A 37 10.13 2.47 2.72
N ASN A 38 9.94 3.71 2.34
CA ASN A 38 10.22 4.16 0.98
C ASN A 38 11.59 4.84 0.95
N THR A 39 12.56 4.16 0.37
CA THR A 39 13.94 4.66 0.31
C THR A 39 14.12 5.65 -0.84
N GLU A 40 13.10 5.75 -1.68
CA GLU A 40 13.17 6.61 -2.84
C GLU A 40 12.73 8.02 -2.46
N SER A 41 11.56 8.12 -1.83
CA SER A 41 11.02 9.40 -1.40
C SER A 41 11.43 9.71 0.04
N ASN A 42 11.90 8.66 0.74
CA ASN A 42 12.35 8.77 2.13
C ASN A 42 11.19 9.07 3.07
N LYS A 43 10.47 8.01 3.44
CA LYS A 43 9.35 8.08 4.37
C LYS A 43 8.73 6.70 4.51
N CYS A 44 7.95 6.49 5.56
CA CYS A 44 7.19 5.25 5.68
C CYS A 44 5.90 5.38 4.89
N GLU A 45 5.61 4.36 4.09
CA GLU A 45 4.48 4.43 3.17
C GLU A 45 3.74 3.10 3.14
N LEU A 46 2.44 3.16 2.92
CA LEU A 46 1.67 1.95 2.71
C LEU A 46 2.03 1.34 1.37
N LYS A 47 2.45 0.08 1.37
CA LYS A 47 2.74 -0.58 0.12
C LYS A 47 1.45 -0.92 -0.61
N LYS A 48 0.94 0.09 -1.29
CA LYS A 48 -0.33 0.01 -1.99
C LYS A 48 -0.24 -0.97 -3.15
N ASP A 49 0.97 -1.35 -3.52
CA ASP A 49 1.18 -2.29 -4.61
C ASP A 49 0.73 -3.69 -4.20
N VAL A 50 1.08 -4.08 -2.98
CA VAL A 50 0.68 -5.37 -2.46
C VAL A 50 -0.82 -5.36 -2.18
N LYS A 51 -1.30 -4.26 -1.61
CA LYS A 51 -2.72 -4.08 -1.33
C LYS A 51 -3.51 -4.18 -2.63
N GLU A 52 -2.99 -3.54 -3.67
CA GLU A 52 -3.68 -3.45 -4.94
C GLU A 52 -3.81 -4.82 -5.59
N LYS A 53 -2.79 -5.65 -5.40
CA LYS A 53 -2.83 -6.99 -5.97
C LYS A 53 -3.83 -7.87 -5.25
N LEU A 54 -4.02 -7.62 -3.97
CA LEU A 54 -4.99 -8.38 -3.18
C LEU A 54 -6.40 -7.91 -3.49
N GLU A 55 -6.56 -6.60 -3.60
CA GLU A 55 -7.84 -5.97 -3.87
C GLU A 55 -8.12 -5.88 -5.37
N LYS A 56 -7.21 -6.43 -6.17
CA LYS A 56 -7.41 -6.53 -7.60
C LYS A 56 -8.61 -7.45 -7.87
N GLU A 57 -9.77 -6.83 -8.11
CA GLU A 57 -11.04 -7.55 -8.19
C GLU A 57 -11.36 -8.20 -6.85
N SER A 58 -10.62 -7.78 -5.81
CA SER A 58 -10.74 -8.32 -4.46
C SER A 58 -10.84 -9.85 -4.49
N LYS A 59 -9.75 -10.49 -4.90
CA LYS A 59 -9.76 -11.94 -5.10
C LYS A 59 -9.51 -12.69 -3.80
N GLU A 60 -8.85 -12.03 -2.85
CA GLU A 60 -8.50 -12.69 -1.60
C GLU A 60 -8.69 -11.75 -0.41
N THR A 61 -9.65 -12.05 0.45
CA THR A 61 -9.85 -11.30 1.68
C THR A 61 -9.29 -12.07 2.88
N GLU A 62 -9.07 -13.37 2.67
CA GLU A 62 -8.47 -14.26 3.69
C GLU A 62 -9.38 -14.42 4.91
N GLY A 63 -9.24 -13.49 5.83
CA GLY A 63 -9.98 -13.54 7.08
C GLY A 63 -11.44 -13.20 6.89
N LYS A 64 -12.22 -14.19 6.49
CA LYS A 64 -13.65 -14.02 6.32
C LYS A 64 -14.40 -14.67 7.46
N ASP A 65 -14.81 -13.87 8.44
CA ASP A 65 -15.50 -14.39 9.60
C ASP A 65 -16.97 -14.60 9.29
N GLU A 66 -17.26 -15.54 8.41
CA GLU A 66 -18.63 -15.89 8.12
C GLU A 66 -19.13 -16.82 9.21
N LYS A 67 -18.65 -18.06 9.18
CA LYS A 67 -18.89 -19.00 10.26
C LYS A 67 -17.64 -19.84 10.51
N ALA A 68 -16.68 -19.74 9.60
CA ALA A 68 -15.50 -20.60 9.62
C ALA A 68 -14.46 -20.10 10.61
N ASN A 69 -14.86 -19.19 11.48
CA ASN A 69 -13.93 -18.61 12.45
C ASN A 69 -13.84 -19.47 13.70
N THR A 70 -14.76 -20.41 13.85
CA THR A 70 -14.76 -21.29 15.02
C THR A 70 -15.14 -22.72 14.64
N THR A 71 -15.02 -23.06 13.37
CA THR A 71 -15.39 -24.39 12.90
C THR A 71 -14.23 -25.38 13.02
N GLY A 72 -13.01 -24.86 12.97
CA GLY A 72 -11.83 -25.69 13.03
C GLY A 72 -11.65 -26.35 14.39
N SER A 73 -12.00 -25.63 15.44
CA SER A 73 -11.91 -26.15 16.79
C SER A 73 -13.09 -27.06 17.09
N GLY A 1 -14.67 4.54 -11.71
CA GLY A 1 -13.41 3.97 -11.17
C GLY A 1 -13.02 2.69 -11.88
N SER A 2 -11.73 2.39 -11.87
CA SER A 2 -11.21 1.24 -12.58
C SER A 2 -11.23 0.00 -11.70
N LYS A 3 -12.43 -0.34 -11.20
CA LYS A 3 -12.66 -1.57 -10.43
C LYS A 3 -11.78 -1.64 -9.18
N LYS A 4 -11.41 -0.49 -8.64
CA LYS A 4 -10.57 -0.44 -7.46
C LYS A 4 -11.42 -0.58 -6.20
N GLN A 5 -11.25 -1.71 -5.52
CA GLN A 5 -12.02 -2.00 -4.30
C GLN A 5 -11.29 -1.50 -3.05
N GLN A 6 -10.44 -0.51 -3.23
CA GLN A 6 -9.63 0.01 -2.15
C GLN A 6 -9.63 1.54 -2.16
N THR A 7 -10.41 2.12 -1.25
CA THR A 7 -10.48 3.56 -1.14
C THR A 7 -10.04 4.03 0.25
N GLU A 8 -10.92 3.85 1.22
CA GLU A 8 -10.64 4.23 2.61
C GLU A 8 -9.53 3.37 3.16
N SER A 9 -9.49 2.11 2.74
CA SER A 9 -8.46 1.17 3.15
C SER A 9 -7.08 1.76 2.91
N ALA A 10 -6.87 2.24 1.70
CA ALA A 10 -5.60 2.85 1.34
C ALA A 10 -5.40 4.15 2.11
N GLU A 11 -6.46 4.94 2.17
CA GLU A 11 -6.40 6.28 2.74
C GLU A 11 -5.96 6.25 4.21
N ASN A 12 -6.64 5.46 5.02
CA ASN A 12 -6.39 5.48 6.47
C ASN A 12 -5.16 4.67 6.83
N LYS A 13 -4.88 3.61 6.06
CA LYS A 13 -3.67 2.83 6.30
C LYS A 13 -2.45 3.66 5.94
N GLU A 14 -2.58 4.44 4.87
CA GLU A 14 -1.58 5.38 4.44
C GLU A 14 -1.29 6.37 5.58
N LYS A 15 -2.36 6.82 6.23
CA LYS A 15 -2.25 7.74 7.34
C LYS A 15 -1.44 7.14 8.49
N ILE A 16 -1.58 5.83 8.69
CA ILE A 16 -0.84 5.13 9.72
C ILE A 16 0.64 5.16 9.39
N CYS A 17 0.96 4.89 8.13
CA CYS A 17 2.33 4.94 7.66
C CYS A 17 2.86 6.37 7.70
N ASN A 18 2.01 7.33 7.37
CA ASN A 18 2.38 8.74 7.40
C ASN A 18 2.65 9.20 8.82
N ALA A 19 2.04 8.53 9.79
CA ALA A 19 2.28 8.83 11.20
C ALA A 19 3.69 8.43 11.61
N ALA A 20 4.32 7.58 10.83
CA ALA A 20 5.69 7.15 11.09
C ALA A 20 6.67 8.08 10.39
N LYS A 21 6.20 8.71 9.32
CA LYS A 21 6.98 9.69 8.57
C LYS A 21 8.29 9.09 8.05
N ASP A 22 9.38 9.81 8.26
CA ASP A 22 10.70 9.42 7.74
C ASP A 22 11.43 8.55 8.76
N ASN A 23 10.72 8.08 9.78
CA ASN A 23 11.33 7.25 10.81
C ASN A 23 11.15 5.77 10.48
N GLN A 24 12.23 5.14 10.05
CA GLN A 24 12.19 3.75 9.62
C GLN A 24 11.90 2.82 10.79
N LYS A 25 12.47 3.13 11.95
CA LYS A 25 12.23 2.33 13.15
C LYS A 25 10.74 2.21 13.43
N ALA A 26 10.02 3.33 13.39
CA ALA A 26 8.58 3.31 13.58
C ALA A 26 7.90 2.50 12.50
N CYS A 27 8.36 2.66 11.27
CA CYS A 27 7.83 1.92 10.13
C CYS A 27 8.02 0.42 10.33
N GLU A 28 9.23 0.05 10.75
CA GLU A 28 9.54 -1.35 11.04
C GLU A 28 8.59 -1.92 12.10
N ASN A 29 8.20 -1.08 13.05
CA ASN A 29 7.30 -1.50 14.12
C ASN A 29 5.90 -1.74 13.61
N LEU A 30 5.45 -0.91 12.68
CA LEU A 30 4.10 -1.04 12.13
C LEU A 30 4.13 -1.63 10.71
N LYS A 31 5.23 -2.29 10.39
CA LYS A 31 5.38 -3.03 9.13
C LYS A 31 4.21 -3.99 8.93
N GLU A 32 3.77 -4.61 10.03
CA GLU A 32 2.66 -5.56 9.99
C GLU A 32 1.36 -4.90 9.53
N LYS A 33 1.31 -3.58 9.60
CA LYS A 33 0.11 -2.84 9.24
C LYS A 33 0.11 -2.47 7.76
N GLY A 34 1.10 -2.98 7.03
CA GLY A 34 1.15 -2.79 5.59
C GLY A 34 1.99 -1.59 5.18
N CYS A 35 2.78 -1.07 6.11
CA CYS A 35 3.60 0.08 5.83
C CYS A 35 4.98 -0.35 5.35
N VAL A 36 5.44 0.27 4.26
CA VAL A 36 6.76 -0.02 3.70
C VAL A 36 7.59 1.26 3.64
N PHE A 37 8.85 1.16 4.05
CA PHE A 37 9.75 2.29 3.99
C PHE A 37 10.49 2.30 2.65
N ASN A 38 10.42 3.42 1.96
CA ASN A 38 11.12 3.56 0.69
C ASN A 38 12.32 4.47 0.86
N THR A 39 13.46 4.05 0.34
CA THR A 39 14.69 4.82 0.46
C THR A 39 14.65 6.05 -0.44
N GLU A 40 13.92 5.97 -1.55
CA GLU A 40 13.79 7.09 -2.46
C GLU A 40 12.83 8.13 -1.88
N SER A 41 11.66 7.67 -1.45
CA SER A 41 10.71 8.52 -0.75
C SER A 41 11.31 9.03 0.57
N ASN A 42 12.21 8.21 1.13
CA ASN A 42 12.92 8.54 2.38
C ASN A 42 11.96 8.47 3.57
N LYS A 43 10.78 7.96 3.32
CA LYS A 43 9.74 7.90 4.34
C LYS A 43 8.99 6.58 4.28
N CYS A 44 8.17 6.35 5.29
CA CYS A 44 7.34 5.16 5.34
C CYS A 44 5.97 5.46 4.75
N GLU A 45 5.57 4.69 3.76
CA GLU A 45 4.27 4.85 3.14
C GLU A 45 3.59 3.50 3.02
N LEU A 46 2.30 3.51 2.73
CA LEU A 46 1.55 2.27 2.60
C LEU A 46 2.07 1.46 1.43
N LYS A 47 1.87 0.14 1.48
CA LYS A 47 2.27 -0.74 0.39
C LYS A 47 1.36 -0.58 -0.83
N LYS A 48 0.76 0.61 -0.93
CA LYS A 48 -0.05 0.98 -2.08
C LYS A 48 0.77 0.90 -3.36
N ASP A 49 2.06 1.15 -3.21
CA ASP A 49 3.00 1.12 -4.33
C ASP A 49 3.42 -0.32 -4.60
N VAL A 50 3.42 -1.13 -3.56
CA VAL A 50 3.67 -2.55 -3.70
C VAL A 50 2.51 -3.18 -4.47
N LYS A 51 1.29 -2.84 -4.07
CA LYS A 51 0.11 -3.28 -4.79
C LYS A 51 0.11 -2.70 -6.20
N GLU A 52 0.56 -1.48 -6.33
CA GLU A 52 0.62 -0.81 -7.63
C GLU A 52 1.54 -1.60 -8.58
N LYS A 53 2.60 -2.16 -8.02
CA LYS A 53 3.57 -2.92 -8.82
C LYS A 53 3.21 -4.41 -8.86
N LEU A 54 2.21 -4.79 -8.07
CA LEU A 54 1.76 -6.17 -8.00
C LEU A 54 0.50 -6.35 -8.86
N GLU A 55 -0.41 -5.41 -8.72
CA GLU A 55 -1.67 -5.40 -9.44
C GLU A 55 -1.46 -4.87 -10.85
N LYS A 56 -0.74 -3.73 -10.94
CA LYS A 56 -0.34 -3.13 -12.22
C LYS A 56 -1.51 -2.87 -13.17
N GLU A 57 -1.86 -3.86 -13.96
CA GLU A 57 -2.89 -3.72 -14.98
C GLU A 57 -4.11 -4.55 -14.60
N SER A 58 -3.91 -5.86 -14.54
CA SER A 58 -4.95 -6.77 -14.10
C SER A 58 -4.45 -7.58 -12.91
N LYS A 59 -3.89 -8.76 -13.19
CA LYS A 59 -3.24 -9.62 -12.19
C LYS A 59 -4.23 -10.20 -11.18
N GLU A 60 -5.07 -9.36 -10.62
CA GLU A 60 -6.02 -9.77 -9.59
C GLU A 60 -7.06 -10.72 -10.18
N THR A 61 -7.43 -10.51 -11.43
CA THR A 61 -8.42 -11.32 -12.09
C THR A 61 -7.81 -12.60 -12.68
N GLU A 62 -6.49 -12.76 -12.54
CA GLU A 62 -5.79 -13.89 -13.11
C GLU A 62 -4.83 -14.51 -12.10
N GLY A 63 -5.31 -15.53 -11.40
CA GLY A 63 -4.51 -16.20 -10.41
C GLY A 63 -5.28 -17.33 -9.76
N LYS A 64 -4.86 -17.75 -8.59
CA LYS A 64 -5.51 -18.83 -7.88
C LYS A 64 -6.06 -18.35 -6.54
N ASP A 65 -7.37 -18.21 -6.48
CA ASP A 65 -8.05 -17.78 -5.26
C ASP A 65 -8.06 -18.93 -4.25
N GLU A 66 -7.84 -20.13 -4.74
CA GLU A 66 -7.83 -21.33 -3.89
C GLU A 66 -6.71 -21.28 -2.87
N LYS A 67 -5.49 -21.03 -3.33
CA LYS A 67 -4.33 -21.01 -2.46
C LYS A 67 -4.13 -19.63 -1.83
N ALA A 68 -4.62 -18.59 -2.49
CA ALA A 68 -4.48 -17.24 -1.99
C ALA A 68 -5.60 -16.88 -1.03
N ASN A 69 -6.78 -16.62 -1.57
CA ASN A 69 -7.94 -16.23 -0.77
C ASN A 69 -8.39 -17.38 0.12
N THR A 70 -8.06 -18.60 -0.30
CA THR A 70 -8.34 -19.81 0.45
C THR A 70 -9.82 -20.21 0.33
N THR A 71 -10.08 -21.22 -0.48
CA THR A 71 -11.44 -21.70 -0.70
C THR A 71 -11.98 -22.37 0.56
N GLY A 72 -12.89 -21.68 1.22
CA GLY A 72 -13.46 -22.20 2.45
C GLY A 72 -13.99 -21.07 3.31
N SER A 73 -13.29 -19.96 3.31
CA SER A 73 -13.73 -18.77 4.01
C SER A 73 -13.43 -17.55 3.13
N GLY A 1 -15.52 17.71 18.63
CA GLY A 1 -15.09 16.38 18.11
C GLY A 1 -13.60 16.30 17.90
N SER A 2 -13.15 15.21 17.32
CA SER A 2 -11.73 14.98 17.10
C SER A 2 -11.23 15.71 15.86
N LYS A 3 -12.13 15.91 14.89
CA LYS A 3 -11.78 16.55 13.61
C LYS A 3 -10.72 15.75 12.85
N LYS A 4 -10.82 14.43 12.94
CA LYS A 4 -9.91 13.56 12.22
C LYS A 4 -10.68 12.40 11.61
N GLN A 5 -10.61 12.30 10.29
CA GLN A 5 -11.29 11.22 9.56
C GLN A 5 -10.32 10.61 8.56
N GLN A 6 -10.77 9.60 7.83
CA GLN A 6 -9.95 8.97 6.81
C GLN A 6 -10.81 8.46 5.65
N THR A 7 -10.22 8.39 4.48
CA THR A 7 -10.93 7.94 3.29
C THR A 7 -10.66 6.46 3.02
N GLU A 8 -11.39 5.60 3.71
CA GLU A 8 -11.37 4.16 3.47
C GLU A 8 -9.99 3.56 3.85
N SER A 9 -9.90 2.24 3.80
CA SER A 9 -8.65 1.53 4.07
C SER A 9 -7.46 2.16 3.36
N ALA A 10 -7.60 2.43 2.06
CA ALA A 10 -6.51 2.97 1.25
C ALA A 10 -5.84 4.19 1.89
N GLU A 11 -6.63 5.16 2.30
CA GLU A 11 -6.07 6.42 2.78
C GLU A 11 -5.46 6.23 4.16
N ASN A 12 -6.24 5.68 5.08
CA ASN A 12 -5.78 5.56 6.46
C ASN A 12 -4.63 4.57 6.56
N LYS A 13 -4.54 3.63 5.62
CA LYS A 13 -3.45 2.67 5.63
C LYS A 13 -2.16 3.39 5.36
N GLU A 14 -2.16 4.17 4.30
CA GLU A 14 -1.02 4.99 3.95
C GLU A 14 -0.78 6.03 5.04
N LYS A 15 -1.87 6.53 5.60
CA LYS A 15 -1.83 7.51 6.70
C LYS A 15 -1.14 6.91 7.92
N ILE A 16 -1.39 5.63 8.17
CA ILE A 16 -0.79 4.93 9.30
C ILE A 16 0.71 4.80 9.09
N CYS A 17 1.09 4.48 7.87
CA CYS A 17 2.48 4.44 7.49
C CYS A 17 3.09 5.84 7.58
N ASN A 18 2.31 6.83 7.16
CA ASN A 18 2.75 8.23 7.19
C ASN A 18 2.78 8.76 8.62
N ALA A 19 2.13 8.04 9.53
CA ALA A 19 2.18 8.39 10.95
C ALA A 19 3.55 8.06 11.53
N ALA A 20 4.28 7.17 10.85
CA ALA A 20 5.64 6.84 11.24
C ALA A 20 6.59 7.83 10.62
N LYS A 21 6.08 8.55 9.61
CA LYS A 21 6.80 9.62 8.96
C LYS A 21 8.12 9.13 8.35
N ASP A 22 9.21 9.82 8.67
CA ASP A 22 10.50 9.49 8.08
C ASP A 22 11.34 8.63 9.03
N ASN A 23 10.69 8.06 10.03
CA ASN A 23 11.35 7.15 10.96
C ASN A 23 11.25 5.72 10.47
N GLN A 24 12.39 5.18 10.03
CA GLN A 24 12.45 3.84 9.46
C GLN A 24 12.06 2.78 10.48
N LYS A 25 12.61 2.90 11.68
CA LYS A 25 12.39 1.90 12.72
C LYS A 25 10.94 1.93 13.20
N ALA A 26 10.37 3.13 13.27
CA ALA A 26 8.98 3.29 13.65
C ALA A 26 8.07 2.66 12.61
N CYS A 27 8.50 2.75 11.35
CA CYS A 27 7.77 2.14 10.25
C CYS A 27 7.71 0.63 10.43
N GLU A 28 8.85 0.05 10.77
CA GLU A 28 8.95 -1.39 10.97
C GLU A 28 8.06 -1.84 12.14
N ASN A 29 7.82 -0.95 13.08
CA ASN A 29 6.94 -1.24 14.21
C ASN A 29 5.51 -1.42 13.73
N LEU A 30 5.05 -0.52 12.87
CA LEU A 30 3.67 -0.56 12.39
C LEU A 30 3.59 -1.15 10.97
N LYS A 31 4.66 -1.82 10.55
CA LYS A 31 4.71 -2.48 9.24
C LYS A 31 3.59 -3.51 9.08
N GLU A 32 3.00 -3.90 10.20
CA GLU A 32 1.89 -4.85 10.23
C GLU A 32 0.72 -4.37 9.35
N LYS A 33 0.64 -3.07 9.11
CA LYS A 33 -0.44 -2.51 8.29
C LYS A 33 -0.03 -2.46 6.82
N GLY A 34 1.16 -2.96 6.52
CA GLY A 34 1.66 -2.96 5.15
C GLY A 34 2.62 -1.83 4.90
N CYS A 35 3.24 -1.36 5.98
CA CYS A 35 4.04 -0.16 5.92
C CYS A 35 5.52 -0.49 5.78
N VAL A 36 6.11 -0.04 4.70
CA VAL A 36 7.53 -0.23 4.48
C VAL A 36 8.18 1.10 4.20
N PHE A 37 9.39 1.29 4.69
CA PHE A 37 10.09 2.53 4.47
C PHE A 37 10.46 2.64 3.00
N ASN A 38 10.02 3.72 2.39
CA ASN A 38 10.24 3.93 0.98
C ASN A 38 11.43 4.86 0.79
N THR A 39 12.59 4.26 0.54
CA THR A 39 13.84 4.99 0.40
C THR A 39 13.79 5.98 -0.76
N GLU A 40 12.91 5.70 -1.72
CA GLU A 40 12.69 6.56 -2.87
C GLU A 40 12.33 7.98 -2.43
N SER A 41 11.46 8.09 -1.43
CA SER A 41 11.00 9.38 -0.96
C SER A 41 11.50 9.65 0.47
N ASN A 42 12.12 8.64 1.06
CA ASN A 42 12.62 8.70 2.43
C ASN A 42 11.49 8.95 3.41
N LYS A 43 10.51 8.04 3.40
CA LYS A 43 9.42 8.08 4.37
C LYS A 43 8.70 6.73 4.39
N CYS A 44 7.98 6.46 5.46
CA CYS A 44 7.26 5.19 5.59
C CYS A 44 5.96 5.25 4.80
N GLU A 45 5.75 4.26 3.93
CA GLU A 45 4.56 4.23 3.08
C GLU A 45 3.99 2.82 2.97
N LEU A 46 2.72 2.74 2.60
CA LEU A 46 2.08 1.46 2.33
C LEU A 46 2.58 0.91 1.01
N LYS A 47 3.73 0.27 1.06
CA LYS A 47 4.41 -0.13 -0.16
C LYS A 47 4.79 -1.58 -0.18
N LYS A 48 4.94 -2.19 0.99
CA LYS A 48 5.34 -3.57 1.05
C LYS A 48 4.36 -4.43 0.27
N ASP A 49 3.13 -3.96 0.24
CA ASP A 49 2.03 -4.76 -0.30
C ASP A 49 1.84 -4.50 -1.78
N VAL A 50 1.79 -3.22 -2.13
CA VAL A 50 1.63 -2.83 -3.53
C VAL A 50 2.87 -3.22 -4.33
N LYS A 51 4.04 -3.07 -3.71
CA LYS A 51 5.29 -3.36 -4.38
C LYS A 51 5.43 -4.84 -4.67
N GLU A 52 5.16 -5.68 -3.67
CA GLU A 52 5.30 -7.13 -3.85
C GLU A 52 4.35 -7.64 -4.92
N LYS A 53 3.17 -7.05 -4.99
CA LYS A 53 2.16 -7.44 -5.98
C LYS A 53 2.69 -7.19 -7.39
N LEU A 54 3.31 -6.03 -7.57
CA LEU A 54 3.87 -5.64 -8.86
C LEU A 54 5.23 -6.33 -9.08
N GLU A 55 5.88 -6.65 -7.97
CA GLU A 55 7.14 -7.38 -7.99
C GLU A 55 6.88 -8.86 -8.31
N LYS A 56 5.60 -9.19 -8.34
CA LYS A 56 5.11 -10.51 -8.75
C LYS A 56 5.36 -11.55 -7.68
N GLU A 57 5.04 -11.19 -6.45
CA GLU A 57 4.93 -12.15 -5.36
C GLU A 57 3.52 -12.70 -5.41
N SER A 58 3.21 -13.27 -6.56
CA SER A 58 1.91 -13.85 -6.85
C SER A 58 1.45 -14.79 -5.74
N LYS A 59 0.56 -14.29 -4.92
CA LYS A 59 -0.02 -15.07 -3.83
C LYS A 59 -1.45 -15.44 -4.19
N GLU A 60 -1.98 -14.76 -5.20
CA GLU A 60 -3.31 -15.02 -5.69
C GLU A 60 -3.22 -15.45 -7.15
N THR A 61 -3.42 -16.73 -7.39
CA THR A 61 -3.36 -17.29 -8.74
C THR A 61 -4.45 -16.68 -9.62
N GLU A 62 -5.62 -16.48 -9.02
CA GLU A 62 -6.78 -15.92 -9.71
C GLU A 62 -7.13 -16.77 -10.93
N GLY A 63 -7.78 -17.89 -10.66
CA GLY A 63 -8.16 -18.83 -11.70
C GLY A 63 -8.75 -20.09 -11.12
N LYS A 64 -8.16 -21.23 -11.47
CA LYS A 64 -8.58 -22.53 -10.94
C LYS A 64 -10.03 -22.84 -11.34
N ASP A 65 -10.49 -22.17 -12.38
CA ASP A 65 -11.90 -22.21 -12.77
C ASP A 65 -12.19 -23.34 -13.76
N GLU A 66 -12.70 -24.44 -13.24
CA GLU A 66 -13.18 -25.54 -14.07
C GLU A 66 -14.21 -26.34 -13.30
N LYS A 67 -13.85 -26.66 -12.05
CA LYS A 67 -14.74 -27.38 -11.13
C LYS A 67 -16.16 -26.82 -11.18
N ALA A 68 -16.29 -25.52 -10.99
CA ALA A 68 -17.59 -24.87 -11.08
C ALA A 68 -17.47 -23.52 -11.79
N ASN A 69 -17.36 -23.57 -13.11
CA ASN A 69 -17.32 -22.36 -13.94
C ASN A 69 -17.67 -22.71 -15.37
N THR A 70 -16.92 -23.63 -15.96
CA THR A 70 -17.21 -24.13 -17.29
C THR A 70 -18.43 -25.05 -17.22
N THR A 71 -18.32 -26.08 -16.39
CA THR A 71 -19.43 -26.95 -16.09
C THR A 71 -19.90 -26.68 -14.67
N GLY A 72 -21.20 -26.72 -14.44
CA GLY A 72 -21.75 -26.40 -13.14
C GLY A 72 -21.98 -27.64 -12.29
N SER A 73 -22.19 -28.76 -12.96
CA SER A 73 -22.45 -30.04 -12.30
C SER A 73 -23.79 -30.00 -11.56
N GLY A 1 -12.62 8.37 -13.77
CA GLY A 1 -11.48 9.26 -13.44
C GLY A 1 -11.34 9.46 -11.94
N SER A 2 -11.25 8.36 -11.21
CA SER A 2 -11.16 8.42 -9.77
C SER A 2 -10.07 7.51 -9.23
N LYS A 3 -9.16 8.09 -8.47
CA LYS A 3 -8.12 7.31 -7.79
C LYS A 3 -8.38 7.29 -6.30
N LYS A 4 -9.19 8.23 -5.83
CA LYS A 4 -9.64 8.22 -4.45
C LYS A 4 -10.65 7.11 -4.25
N GLN A 5 -10.18 6.01 -3.67
CA GLN A 5 -11.01 4.83 -3.47
C GLN A 5 -12.13 5.11 -2.48
N GLN A 6 -11.91 6.10 -1.61
CA GLN A 6 -12.86 6.45 -0.56
C GLN A 6 -13.04 5.26 0.38
N THR A 7 -12.00 4.43 0.42
CA THR A 7 -11.98 3.23 1.22
C THR A 7 -11.22 3.50 2.52
N GLU A 8 -11.90 3.31 3.64
CA GLU A 8 -11.34 3.64 4.95
C GLU A 8 -10.03 2.89 5.19
N SER A 9 -10.02 1.59 4.91
CA SER A 9 -8.86 0.76 5.16
C SER A 9 -7.66 1.24 4.34
N ALA A 10 -7.88 1.56 3.07
CA ALA A 10 -6.81 1.98 2.20
C ALA A 10 -6.26 3.36 2.60
N GLU A 11 -7.16 4.27 2.90
CA GLU A 11 -6.76 5.65 3.15
C GLU A 11 -6.25 5.85 4.58
N ASN A 12 -6.77 5.09 5.53
CA ASN A 12 -6.29 5.18 6.91
C ASN A 12 -4.94 4.49 7.01
N LYS A 13 -4.69 3.54 6.11
CA LYS A 13 -3.40 2.87 6.05
C LYS A 13 -2.34 3.88 5.67
N GLU A 14 -2.64 4.64 4.63
CA GLU A 14 -1.77 5.73 4.20
C GLU A 14 -1.46 6.65 5.37
N LYS A 15 -2.51 7.05 6.08
CA LYS A 15 -2.39 7.95 7.23
C LYS A 15 -1.46 7.36 8.28
N ILE A 16 -1.61 6.07 8.55
CA ILE A 16 -0.79 5.39 9.54
C ILE A 16 0.66 5.31 9.05
N CYS A 17 0.82 4.93 7.80
CA CYS A 17 2.14 4.83 7.20
C CYS A 17 2.83 6.19 7.15
N ASN A 18 2.07 7.24 6.90
CA ASN A 18 2.65 8.57 6.81
C ASN A 18 2.88 9.14 8.19
N ALA A 19 2.13 8.68 9.17
CA ALA A 19 2.33 9.07 10.56
C ALA A 19 3.59 8.42 11.14
N ALA A 20 4.17 7.49 10.38
CA ALA A 20 5.41 6.84 10.77
C ALA A 20 6.59 7.68 10.32
N LYS A 21 6.33 8.54 9.32
CA LYS A 21 7.32 9.52 8.86
C LYS A 21 8.57 8.82 8.30
N ASP A 22 9.69 9.51 8.39
CA ASP A 22 10.97 8.96 7.97
C ASP A 22 11.64 8.23 9.13
N ASN A 23 10.86 8.05 10.20
CA ASN A 23 11.33 7.33 11.37
C ASN A 23 11.13 5.83 11.13
N GLN A 24 12.19 5.16 10.71
CA GLN A 24 12.11 3.75 10.35
C GLN A 24 11.58 2.90 11.48
N LYS A 25 12.01 3.19 12.70
CA LYS A 25 11.54 2.46 13.89
C LYS A 25 10.01 2.39 13.92
N ALA A 26 9.37 3.54 13.73
CA ALA A 26 7.92 3.61 13.73
C ALA A 26 7.34 2.80 12.56
N CYS A 27 8.01 2.90 11.42
CA CYS A 27 7.59 2.18 10.23
C CYS A 27 7.69 0.67 10.45
N GLU A 28 8.77 0.25 11.07
CA GLU A 28 8.99 -1.16 11.39
C GLU A 28 7.86 -1.70 12.28
N ASN A 29 7.34 -0.85 13.14
CA ASN A 29 6.23 -1.22 14.02
C ASN A 29 4.93 -1.38 13.23
N LEU A 30 4.77 -0.56 12.19
CA LEU A 30 3.56 -0.54 11.39
C LEU A 30 3.79 -1.26 10.05
N LYS A 31 4.93 -1.94 9.97
CA LYS A 31 5.40 -2.60 8.76
C LYS A 31 4.32 -3.50 8.14
N GLU A 32 3.78 -4.41 8.94
CA GLU A 32 2.85 -5.41 8.43
C GLU A 32 1.43 -4.85 8.28
N LYS A 33 1.30 -3.53 8.41
CA LYS A 33 0.03 -2.87 8.12
C LYS A 33 0.03 -2.41 6.68
N GLY A 34 1.17 -2.58 6.00
CA GLY A 34 1.30 -2.15 4.63
C GLY A 34 2.33 -1.04 4.51
N CYS A 35 2.80 -0.58 5.65
CA CYS A 35 3.75 0.50 5.72
C CYS A 35 5.15 -0.02 5.49
N VAL A 36 5.74 0.35 4.37
CA VAL A 36 7.08 -0.08 4.04
C VAL A 36 7.96 1.14 3.82
N PHE A 37 9.15 1.11 4.39
CA PHE A 37 10.07 2.21 4.27
C PHE A 37 10.67 2.24 2.87
N ASN A 38 10.50 3.36 2.20
CA ASN A 38 11.01 3.51 0.84
C ASN A 38 12.25 4.38 0.87
N THR A 39 13.38 3.78 0.56
CA THR A 39 14.67 4.45 0.61
C THR A 39 14.80 5.49 -0.50
N GLU A 40 14.01 5.32 -1.56
CA GLU A 40 14.10 6.19 -2.72
C GLU A 40 13.60 7.59 -2.40
N SER A 41 12.56 7.67 -1.57
CA SER A 41 11.99 8.95 -1.18
C SER A 41 12.27 9.24 0.30
N ASN A 42 12.98 8.31 0.94
CA ASN A 42 13.35 8.42 2.35
C ASN A 42 12.13 8.73 3.22
N LYS A 43 11.27 7.73 3.40
CA LYS A 43 10.06 7.87 4.20
C LYS A 43 9.38 6.52 4.33
N CYS A 44 8.45 6.41 5.27
CA CYS A 44 7.60 5.23 5.34
C CYS A 44 6.34 5.47 4.50
N GLU A 45 6.01 4.53 3.65
CA GLU A 45 4.88 4.70 2.73
C GLU A 45 4.07 3.43 2.64
N LEU A 46 2.77 3.57 2.38
CA LEU A 46 1.91 2.43 2.13
C LEU A 46 2.22 1.87 0.74
N LYS A 47 3.21 0.97 0.68
CA LYS A 47 3.67 0.49 -0.61
C LYS A 47 3.74 -1.04 -0.63
N LYS A 48 3.56 -1.65 0.53
CA LYS A 48 3.56 -3.11 0.62
C LYS A 48 2.46 -3.69 -0.26
N ASP A 49 1.36 -2.96 -0.32
CA ASP A 49 0.19 -3.41 -1.07
C ASP A 49 0.39 -3.12 -2.55
N VAL A 50 0.93 -1.93 -2.83
CA VAL A 50 1.23 -1.52 -4.20
C VAL A 50 2.24 -2.49 -4.83
N LYS A 51 3.30 -2.78 -4.09
CA LYS A 51 4.30 -3.73 -4.55
C LYS A 51 3.66 -5.08 -4.76
N GLU A 52 2.80 -5.48 -3.83
CA GLU A 52 2.11 -6.77 -3.91
C GLU A 52 1.37 -6.93 -5.24
N LYS A 53 0.71 -5.85 -5.66
CA LYS A 53 0.01 -5.81 -6.94
C LYS A 53 0.95 -6.13 -8.07
N LEU A 54 2.14 -5.55 -8.01
CA LEU A 54 3.16 -5.77 -9.03
C LEU A 54 3.91 -7.08 -8.80
N GLU A 55 4.03 -7.48 -7.53
CA GLU A 55 4.73 -8.69 -7.13
C GLU A 55 4.28 -9.88 -7.97
N LYS A 56 3.03 -10.30 -7.73
CA LYS A 56 2.43 -11.42 -8.46
C LYS A 56 3.28 -12.69 -8.34
N GLU A 57 4.01 -12.81 -7.24
CA GLU A 57 4.94 -13.93 -7.06
C GLU A 57 4.25 -15.08 -6.35
N SER A 58 3.12 -14.78 -5.71
CA SER A 58 2.41 -15.76 -4.90
C SER A 58 2.03 -17.02 -5.69
N LYS A 59 1.60 -16.85 -6.94
CA LYS A 59 1.27 -18.00 -7.78
C LYS A 59 2.46 -18.40 -8.64
N GLU A 60 3.43 -17.51 -8.73
CA GLU A 60 4.63 -17.78 -9.51
C GLU A 60 5.48 -18.84 -8.82
N THR A 61 5.85 -18.57 -7.58
CA THR A 61 6.66 -19.48 -6.77
C THR A 61 7.99 -19.76 -7.45
N GLU A 62 8.91 -18.81 -7.37
CA GLU A 62 10.22 -18.96 -7.97
C GLU A 62 11.29 -18.91 -6.90
N GLY A 63 12.19 -19.88 -6.92
CA GLY A 63 13.17 -20.04 -5.87
C GLY A 63 14.39 -19.16 -6.06
N LYS A 64 14.57 -18.25 -5.13
CA LYS A 64 15.75 -17.39 -5.09
C LYS A 64 16.63 -17.77 -3.92
N ASP A 65 16.20 -17.42 -2.71
CA ASP A 65 16.97 -17.70 -1.52
C ASP A 65 16.08 -18.21 -0.41
N GLU A 66 15.54 -19.41 -0.60
CA GLU A 66 14.68 -20.02 0.40
C GLU A 66 15.54 -20.77 1.41
N LYS A 67 15.49 -20.32 2.66
CA LYS A 67 16.24 -20.93 3.77
C LYS A 67 17.73 -20.63 3.65
N ALA A 68 18.31 -20.98 2.51
CA ALA A 68 19.72 -20.71 2.25
C ALA A 68 19.99 -20.55 0.76
N ASN A 69 19.98 -21.67 0.03
CA ASN A 69 20.33 -21.71 -1.40
C ASN A 69 21.75 -21.24 -1.65
N THR A 70 22.14 -21.20 -2.93
CA THR A 70 23.52 -20.95 -3.32
C THR A 70 24.45 -21.94 -2.59
N THR A 71 24.16 -23.21 -2.75
CA THR A 71 24.93 -24.26 -2.11
C THR A 71 26.36 -24.29 -2.65
N GLY A 72 26.50 -24.06 -3.94
CA GLY A 72 27.81 -24.01 -4.55
C GLY A 72 28.19 -22.61 -4.98
N SER A 73 29.25 -22.08 -4.41
CA SER A 73 29.72 -20.76 -4.76
C SER A 73 31.16 -20.84 -5.24
N GLY A 1 -24.88 12.07 -5.11
CA GLY A 1 -23.50 11.73 -4.71
C GLY A 1 -23.27 10.24 -4.65
N SER A 2 -23.72 9.62 -3.56
CA SER A 2 -23.57 8.18 -3.34
C SER A 2 -22.10 7.82 -3.13
N LYS A 3 -21.83 6.53 -2.96
CA LYS A 3 -20.46 6.08 -2.73
C LYS A 3 -20.09 4.96 -3.71
N LYS A 4 -19.35 5.31 -4.74
CA LYS A 4 -18.86 4.33 -5.70
C LYS A 4 -17.44 3.94 -5.34
N GLN A 5 -16.80 4.76 -4.53
CA GLN A 5 -15.41 4.56 -4.17
C GLN A 5 -15.27 4.29 -2.68
N GLN A 6 -14.48 3.28 -2.35
CA GLN A 6 -14.15 3.00 -0.97
C GLN A 6 -12.64 3.08 -0.78
N THR A 7 -12.15 4.29 -0.54
CA THR A 7 -10.73 4.52 -0.39
C THR A 7 -10.32 4.57 1.08
N GLU A 8 -11.32 4.43 1.96
CA GLU A 8 -11.13 4.48 3.40
C GLU A 8 -9.92 3.67 3.84
N SER A 9 -9.93 2.40 3.50
CA SER A 9 -8.87 1.49 3.93
C SER A 9 -7.52 1.87 3.32
N ALA A 10 -7.53 2.27 2.05
CA ALA A 10 -6.28 2.58 1.35
C ALA A 10 -5.68 3.89 1.82
N GLU A 11 -6.54 4.89 2.02
CA GLU A 11 -6.11 6.23 2.37
C GLU A 11 -5.62 6.29 3.81
N ASN A 12 -6.39 5.71 4.72
CA ASN A 12 -6.01 5.71 6.13
C ASN A 12 -4.80 4.81 6.35
N LYS A 13 -4.62 3.81 5.48
CA LYS A 13 -3.49 2.91 5.59
C LYS A 13 -2.22 3.67 5.32
N GLU A 14 -2.24 4.43 4.23
CA GLU A 14 -1.14 5.29 3.87
C GLU A 14 -0.84 6.27 5.00
N LYS A 15 -1.91 6.73 5.66
CA LYS A 15 -1.78 7.68 6.76
C LYS A 15 -1.17 7.01 7.98
N ILE A 16 -1.46 5.73 8.17
CA ILE A 16 -0.89 4.96 9.28
C ILE A 16 0.63 4.92 9.13
N CYS A 17 1.05 4.71 7.90
CA CYS A 17 2.46 4.67 7.57
C CYS A 17 3.06 6.07 7.70
N ASN A 18 2.34 7.07 7.20
CA ASN A 18 2.81 8.45 7.23
C ASN A 18 2.80 9.02 8.65
N ALA A 19 2.11 8.33 9.55
CA ALA A 19 2.13 8.69 10.98
C ALA A 19 3.51 8.39 11.57
N ALA A 20 4.24 7.48 10.93
CA ALA A 20 5.60 7.17 11.34
C ALA A 20 6.56 8.11 10.63
N LYS A 21 6.01 8.80 9.63
CA LYS A 21 6.71 9.86 8.91
C LYS A 21 7.93 9.34 8.17
N ASP A 22 9.10 9.47 8.78
CA ASP A 22 10.34 9.06 8.16
C ASP A 22 11.22 8.35 9.17
N ASN A 23 10.58 7.83 10.21
CA ASN A 23 11.28 7.02 11.20
C ASN A 23 11.26 5.56 10.78
N GLN A 24 12.40 5.09 10.28
CA GLN A 24 12.54 3.72 9.82
C GLN A 24 12.21 2.73 10.93
N LYS A 25 12.74 2.96 12.11
CA LYS A 25 12.56 2.04 13.23
C LYS A 25 11.08 1.92 13.59
N ALA A 26 10.39 3.05 13.65
CA ALA A 26 8.97 3.07 13.95
C ALA A 26 8.17 2.40 12.83
N CYS A 27 8.62 2.62 11.61
CA CYS A 27 7.97 2.05 10.44
C CYS A 27 8.08 0.52 10.45
N GLU A 28 9.28 0.03 10.76
CA GLU A 28 9.51 -1.40 10.87
C GLU A 28 8.52 -2.04 11.85
N ASN A 29 8.24 -1.32 12.93
CA ASN A 29 7.30 -1.79 13.95
C ASN A 29 5.88 -1.91 13.40
N LEU A 30 5.40 -0.84 12.79
CA LEU A 30 4.02 -0.80 12.30
C LEU A 30 3.92 -1.28 10.85
N LYS A 31 4.99 -1.92 10.36
CA LYS A 31 4.98 -2.50 9.01
C LYS A 31 3.92 -3.59 8.90
N GLU A 32 3.51 -4.09 10.06
CA GLU A 32 2.45 -5.09 10.15
C GLU A 32 1.17 -4.59 9.46
N LYS A 33 1.01 -3.27 9.41
CA LYS A 33 -0.18 -2.66 8.82
C LYS A 33 0.04 -2.40 7.33
N GLY A 34 1.14 -2.91 6.81
CA GLY A 34 1.44 -2.75 5.39
C GLY A 34 2.24 -1.50 5.11
N CYS A 35 3.13 -1.17 6.02
CA CYS A 35 3.88 0.08 5.93
C CYS A 35 5.37 -0.19 5.74
N VAL A 36 5.87 0.13 4.57
CA VAL A 36 7.25 -0.10 4.25
C VAL A 36 7.98 1.25 4.15
N PHE A 37 9.21 1.29 4.62
CA PHE A 37 10.00 2.49 4.46
C PHE A 37 10.39 2.61 2.99
N ASN A 38 9.93 3.67 2.39
CA ASN A 38 10.04 3.86 0.95
C ASN A 38 11.20 4.79 0.66
N THR A 39 12.38 4.21 0.44
CA THR A 39 13.61 4.98 0.31
C THR A 39 13.64 5.83 -0.95
N GLU A 40 12.67 5.62 -1.84
CA GLU A 40 12.52 6.45 -3.03
C GLU A 40 12.31 7.92 -2.62
N SER A 41 11.56 8.11 -1.54
CA SER A 41 11.28 9.44 -1.02
C SER A 41 11.71 9.56 0.45
N ASN A 42 12.22 8.45 0.98
CA ASN A 42 12.71 8.37 2.36
C ASN A 42 11.60 8.68 3.37
N LYS A 43 10.53 7.90 3.30
CA LYS A 43 9.40 8.02 4.23
C LYS A 43 8.88 6.64 4.57
N CYS A 44 8.03 6.56 5.57
CA CYS A 44 7.26 5.34 5.80
C CYS A 44 5.93 5.46 5.07
N GLU A 45 5.68 4.56 4.14
CA GLU A 45 4.49 4.67 3.31
C GLU A 45 3.94 3.28 3.01
N LEU A 46 2.78 3.23 2.35
CA LEU A 46 2.10 1.98 2.11
C LEU A 46 2.89 1.09 1.15
N LYS A 47 2.83 -0.21 1.40
CA LYS A 47 3.45 -1.21 0.52
C LYS A 47 2.73 -1.25 -0.81
N LYS A 48 3.05 -0.29 -1.67
CA LYS A 48 2.42 -0.16 -2.98
C LYS A 48 2.75 -1.36 -3.85
N ASP A 49 3.84 -2.02 -3.50
CA ASP A 49 4.23 -3.27 -4.13
C ASP A 49 3.12 -4.31 -4.03
N VAL A 50 2.67 -4.57 -2.81
CA VAL A 50 1.60 -5.55 -2.58
C VAL A 50 0.31 -5.10 -3.29
N LYS A 51 0.05 -3.80 -3.25
CA LYS A 51 -1.09 -3.23 -3.97
C LYS A 51 -1.00 -3.61 -5.45
N GLU A 52 0.21 -3.49 -5.98
CA GLU A 52 0.47 -3.74 -7.40
C GLU A 52 0.50 -5.25 -7.69
N LYS A 53 0.68 -6.06 -6.65
CA LYS A 53 0.63 -7.51 -6.83
C LYS A 53 -0.82 -7.97 -6.86
N LEU A 54 -1.61 -7.39 -5.98
CA LEU A 54 -3.02 -7.74 -5.83
C LEU A 54 -3.80 -7.35 -7.08
N GLU A 55 -3.64 -6.10 -7.50
CA GLU A 55 -4.33 -5.62 -8.69
C GLU A 55 -3.59 -6.07 -9.95
N LYS A 56 -2.28 -5.86 -9.93
CA LYS A 56 -1.41 -6.17 -11.06
C LYS A 56 -1.85 -5.42 -12.31
N GLU A 57 -1.58 -4.13 -12.30
CA GLU A 57 -1.96 -3.24 -13.40
C GLU A 57 -0.72 -2.85 -14.20
N SER A 58 0.38 -2.60 -13.50
CA SER A 58 1.63 -2.23 -14.13
C SER A 58 2.80 -2.82 -13.37
N LYS A 59 3.29 -3.97 -13.83
CA LYS A 59 4.42 -4.62 -13.17
C LYS A 59 5.73 -3.96 -13.58
N GLU A 60 5.93 -3.85 -14.90
CA GLU A 60 7.19 -3.37 -15.44
C GLU A 60 7.12 -3.32 -16.97
N THR A 61 7.34 -4.48 -17.58
CA THR A 61 7.37 -4.66 -19.02
C THR A 61 7.39 -6.15 -19.27
N GLU A 62 6.23 -6.68 -19.66
CA GLU A 62 6.04 -8.12 -19.86
C GLU A 62 7.27 -8.76 -20.51
N GLY A 63 7.84 -9.74 -19.83
CA GLY A 63 9.13 -10.27 -20.20
C GLY A 63 9.02 -11.52 -21.04
N LYS A 64 9.40 -11.40 -22.29
CA LYS A 64 9.47 -12.53 -23.19
C LYS A 64 10.76 -13.30 -22.93
N ASP A 65 10.74 -14.14 -21.91
CA ASP A 65 11.94 -14.88 -21.49
C ASP A 65 12.26 -16.03 -22.42
N GLU A 66 11.37 -16.28 -23.39
CA GLU A 66 11.57 -17.34 -24.38
C GLU A 66 11.42 -18.73 -23.75
N LYS A 67 12.44 -19.13 -23.00
CA LYS A 67 12.48 -20.45 -22.40
C LYS A 67 11.96 -20.40 -20.98
N ALA A 68 10.79 -21.03 -20.77
CA ALA A 68 10.17 -21.12 -19.45
C ALA A 68 9.75 -19.75 -18.93
N ASN A 69 9.15 -18.94 -19.79
CA ASN A 69 8.63 -17.64 -19.37
C ASN A 69 7.23 -17.81 -18.76
N THR A 70 6.29 -18.30 -19.57
CA THR A 70 4.90 -18.50 -19.14
C THR A 70 4.35 -17.25 -18.45
N THR A 71 4.01 -16.25 -19.25
CA THR A 71 3.53 -14.98 -18.73
C THR A 71 2.05 -15.07 -18.38
N GLY A 72 1.73 -14.83 -17.12
CA GLY A 72 0.36 -14.83 -16.67
C GLY A 72 -0.14 -13.42 -16.43
N SER A 73 0.36 -12.50 -17.23
CA SER A 73 0.02 -11.08 -17.13
C SER A 73 0.49 -10.51 -15.80
N GLY A 1 -20.57 0.02 5.58
CA GLY A 1 -20.58 1.50 5.69
C GLY A 1 -19.95 2.17 4.49
N SER A 2 -20.75 2.93 3.75
CA SER A 2 -20.29 3.65 2.57
C SER A 2 -19.90 2.67 1.46
N LYS A 3 -19.50 3.19 0.30
CA LYS A 3 -19.04 2.35 -0.78
C LYS A 3 -17.52 2.36 -0.84
N LYS A 4 -16.90 3.17 0.01
CA LYS A 4 -15.46 3.19 0.15
C LYS A 4 -15.04 2.33 1.34
N GLN A 5 -14.82 1.05 1.09
CA GLN A 5 -14.39 0.13 2.14
C GLN A 5 -12.89 -0.02 2.06
N GLN A 6 -12.41 -0.54 0.93
CA GLN A 6 -10.98 -0.72 0.71
C GLN A 6 -10.29 0.63 0.69
N THR A 7 -11.05 1.65 0.33
CA THR A 7 -10.55 3.02 0.29
C THR A 7 -10.20 3.50 1.69
N GLU A 8 -11.04 3.19 2.66
CA GLU A 8 -10.79 3.56 4.04
C GLU A 8 -9.54 2.86 4.55
N SER A 9 -9.48 1.57 4.34
CA SER A 9 -8.35 0.77 4.77
C SER A 9 -7.05 1.24 4.12
N ALA A 10 -7.12 1.55 2.83
CA ALA A 10 -5.95 2.04 2.11
C ALA A 10 -5.54 3.43 2.57
N GLU A 11 -6.53 4.30 2.75
CA GLU A 11 -6.24 5.69 3.10
C GLU A 11 -5.67 5.81 4.50
N ASN A 12 -6.34 5.20 5.48
CA ASN A 12 -5.91 5.31 6.86
C ASN A 12 -4.55 4.62 7.05
N LYS A 13 -4.34 3.54 6.31
CA LYS A 13 -3.08 2.81 6.40
C LYS A 13 -1.95 3.67 5.87
N GLU A 14 -2.20 4.27 4.71
CA GLU A 14 -1.28 5.22 4.12
C GLU A 14 -1.00 6.37 5.10
N LYS A 15 -2.08 6.90 5.67
CA LYS A 15 -2.00 8.02 6.60
C LYS A 15 -1.19 7.66 7.85
N ILE A 16 -1.25 6.38 8.25
CA ILE A 16 -0.49 5.92 9.40
C ILE A 16 1.00 5.98 9.11
N CYS A 17 1.36 5.63 7.87
CA CYS A 17 2.73 5.71 7.42
C CYS A 17 3.17 7.16 7.29
N ASN A 18 2.26 8.00 6.80
CA ASN A 18 2.52 9.43 6.64
C ASN A 18 2.68 10.11 8.01
N ALA A 19 2.06 9.53 9.02
CA ALA A 19 2.18 10.02 10.38
C ALA A 19 3.56 9.74 10.96
N ALA A 20 4.17 8.66 10.49
CA ALA A 20 5.49 8.25 10.97
C ALA A 20 6.57 9.04 10.22
N LYS A 21 6.32 9.24 8.94
CA LYS A 21 7.15 10.07 8.08
C LYS A 21 8.51 9.44 7.80
N ASP A 22 9.50 9.78 8.60
CA ASP A 22 10.87 9.35 8.33
C ASP A 22 11.39 8.37 9.38
N ASN A 23 10.49 7.88 10.24
CA ASN A 23 10.90 6.94 11.27
C ASN A 23 10.80 5.52 10.73
N GLN A 24 11.86 5.09 10.06
CA GLN A 24 11.91 3.78 9.43
C GLN A 24 11.63 2.67 10.45
N LYS A 25 12.23 2.80 11.62
CA LYS A 25 12.09 1.81 12.68
C LYS A 25 10.62 1.53 12.98
N ALA A 26 9.86 2.59 13.24
CA ALA A 26 8.47 2.42 13.65
C ALA A 26 7.60 1.96 12.50
N CYS A 27 8.00 2.32 11.29
CA CYS A 27 7.25 1.93 10.11
C CYS A 27 7.43 0.45 9.80
N GLU A 28 8.65 -0.03 9.97
CA GLU A 28 8.92 -1.45 9.82
C GLU A 28 8.35 -2.21 11.02
N ASN A 29 7.96 -1.48 12.06
CA ASN A 29 7.22 -2.08 13.17
C ASN A 29 5.76 -2.28 12.78
N LEU A 30 5.11 -1.21 12.35
CA LEU A 30 3.71 -1.27 11.95
C LEU A 30 3.58 -1.82 10.53
N LYS A 31 4.69 -2.34 10.00
CA LYS A 31 4.69 -3.06 8.74
C LYS A 31 3.71 -4.22 8.78
N GLU A 32 3.40 -4.69 9.98
CA GLU A 32 2.38 -5.71 10.21
C GLU A 32 1.05 -5.28 9.58
N LYS A 33 0.82 -3.98 9.58
CA LYS A 33 -0.43 -3.42 9.05
C LYS A 33 -0.33 -3.16 7.55
N GLY A 34 0.84 -3.46 6.99
CA GLY A 34 1.05 -3.28 5.57
C GLY A 34 1.66 -1.94 5.23
N CYS A 35 2.83 -1.65 5.79
CA CYS A 35 3.48 -0.36 5.57
C CYS A 35 4.91 -0.60 5.10
N VAL A 36 5.46 0.37 4.40
CA VAL A 36 6.82 0.24 3.90
C VAL A 36 7.54 1.59 3.92
N PHE A 37 8.71 1.62 4.52
CA PHE A 37 9.55 2.79 4.44
C PHE A 37 10.34 2.74 3.14
N ASN A 38 10.24 3.79 2.36
CA ASN A 38 10.96 3.86 1.10
C ASN A 38 12.17 4.76 1.28
N THR A 39 13.34 4.15 1.34
CA THR A 39 14.58 4.87 1.61
C THR A 39 14.93 5.84 0.49
N GLU A 40 14.38 5.59 -0.69
CA GLU A 40 14.58 6.49 -1.82
C GLU A 40 13.96 7.85 -1.54
N SER A 41 12.70 7.85 -1.13
CA SER A 41 12.01 9.07 -0.79
C SER A 41 12.29 9.47 0.65
N ASN A 42 12.82 8.50 1.40
CA ASN A 42 13.15 8.66 2.81
C ASN A 42 11.88 8.97 3.62
N LYS A 43 10.81 8.26 3.29
CA LYS A 43 9.56 8.38 4.03
C LYS A 43 8.77 7.08 3.92
N CYS A 44 7.91 6.84 4.90
CA CYS A 44 7.06 5.68 4.92
C CYS A 44 5.83 5.90 4.04
N GLU A 45 5.42 4.86 3.35
CA GLU A 45 4.24 4.92 2.49
C GLU A 45 3.48 3.61 2.59
N LEU A 46 2.26 3.58 2.07
CA LEU A 46 1.48 2.34 2.06
C LEU A 46 2.16 1.30 1.18
N LYS A 47 2.16 0.05 1.67
CA LYS A 47 2.88 -1.03 1.02
C LYS A 47 2.12 -1.51 -0.24
N LYS A 48 0.96 -0.93 -0.46
CA LYS A 48 0.17 -1.19 -1.67
C LYS A 48 1.04 -1.06 -2.91
N ASP A 49 1.81 0.01 -2.91
CA ASP A 49 2.64 0.39 -4.04
C ASP A 49 3.59 -0.74 -4.42
N VAL A 50 4.23 -1.29 -3.40
CA VAL A 50 5.20 -2.35 -3.58
C VAL A 50 4.52 -3.61 -4.14
N LYS A 51 3.37 -3.97 -3.58
CA LYS A 51 2.70 -5.21 -3.96
C LYS A 51 2.07 -5.10 -5.34
N GLU A 52 1.48 -3.94 -5.63
CA GLU A 52 0.76 -3.76 -6.89
C GLU A 52 1.72 -3.72 -8.08
N LYS A 53 2.98 -3.35 -7.82
CA LYS A 53 3.99 -3.38 -8.87
C LYS A 53 4.84 -4.65 -8.78
N LEU A 54 4.64 -5.42 -7.73
CA LEU A 54 5.26 -6.72 -7.61
C LEU A 54 4.51 -7.70 -8.53
N GLU A 55 3.19 -7.72 -8.38
CA GLU A 55 2.34 -8.54 -9.25
C GLU A 55 2.07 -7.79 -10.56
N LYS A 56 2.23 -6.46 -10.50
CA LYS A 56 2.17 -5.58 -11.68
C LYS A 56 0.77 -5.43 -12.24
N GLU A 57 0.00 -4.57 -11.61
CA GLU A 57 -1.30 -4.18 -12.15
C GLU A 57 -1.24 -2.74 -12.66
N SER A 58 -0.49 -1.90 -11.97
CA SER A 58 -0.43 -0.48 -12.26
C SER A 58 1.01 0.00 -12.37
N LYS A 59 1.84 -0.76 -13.07
CA LYS A 59 3.23 -0.39 -13.28
C LYS A 59 3.34 0.71 -14.33
N GLU A 60 2.29 0.79 -15.17
CA GLU A 60 2.19 1.79 -16.24
C GLU A 60 3.17 1.52 -17.37
N THR A 61 2.70 1.71 -18.59
CA THR A 61 3.53 1.59 -19.77
C THR A 61 3.01 2.48 -20.89
N GLU A 62 1.74 2.26 -21.26
CA GLU A 62 1.08 3.00 -22.34
C GLU A 62 1.85 2.88 -23.64
N GLY A 63 1.47 1.89 -24.45
CA GLY A 63 2.21 1.61 -25.65
C GLY A 63 3.34 0.65 -25.37
N LYS A 64 2.99 -0.57 -25.03
CA LYS A 64 3.98 -1.59 -24.69
C LYS A 64 4.57 -2.20 -25.97
N ASP A 65 4.09 -1.71 -27.11
CA ASP A 65 4.60 -2.10 -28.43
C ASP A 65 4.25 -3.56 -28.72
N GLU A 66 3.31 -4.08 -27.94
CA GLU A 66 2.92 -5.48 -27.98
C GLU A 66 4.12 -6.38 -27.69
N LYS A 67 4.83 -6.77 -28.75
CA LYS A 67 6.01 -7.63 -28.61
C LYS A 67 6.98 -7.37 -29.75
N ALA A 68 6.45 -7.35 -30.98
CA ALA A 68 7.28 -7.15 -32.16
C ALA A 68 6.88 -5.88 -32.89
N ASN A 69 5.57 -5.67 -33.04
CA ASN A 69 5.00 -4.52 -33.72
C ASN A 69 5.35 -4.54 -35.21
N THR A 70 4.41 -4.99 -36.01
CA THR A 70 4.57 -5.02 -37.45
C THR A 70 3.22 -5.10 -38.14
N THR A 71 3.02 -4.28 -39.16
CA THR A 71 1.76 -4.25 -39.88
C THR A 71 1.73 -5.37 -40.92
N GLY A 72 0.77 -6.27 -40.79
CA GLY A 72 0.64 -7.36 -41.73
C GLY A 72 -0.79 -7.52 -42.21
N SER A 73 -1.26 -6.54 -42.99
CA SER A 73 -2.60 -6.59 -43.53
C SER A 73 -2.59 -7.33 -44.87
N GLY A 1 -14.42 0.67 8.12
CA GLY A 1 -14.46 -0.47 7.18
C GLY A 1 -14.65 -0.01 5.75
N SER A 2 -15.77 0.66 5.49
CA SER A 2 -16.02 1.34 4.22
C SER A 2 -15.78 0.42 3.03
N LYS A 3 -16.27 -0.81 3.09
CA LYS A 3 -16.05 -1.79 2.03
C LYS A 3 -16.79 -1.38 0.75
N LYS A 4 -17.83 -0.58 0.89
CA LYS A 4 -18.59 -0.11 -0.26
C LYS A 4 -18.01 1.19 -0.79
N GLN A 5 -16.96 1.68 -0.13
CA GLN A 5 -16.25 2.87 -0.58
C GLN A 5 -14.88 2.47 -1.10
N GLN A 6 -14.26 1.51 -0.41
CA GLN A 6 -12.97 0.92 -0.81
C GLN A 6 -11.83 1.95 -0.74
N THR A 7 -12.11 3.08 -0.11
CA THR A 7 -11.11 4.12 0.07
C THR A 7 -10.47 3.99 1.46
N GLU A 8 -11.10 3.15 2.28
CA GLU A 8 -10.70 2.93 3.66
C GLU A 8 -9.23 2.53 3.77
N SER A 9 -8.90 1.42 3.14
CA SER A 9 -7.59 0.81 3.27
C SER A 9 -6.46 1.74 2.85
N ALA A 10 -6.56 2.27 1.64
CA ALA A 10 -5.50 3.10 1.09
C ALA A 10 -5.23 4.33 1.95
N GLU A 11 -6.28 5.00 2.38
CA GLU A 11 -6.14 6.25 3.10
C GLU A 11 -5.57 6.04 4.49
N ASN A 12 -6.20 5.17 5.27
CA ASN A 12 -5.83 5.01 6.67
C ASN A 12 -4.45 4.36 6.81
N LYS A 13 -4.10 3.44 5.92
CA LYS A 13 -2.79 2.80 5.98
C LYS A 13 -1.70 3.81 5.72
N GLU A 14 -1.86 4.58 4.63
CA GLU A 14 -0.88 5.59 4.27
C GLU A 14 -0.74 6.63 5.37
N LYS A 15 -1.85 6.96 6.02
CA LYS A 15 -1.82 7.90 7.14
C LYS A 15 -0.99 7.36 8.30
N ILE A 16 -1.13 6.06 8.56
CA ILE A 16 -0.41 5.42 9.64
C ILE A 16 1.08 5.37 9.30
N CYS A 17 1.37 5.06 8.04
CA CYS A 17 2.74 5.04 7.56
C CYS A 17 3.33 6.45 7.56
N ASN A 18 2.53 7.44 7.16
CA ASN A 18 2.99 8.84 7.10
C ASN A 18 2.96 9.48 8.48
N ALA A 19 2.36 8.81 9.45
CA ALA A 19 2.43 9.27 10.83
C ALA A 19 3.83 9.08 11.37
N ALA A 20 4.60 8.20 10.73
CA ALA A 20 5.99 7.97 11.09
C ALA A 20 6.92 8.74 10.16
N LYS A 21 6.61 8.69 8.86
CA LYS A 21 7.39 9.37 7.82
C LYS A 21 8.84 8.94 7.81
N ASP A 22 9.69 9.68 8.53
CA ASP A 22 11.13 9.50 8.46
C ASP A 22 11.58 8.38 9.37
N ASN A 23 10.76 8.04 10.36
CA ASN A 23 11.12 7.00 11.30
C ASN A 23 10.87 5.63 10.68
N GLN A 24 11.95 4.97 10.29
CA GLN A 24 11.88 3.69 9.64
C GLN A 24 11.61 2.59 10.65
N LYS A 25 12.38 2.59 11.73
CA LYS A 25 12.30 1.54 12.73
C LYS A 25 10.90 1.45 13.33
N ALA A 26 10.33 2.58 13.70
CA ALA A 26 9.00 2.60 14.30
C ALA A 26 7.95 2.14 13.31
N CYS A 27 8.16 2.43 12.04
CA CYS A 27 7.21 2.05 11.02
C CYS A 27 7.32 0.55 10.72
N GLU A 28 8.54 0.03 10.76
CA GLU A 28 8.75 -1.41 10.59
C GLU A 28 8.11 -2.19 11.74
N ASN A 29 7.90 -1.51 12.87
CA ASN A 29 7.19 -2.11 13.99
C ASN A 29 5.70 -2.24 13.66
N LEU A 30 5.11 -1.15 13.18
CA LEU A 30 3.68 -1.13 12.86
C LEU A 30 3.45 -1.56 11.41
N LYS A 31 4.50 -2.11 10.82
CA LYS A 31 4.50 -2.60 9.44
C LYS A 31 3.36 -3.58 9.17
N GLU A 32 2.85 -4.18 10.23
CA GLU A 32 1.78 -5.19 10.14
C GLU A 32 0.59 -4.67 9.33
N LYS A 33 0.32 -3.37 9.45
CA LYS A 33 -0.83 -2.78 8.81
C LYS A 33 -0.57 -2.54 7.32
N GLY A 34 0.69 -2.44 6.95
CA GLY A 34 1.04 -2.27 5.55
C GLY A 34 1.96 -1.10 5.30
N CYS A 35 3.03 -1.02 6.09
CA CYS A 35 3.94 0.12 5.98
C CYS A 35 5.32 -0.32 5.54
N VAL A 36 5.71 0.08 4.34
CA VAL A 36 7.05 -0.18 3.85
C VAL A 36 7.79 1.14 3.65
N PHE A 37 8.84 1.36 4.43
CA PHE A 37 9.63 2.55 4.30
C PHE A 37 10.29 2.60 2.94
N ASN A 38 10.02 3.64 2.18
CA ASN A 38 10.60 3.79 0.85
C ASN A 38 11.73 4.79 0.88
N THR A 39 12.93 4.32 0.56
CA THR A 39 14.11 5.16 0.56
C THR A 39 14.00 6.29 -0.46
N GLU A 40 13.23 6.04 -1.52
CA GLU A 40 13.04 7.02 -2.57
C GLU A 40 12.14 8.16 -2.10
N SER A 41 11.01 7.82 -1.49
CA SER A 41 10.10 8.84 -0.97
C SER A 41 10.65 9.43 0.32
N ASN A 42 11.61 8.73 0.93
CA ASN A 42 12.24 9.15 2.20
C ASN A 42 11.25 9.01 3.35
N LYS A 43 10.08 8.48 3.05
CA LYS A 43 9.03 8.30 4.03
C LYS A 43 8.56 6.85 4.02
N CYS A 44 7.88 6.48 5.08
CA CYS A 44 7.24 5.17 5.15
C CYS A 44 5.96 5.19 4.32
N GLU A 45 5.79 4.18 3.48
CA GLU A 45 4.75 4.20 2.47
C GLU A 45 3.91 2.91 2.52
N LEU A 46 2.60 3.06 2.35
CA LEU A 46 1.74 1.90 2.16
C LEU A 46 2.00 1.30 0.79
N LYS A 47 2.83 0.27 0.75
CA LYS A 47 3.21 -0.31 -0.52
C LYS A 47 3.57 -1.80 -0.39
N LYS A 48 3.82 -2.25 0.84
CA LYS A 48 4.18 -3.65 1.05
C LYS A 48 3.06 -4.58 0.62
N ASP A 49 1.84 -4.06 0.70
CA ASP A 49 0.66 -4.81 0.31
C ASP A 49 0.65 -5.01 -1.19
N VAL A 50 0.94 -3.95 -1.91
CA VAL A 50 1.01 -4.00 -3.37
C VAL A 50 2.20 -4.85 -3.79
N LYS A 51 3.32 -4.68 -3.07
CA LYS A 51 4.53 -5.45 -3.34
C LYS A 51 4.28 -6.95 -3.22
N GLU A 52 3.72 -7.36 -2.09
CA GLU A 52 3.44 -8.77 -1.85
C GLU A 52 2.43 -9.28 -2.86
N LYS A 53 1.40 -8.47 -3.11
CA LYS A 53 0.35 -8.81 -4.05
C LYS A 53 0.94 -9.09 -5.44
N LEU A 54 1.71 -8.14 -5.93
CA LEU A 54 2.29 -8.19 -7.26
C LEU A 54 3.35 -9.27 -7.36
N GLU A 55 4.15 -9.42 -6.30
CA GLU A 55 5.23 -10.39 -6.28
C GLU A 55 4.69 -11.81 -6.28
N LYS A 56 3.57 -12.01 -5.61
CA LYS A 56 2.96 -13.33 -5.55
C LYS A 56 2.00 -13.55 -6.72
N GLU A 57 0.72 -13.23 -6.50
CA GLU A 57 -0.35 -13.52 -7.47
C GLU A 57 -0.42 -15.02 -7.76
N SER A 58 0.22 -15.80 -6.89
CA SER A 58 0.38 -17.23 -7.10
C SER A 58 -0.95 -17.96 -7.11
N LYS A 59 -1.77 -17.71 -6.09
CA LYS A 59 -3.02 -18.44 -5.89
C LYS A 59 -3.91 -18.43 -7.14
N GLU A 60 -3.82 -17.37 -7.93
CA GLU A 60 -4.65 -17.22 -9.12
C GLU A 60 -4.34 -18.31 -10.16
N THR A 61 -3.14 -18.86 -10.11
CA THR A 61 -2.74 -19.91 -11.06
C THR A 61 -2.22 -21.15 -10.33
N GLU A 62 -2.07 -21.03 -9.01
CA GLU A 62 -1.60 -22.14 -8.19
C GLU A 62 -2.79 -22.94 -7.67
N GLY A 63 -3.96 -22.39 -7.89
CA GLY A 63 -5.18 -23.04 -7.46
C GLY A 63 -6.28 -22.03 -7.24
N LYS A 64 -6.32 -21.45 -6.04
CA LYS A 64 -7.34 -20.47 -5.66
C LYS A 64 -7.05 -19.89 -4.29
N ASP A 65 -7.33 -18.60 -4.13
CA ASP A 65 -7.43 -18.03 -2.79
C ASP A 65 -8.67 -18.61 -2.14
N GLU A 66 -9.74 -18.60 -2.93
CA GLU A 66 -11.00 -19.31 -2.61
C GLU A 66 -11.66 -18.78 -1.35
N LYS A 67 -11.17 -19.22 -0.20
CA LYS A 67 -11.79 -18.91 1.08
C LYS A 67 -10.80 -19.23 2.20
N ALA A 68 -9.93 -20.21 1.94
CA ALA A 68 -8.92 -20.62 2.91
C ALA A 68 -7.96 -19.47 3.25
N ASN A 69 -7.49 -18.78 2.21
CA ASN A 69 -6.58 -17.66 2.39
C ASN A 69 -7.37 -16.35 2.42
N THR A 70 -8.67 -16.48 2.31
CA THR A 70 -9.55 -15.32 2.33
C THR A 70 -10.23 -15.18 3.69
N THR A 71 -9.72 -14.26 4.49
CA THR A 71 -10.27 -14.04 5.83
C THR A 71 -11.05 -12.73 5.86
N GLY A 72 -11.25 -12.14 4.69
CA GLY A 72 -11.95 -10.88 4.60
C GLY A 72 -10.98 -9.72 4.50
N SER A 73 -9.75 -9.97 4.89
CA SER A 73 -8.67 -8.99 4.80
C SER A 73 -7.33 -9.72 4.79
N GLY A 1 -25.63 7.53 3.63
CA GLY A 1 -25.96 6.12 3.94
C GLY A 1 -24.73 5.28 4.17
N SER A 2 -24.90 3.97 4.06
CA SER A 2 -23.81 3.04 4.27
C SER A 2 -23.07 2.74 2.97
N LYS A 3 -21.77 2.47 3.07
CA LYS A 3 -20.94 2.15 1.91
C LYS A 3 -21.02 3.26 0.86
N LYS A 4 -20.28 4.32 1.10
CA LYS A 4 -20.31 5.51 0.25
C LYS A 4 -18.99 5.63 -0.52
N GLN A 5 -18.12 4.64 -0.34
CA GLN A 5 -16.79 4.65 -0.92
C GLN A 5 -15.95 5.77 -0.35
N GLN A 6 -15.22 5.47 0.71
CA GLN A 6 -14.32 6.43 1.32
C GLN A 6 -12.89 6.09 0.95
N THR A 7 -12.69 4.88 0.45
CA THR A 7 -11.37 4.36 0.14
C THR A 7 -10.58 4.21 1.45
N GLU A 8 -11.33 3.87 2.51
CA GLU A 8 -10.80 3.74 3.87
C GLU A 8 -9.48 2.99 3.90
N SER A 9 -9.45 1.83 3.26
CA SER A 9 -8.29 0.96 3.26
C SER A 9 -7.03 1.71 2.83
N ALA A 10 -7.09 2.39 1.70
CA ALA A 10 -5.93 3.09 1.18
C ALA A 10 -5.60 4.31 2.04
N GLU A 11 -6.62 5.00 2.51
CA GLU A 11 -6.43 6.23 3.27
C GLU A 11 -5.76 5.95 4.61
N ASN A 12 -6.40 5.12 5.43
CA ASN A 12 -5.93 4.88 6.79
C ASN A 12 -4.55 4.21 6.79
N LYS A 13 -4.32 3.30 5.85
CA LYS A 13 -3.01 2.67 5.73
C LYS A 13 -1.95 3.72 5.49
N GLU A 14 -2.11 4.49 4.42
CA GLU A 14 -1.14 5.50 4.05
C GLU A 14 -0.99 6.56 5.13
N LYS A 15 -2.08 6.89 5.80
CA LYS A 15 -2.04 7.84 6.90
C LYS A 15 -1.16 7.30 8.03
N ILE A 16 -1.34 6.03 8.33
CA ILE A 16 -0.53 5.37 9.35
C ILE A 16 0.92 5.29 8.90
N CYS A 17 1.11 5.00 7.62
CA CYS A 17 2.43 4.98 7.03
C CYS A 17 3.09 6.35 7.16
N ASN A 18 2.34 7.40 6.89
CA ASN A 18 2.88 8.75 6.93
C ASN A 18 3.04 9.23 8.37
N ALA A 19 2.34 8.58 9.29
CA ALA A 19 2.44 8.89 10.70
C ALA A 19 3.78 8.41 11.28
N ALA A 20 4.47 7.57 10.54
CA ALA A 20 5.76 7.05 10.97
C ALA A 20 6.88 7.92 10.42
N LYS A 21 6.57 8.67 9.36
CA LYS A 21 7.51 9.60 8.74
C LYS A 21 8.78 8.89 8.28
N ASP A 22 9.92 9.54 8.49
CA ASP A 22 11.22 9.00 8.09
C ASP A 22 11.80 8.10 9.19
N ASN A 23 10.98 7.75 10.17
CA ASN A 23 11.40 6.89 11.25
C ASN A 23 11.31 5.43 10.82
N GLN A 24 12.40 4.92 10.26
CA GLN A 24 12.43 3.56 9.73
C GLN A 24 12.24 2.54 10.85
N LYS A 25 12.72 2.88 12.04
CA LYS A 25 12.51 2.03 13.21
C LYS A 25 11.03 1.94 13.53
N ALA A 26 10.39 3.10 13.66
CA ALA A 26 8.95 3.14 13.94
C ALA A 26 8.17 2.47 12.82
N CYS A 27 8.64 2.69 11.60
CA CYS A 27 8.09 2.04 10.43
C CYS A 27 8.07 0.52 10.59
N GLU A 28 9.22 -0.05 10.94
CA GLU A 28 9.33 -1.49 11.13
C GLU A 28 8.40 -2.00 12.24
N ASN A 29 8.01 -1.11 13.15
CA ASN A 29 7.03 -1.46 14.18
C ASN A 29 5.65 -1.63 13.57
N LEU A 30 5.13 -0.57 12.97
CA LEU A 30 3.79 -0.57 12.39
C LEU A 30 3.79 -1.18 10.99
N LYS A 31 4.90 -1.80 10.64
CA LYS A 31 5.11 -2.44 9.35
C LYS A 31 3.97 -3.37 8.97
N GLU A 32 3.47 -4.11 9.95
CA GLU A 32 2.45 -5.13 9.70
C GLU A 32 1.09 -4.53 9.40
N LYS A 33 0.98 -3.21 9.47
CA LYS A 33 -0.25 -2.54 9.09
C LYS A 33 -0.28 -2.27 7.59
N GLY A 34 0.76 -2.72 6.89
CA GLY A 34 0.82 -2.56 5.45
C GLY A 34 1.70 -1.40 5.05
N CYS A 35 2.54 -0.97 5.95
CA CYS A 35 3.40 0.18 5.70
C CYS A 35 4.84 -0.24 5.48
N VAL A 36 5.36 0.07 4.31
CA VAL A 36 6.73 -0.23 3.99
C VAL A 36 7.52 1.06 3.81
N PHE A 37 8.69 1.13 4.43
CA PHE A 37 9.52 2.30 4.33
C PHE A 37 10.14 2.40 2.95
N ASN A 38 10.02 3.56 2.34
CA ASN A 38 10.61 3.80 1.03
C ASN A 38 11.75 4.77 1.17
N THR A 39 12.94 4.31 0.85
CA THR A 39 14.15 5.10 1.01
C THR A 39 14.23 6.24 -0.01
N GLU A 40 13.44 6.13 -1.07
CA GLU A 40 13.50 7.13 -2.13
C GLU A 40 12.72 8.38 -1.73
N SER A 41 11.50 8.18 -1.25
CA SER A 41 10.69 9.29 -0.76
C SER A 41 11.11 9.66 0.66
N ASN A 42 11.81 8.72 1.30
CA ASN A 42 12.30 8.89 2.67
C ASN A 42 11.13 8.97 3.64
N LYS A 43 10.13 8.15 3.39
CA LYS A 43 8.96 8.06 4.25
C LYS A 43 8.33 6.68 4.10
N CYS A 44 7.66 6.21 5.15
CA CYS A 44 6.84 5.02 5.04
C CYS A 44 5.66 5.24 4.11
N GLU A 45 5.52 4.37 3.12
CA GLU A 45 4.39 4.42 2.21
C GLU A 45 3.65 3.10 2.23
N LEU A 46 2.44 3.09 1.68
CA LEU A 46 1.64 1.87 1.61
C LEU A 46 2.36 0.84 0.74
N LYS A 47 2.30 -0.43 1.16
CA LYS A 47 2.86 -1.54 0.39
C LYS A 47 2.49 -1.42 -1.08
N LYS A 48 3.50 -1.39 -1.94
CA LYS A 48 3.33 -1.16 -3.38
C LYS A 48 2.34 -2.14 -3.99
N ASP A 49 2.50 -3.41 -3.66
CA ASP A 49 1.65 -4.46 -4.20
C ASP A 49 0.19 -4.23 -3.81
N VAL A 50 -0.02 -3.78 -2.59
CA VAL A 50 -1.36 -3.51 -2.10
C VAL A 50 -1.94 -2.27 -2.78
N LYS A 51 -1.13 -1.22 -2.88
CA LYS A 51 -1.53 0.01 -3.55
C LYS A 51 -1.88 -0.28 -5.01
N GLU A 52 -1.07 -1.11 -5.63
CA GLU A 52 -1.28 -1.53 -7.02
C GLU A 52 -2.64 -2.21 -7.19
N LYS A 53 -2.94 -3.14 -6.29
CA LYS A 53 -4.14 -3.95 -6.40
C LYS A 53 -5.37 -3.17 -5.94
N LEU A 54 -5.14 -2.12 -5.16
CA LEU A 54 -6.22 -1.23 -4.74
C LEU A 54 -6.55 -0.25 -5.85
N GLU A 55 -5.51 0.34 -6.43
CA GLU A 55 -5.69 1.33 -7.49
C GLU A 55 -6.22 0.66 -8.75
N LYS A 56 -5.48 -0.35 -9.22
CA LYS A 56 -5.87 -1.12 -10.40
C LYS A 56 -5.99 -0.22 -11.64
N GLU A 57 -4.91 -0.11 -12.37
CA GLU A 57 -4.89 0.70 -13.58
C GLU A 57 -4.78 -0.19 -14.80
N SER A 58 -3.60 -0.75 -15.03
CA SER A 58 -3.36 -1.52 -16.24
C SER A 58 -2.40 -2.68 -16.01
N LYS A 59 -2.92 -3.90 -16.12
CA LYS A 59 -2.09 -5.08 -16.21
C LYS A 59 -2.56 -5.94 -17.38
N GLU A 60 -3.85 -6.25 -17.40
CA GLU A 60 -4.48 -6.94 -18.52
C GLU A 60 -5.75 -6.19 -18.92
N THR A 61 -5.77 -4.88 -18.68
CA THR A 61 -6.98 -4.10 -18.89
C THR A 61 -7.20 -3.78 -20.37
N GLU A 62 -6.29 -4.23 -21.22
CA GLU A 62 -6.43 -4.01 -22.65
C GLU A 62 -7.27 -5.11 -23.27
N GLY A 63 -8.56 -4.84 -23.42
CA GLY A 63 -9.47 -5.79 -24.02
C GLY A 63 -10.71 -5.11 -24.55
N LYS A 64 -11.81 -5.85 -24.61
CA LYS A 64 -13.06 -5.33 -25.11
C LYS A 64 -14.01 -5.05 -23.97
N ASP A 65 -14.60 -3.86 -23.97
CA ASP A 65 -15.53 -3.47 -22.93
C ASP A 65 -16.91 -4.07 -23.20
N GLU A 66 -17.04 -5.36 -22.93
CA GLU A 66 -18.31 -6.06 -23.05
C GLU A 66 -19.07 -5.85 -21.74
N LYS A 67 -18.87 -6.74 -20.78
CA LYS A 67 -19.38 -6.57 -19.43
C LYS A 67 -18.30 -6.98 -18.42
N ALA A 68 -17.11 -7.21 -18.94
CA ALA A 68 -16.00 -7.70 -18.13
C ALA A 68 -14.98 -6.62 -17.86
N ASN A 69 -14.68 -5.83 -18.89
CA ASN A 69 -13.64 -4.82 -18.79
C ASN A 69 -14.17 -3.55 -18.13
N THR A 70 -13.72 -3.29 -16.92
CA THR A 70 -14.09 -2.07 -16.22
C THR A 70 -13.01 -1.02 -16.36
N THR A 71 -13.00 -0.38 -17.53
CA THR A 71 -12.00 0.63 -17.86
C THR A 71 -12.28 1.96 -17.13
N GLY A 72 -13.49 2.08 -16.61
CA GLY A 72 -13.88 3.28 -15.91
C GLY A 72 -15.26 3.14 -15.29
N SER A 73 -16.15 2.47 -16.02
CA SER A 73 -17.49 2.19 -15.52
C SER A 73 -17.73 0.69 -15.51
N GLY A 1 -6.61 25.19 6.46
CA GLY A 1 -5.65 24.06 6.59
C GLY A 1 -6.14 23.02 7.57
N SER A 2 -6.50 21.86 7.07
CA SER A 2 -7.02 20.79 7.91
C SER A 2 -6.62 19.44 7.32
N LYS A 3 -6.17 18.54 8.17
CA LYS A 3 -5.79 17.20 7.73
C LYS A 3 -6.61 16.13 8.45
N LYS A 4 -7.77 15.83 7.88
CA LYS A 4 -8.66 14.82 8.42
C LYS A 4 -9.32 14.06 7.28
N GLN A 5 -8.56 13.87 6.20
CA GLN A 5 -9.06 13.18 5.03
C GLN A 5 -9.11 11.67 5.29
N GLN A 6 -10.32 11.12 5.30
CA GLN A 6 -10.51 9.70 5.52
C GLN A 6 -11.16 9.04 4.31
N THR A 7 -10.47 8.07 3.74
CA THR A 7 -10.98 7.32 2.60
C THR A 7 -10.67 5.83 2.79
N GLU A 8 -11.56 5.15 3.51
CA GLU A 8 -11.44 3.70 3.81
C GLU A 8 -10.01 3.30 4.22
N SER A 9 -9.70 2.01 4.08
CA SER A 9 -8.38 1.51 4.39
C SER A 9 -7.30 2.20 3.56
N ALA A 10 -7.57 2.41 2.28
CA ALA A 10 -6.57 2.98 1.37
C ALA A 10 -5.94 4.25 1.94
N GLU A 11 -6.79 5.19 2.36
CA GLU A 11 -6.32 6.48 2.84
C GLU A 11 -5.66 6.34 4.20
N ASN A 12 -6.33 5.67 5.13
CA ASN A 12 -5.86 5.63 6.51
C ASN A 12 -4.66 4.70 6.66
N LYS A 13 -4.55 3.68 5.80
CA LYS A 13 -3.37 2.82 5.81
C LYS A 13 -2.17 3.65 5.41
N GLU A 14 -2.34 4.38 4.32
CA GLU A 14 -1.33 5.31 3.84
C GLU A 14 -0.99 6.31 4.94
N LYS A 15 -2.04 6.85 5.58
CA LYS A 15 -1.87 7.80 6.67
C LYS A 15 -1.07 7.20 7.82
N ILE A 16 -1.35 5.94 8.17
CA ILE A 16 -0.67 5.28 9.28
C ILE A 16 0.81 5.16 8.97
N CYS A 17 1.09 4.77 7.74
CA CYS A 17 2.46 4.66 7.28
C CYS A 17 3.12 6.05 7.19
N ASN A 18 2.35 7.02 6.72
CA ASN A 18 2.83 8.39 6.57
C ASN A 18 3.08 9.04 7.93
N ALA A 19 2.34 8.59 8.94
CA ALA A 19 2.48 9.13 10.29
C ALA A 19 3.78 8.67 10.94
N ALA A 20 4.42 7.68 10.34
CA ALA A 20 5.72 7.22 10.80
C ALA A 20 6.80 8.13 10.21
N LYS A 21 6.44 8.77 9.11
CA LYS A 21 7.32 9.71 8.42
C LYS A 21 8.67 9.09 8.10
N ASP A 22 9.75 9.83 8.32
CA ASP A 22 11.09 9.38 7.99
C ASP A 22 11.63 8.43 9.04
N ASN A 23 10.83 8.15 10.07
CA ASN A 23 11.27 7.28 11.15
C ASN A 23 11.16 5.82 10.71
N GLN A 24 12.31 5.20 10.49
CA GLN A 24 12.35 3.84 9.98
C GLN A 24 11.74 2.84 10.96
N LYS A 25 12.09 2.96 12.23
CA LYS A 25 11.67 1.96 13.21
C LYS A 25 10.18 2.03 13.50
N ALA A 26 9.62 3.23 13.47
CA ALA A 26 8.18 3.39 13.60
C ALA A 26 7.48 2.67 12.45
N CYS A 27 8.10 2.74 11.27
CA CYS A 27 7.60 2.06 10.09
C CYS A 27 7.77 0.56 10.25
N GLU A 28 8.92 0.16 10.81
CA GLU A 28 9.20 -1.25 11.08
C GLU A 28 8.10 -1.87 11.95
N ASN A 29 7.62 -1.12 12.92
CA ASN A 29 6.54 -1.59 13.79
C ASN A 29 5.25 -1.72 12.99
N LEU A 30 5.01 -0.75 12.12
CA LEU A 30 3.78 -0.73 11.32
C LEU A 30 3.89 -1.61 10.08
N LYS A 31 5.05 -2.25 9.94
CA LYS A 31 5.31 -3.14 8.80
C LYS A 31 4.28 -4.25 8.76
N GLU A 32 3.85 -4.69 9.94
CA GLU A 32 2.84 -5.74 10.06
C GLU A 32 1.50 -5.26 9.51
N LYS A 33 1.21 -3.98 9.66
CA LYS A 33 -0.07 -3.43 9.24
C LYS A 33 -0.09 -3.16 7.74
N GLY A 34 1.08 -3.20 7.12
CA GLY A 34 1.15 -3.02 5.68
C GLY A 34 2.04 -1.87 5.27
N CYS A 35 2.85 -1.37 6.19
CA CYS A 35 3.75 -0.26 5.89
C CYS A 35 5.12 -0.76 5.48
N VAL A 36 5.77 -0.01 4.59
CA VAL A 36 7.13 -0.30 4.17
C VAL A 36 7.91 1.00 4.13
N PHE A 37 9.17 0.98 4.52
CA PHE A 37 9.97 2.17 4.45
C PHE A 37 10.38 2.40 3.00
N ASN A 38 10.09 3.58 2.50
CA ASN A 38 10.32 3.90 1.10
C ASN A 38 11.44 4.92 0.97
N THR A 39 12.63 4.43 0.68
CA THR A 39 13.82 5.26 0.65
C THR A 39 13.77 6.28 -0.48
N GLU A 40 12.88 6.06 -1.44
CA GLU A 40 12.76 6.95 -2.59
C GLU A 40 12.18 8.30 -2.13
N SER A 41 11.44 8.26 -1.03
CA SER A 41 10.89 9.46 -0.42
C SER A 41 11.45 9.66 0.98
N ASN A 42 12.31 8.72 1.39
CA ASN A 42 13.02 8.79 2.68
C ASN A 42 12.06 8.59 3.85
N LYS A 43 10.84 8.20 3.56
CA LYS A 43 9.82 8.07 4.59
C LYS A 43 9.02 6.78 4.42
N CYS A 44 8.24 6.45 5.44
CA CYS A 44 7.43 5.25 5.42
C CYS A 44 6.22 5.44 4.51
N GLU A 45 5.90 4.41 3.75
CA GLU A 45 4.83 4.46 2.78
C GLU A 45 4.03 3.16 2.82
N LEU A 46 2.80 3.18 2.35
CA LEU A 46 2.01 1.96 2.24
C LEU A 46 2.73 1.01 1.30
N LYS A 47 2.88 -0.25 1.71
CA LYS A 47 3.71 -1.20 0.97
C LYS A 47 3.36 -1.19 -0.51
N LYS A 48 4.41 -1.07 -1.32
CA LYS A 48 4.27 -0.71 -2.73
C LYS A 48 3.45 -1.73 -3.52
N ASP A 49 3.36 -2.95 -3.04
CA ASP A 49 2.54 -3.95 -3.70
C ASP A 49 1.07 -3.55 -3.66
N VAL A 50 0.66 -2.96 -2.56
CA VAL A 50 -0.72 -2.52 -2.40
C VAL A 50 -0.95 -1.25 -3.19
N LYS A 51 0.01 -0.33 -3.14
CA LYS A 51 -0.12 0.94 -3.85
C LYS A 51 -0.07 0.71 -5.36
N GLU A 52 0.75 -0.25 -5.78
CA GLU A 52 0.82 -0.63 -7.18
C GLU A 52 -0.53 -1.13 -7.66
N LYS A 53 -1.17 -1.95 -6.84
CA LYS A 53 -2.48 -2.50 -7.18
C LYS A 53 -3.60 -1.51 -6.87
N LEU A 54 -3.24 -0.39 -6.25
CA LEU A 54 -4.21 0.64 -5.92
C LEU A 54 -4.35 1.64 -7.06
N GLU A 55 -3.25 2.28 -7.43
CA GLU A 55 -3.27 3.31 -8.45
C GLU A 55 -2.84 2.77 -9.81
N LYS A 56 -2.52 1.48 -9.85
CA LYS A 56 -2.14 0.79 -11.09
C LYS A 56 -0.88 1.42 -11.71
N GLU A 57 -0.01 1.90 -10.83
CA GLU A 57 1.18 2.62 -11.26
C GLU A 57 2.29 1.63 -11.63
N SER A 58 1.91 0.62 -12.38
CA SER A 58 2.86 -0.32 -12.94
C SER A 58 3.08 0.00 -14.42
N LYS A 59 1.99 0.03 -15.16
CA LYS A 59 2.03 0.43 -16.57
C LYS A 59 1.39 1.80 -16.76
N GLU A 60 0.50 2.17 -15.86
CA GLU A 60 -0.19 3.44 -15.97
C GLU A 60 0.40 4.46 -15.01
N THR A 61 1.39 5.18 -15.48
CA THR A 61 2.02 6.24 -14.72
C THR A 61 1.49 7.60 -15.17
N GLU A 62 1.17 7.69 -16.46
CA GLU A 62 0.65 8.92 -17.03
C GLU A 62 -0.88 8.87 -17.10
N GLY A 63 -1.51 10.02 -17.18
CA GLY A 63 -2.95 10.11 -17.06
C GLY A 63 -3.34 10.47 -15.66
N LYS A 64 -2.35 10.99 -14.93
CA LYS A 64 -2.48 11.30 -13.51
C LYS A 64 -3.01 12.71 -13.30
N ASP A 65 -3.10 13.47 -14.39
CA ASP A 65 -3.40 14.90 -14.33
C ASP A 65 -2.27 15.62 -13.59
N GLU A 66 -1.16 15.80 -14.29
CA GLU A 66 0.00 16.48 -13.75
C GLU A 66 -0.42 17.89 -13.33
N LYS A 67 -0.70 18.73 -14.31
CA LYS A 67 -1.31 20.02 -14.06
C LYS A 67 -2.37 20.32 -15.12
N ALA A 68 -2.51 19.38 -16.06
CA ALA A 68 -3.48 19.48 -17.13
C ALA A 68 -3.62 18.12 -17.82
N ASN A 69 -4.69 17.41 -17.52
CA ASN A 69 -4.94 16.09 -18.08
C ASN A 69 -5.59 16.18 -19.46
N THR A 70 -5.36 17.30 -20.13
CA THR A 70 -6.02 17.61 -21.39
C THR A 70 -7.52 17.78 -21.17
N THR A 71 -7.88 18.93 -20.63
CA THR A 71 -9.26 19.22 -20.29
C THR A 71 -10.05 19.63 -21.54
N GLY A 72 -10.91 18.74 -22.00
CA GLY A 72 -11.65 18.98 -23.20
C GLY A 72 -11.36 17.95 -24.27
N SER A 73 -12.36 17.63 -25.07
CA SER A 73 -12.20 16.64 -26.12
C SER A 73 -12.52 17.27 -27.47
N GLY A 1 -9.24 5.40 -14.49
CA GLY A 1 -9.98 4.51 -13.56
C GLY A 1 -9.21 4.30 -12.28
N SER A 2 -9.53 3.20 -11.59
CA SER A 2 -8.93 2.86 -10.31
C SER A 2 -9.39 3.83 -9.22
N LYS A 3 -8.87 3.64 -7.99
CA LYS A 3 -9.21 4.50 -6.85
C LYS A 3 -10.68 4.31 -6.45
N LYS A 4 -11.58 5.04 -7.13
CA LYS A 4 -13.02 4.98 -6.87
C LYS A 4 -13.35 5.38 -5.44
N GLN A 5 -13.78 6.63 -5.25
CA GLN A 5 -14.11 7.16 -3.93
C GLN A 5 -12.89 7.17 -3.02
N GLN A 6 -13.11 7.24 -1.73
CA GLN A 6 -12.01 7.20 -0.78
C GLN A 6 -11.91 5.83 -0.14
N THR A 7 -11.04 5.00 -0.70
CA THR A 7 -10.77 3.67 -0.18
C THR A 7 -10.30 3.77 1.28
N GLU A 8 -11.17 3.40 2.20
CA GLU A 8 -10.92 3.60 3.62
C GLU A 8 -9.67 2.86 4.07
N SER A 9 -9.53 1.61 3.64
CA SER A 9 -8.41 0.78 4.02
C SER A 9 -7.09 1.44 3.60
N ALA A 10 -7.00 1.83 2.33
CA ALA A 10 -5.80 2.46 1.82
C ALA A 10 -5.57 3.82 2.48
N GLU A 11 -6.65 4.58 2.66
CA GLU A 11 -6.57 5.93 3.17
C GLU A 11 -5.94 5.96 4.56
N ASN A 12 -6.54 5.25 5.50
CA ASN A 12 -6.11 5.31 6.89
C ASN A 12 -4.75 4.62 7.06
N LYS A 13 -4.48 3.59 6.27
CA LYS A 13 -3.21 2.88 6.37
C LYS A 13 -2.09 3.77 5.90
N GLU A 14 -2.31 4.41 4.76
CA GLU A 14 -1.34 5.35 4.22
C GLU A 14 -1.07 6.47 5.21
N LYS A 15 -2.13 6.95 5.85
CA LYS A 15 -2.00 8.03 6.83
C LYS A 15 -1.24 7.55 8.06
N ILE A 16 -1.34 6.26 8.37
CA ILE A 16 -0.58 5.67 9.47
C ILE A 16 0.90 5.73 9.13
N CYS A 17 1.22 5.37 7.89
CA CYS A 17 2.57 5.45 7.38
C CYS A 17 3.05 6.91 7.39
N ASN A 18 2.16 7.81 7.00
CA ASN A 18 2.48 9.24 6.92
C ASN A 18 2.59 9.87 8.30
N ALA A 19 2.02 9.20 9.31
CA ALA A 19 2.11 9.67 10.68
C ALA A 19 3.48 9.37 11.27
N ALA A 20 4.15 8.37 10.69
CA ALA A 20 5.48 8.00 11.12
C ALA A 20 6.53 8.83 10.38
N LYS A 21 6.22 9.12 9.12
CA LYS A 21 7.03 10.01 8.29
C LYS A 21 8.38 9.40 7.96
N ASP A 22 9.35 9.60 8.83
CA ASP A 22 10.73 9.23 8.56
C ASP A 22 11.27 8.25 9.61
N ASN A 23 10.51 8.04 10.68
CA ASN A 23 10.99 7.19 11.76
C ASN A 23 10.92 5.71 11.37
N GLN A 24 11.98 5.27 10.72
CA GLN A 24 12.07 3.95 10.10
C GLN A 24 11.76 2.82 11.07
N LYS A 25 12.33 2.90 12.27
CA LYS A 25 12.18 1.81 13.22
C LYS A 25 10.72 1.65 13.65
N ALA A 26 10.03 2.76 13.84
CA ALA A 26 8.61 2.74 14.21
C ALA A 26 7.80 2.10 13.09
N CYS A 27 8.28 2.31 11.87
CA CYS A 27 7.63 1.80 10.69
C CYS A 27 7.87 0.32 10.51
N GLU A 28 9.07 -0.14 10.86
CA GLU A 28 9.34 -1.58 10.90
C GLU A 28 8.34 -2.27 11.83
N ASN A 29 7.97 -1.60 12.92
CA ASN A 29 6.99 -2.13 13.86
C ASN A 29 5.62 -2.28 13.20
N LEU A 30 5.19 -1.25 12.48
CA LEU A 30 3.88 -1.26 11.86
C LEU A 30 3.96 -1.65 10.37
N LYS A 31 5.07 -2.27 10.01
CA LYS A 31 5.29 -2.72 8.64
C LYS A 31 4.17 -3.67 8.17
N GLU A 32 3.83 -4.63 9.02
CA GLU A 32 2.82 -5.65 8.67
C GLU A 32 1.47 -5.03 8.40
N LYS A 33 1.26 -3.81 8.90
CA LYS A 33 0.00 -3.12 8.74
C LYS A 33 -0.16 -2.58 7.32
N GLY A 34 0.97 -2.43 6.64
CA GLY A 34 0.94 -1.97 5.26
C GLY A 34 2.01 -0.93 4.97
N CYS A 35 2.70 -0.50 6.02
CA CYS A 35 3.68 0.57 5.88
C CYS A 35 5.08 0.04 5.68
N VAL A 36 5.63 0.28 4.51
CA VAL A 36 6.99 -0.09 4.20
C VAL A 36 7.83 1.18 4.07
N PHE A 37 9.02 1.18 4.64
CA PHE A 37 9.87 2.34 4.52
C PHE A 37 10.47 2.39 3.12
N ASN A 38 10.21 3.48 2.44
CA ASN A 38 10.70 3.66 1.09
C ASN A 38 11.95 4.52 1.14
N THR A 39 13.09 3.91 0.85
CA THR A 39 14.36 4.61 0.92
C THR A 39 14.56 5.55 -0.28
N GLU A 40 13.76 5.34 -1.31
CA GLU A 40 13.82 6.17 -2.50
C GLU A 40 12.99 7.43 -2.31
N SER A 41 11.73 7.26 -1.92
CA SER A 41 10.86 8.38 -1.60
C SER A 41 11.30 9.00 -0.27
N ASN A 42 11.95 8.18 0.54
CA ASN A 42 12.53 8.61 1.82
C ASN A 42 11.43 8.92 2.83
N LYS A 43 10.48 8.02 2.93
CA LYS A 43 9.42 8.14 3.93
C LYS A 43 8.78 6.77 4.11
N CYS A 44 8.08 6.60 5.23
CA CYS A 44 7.30 5.40 5.44
C CYS A 44 6.06 5.45 4.57
N GLU A 45 5.95 4.51 3.66
CA GLU A 45 4.96 4.58 2.61
C GLU A 45 4.14 3.28 2.56
N LEU A 46 2.83 3.42 2.47
CA LEU A 46 1.96 2.27 2.29
C LEU A 46 2.36 1.53 1.02
N LYS A 47 2.57 0.23 1.15
CA LYS A 47 3.02 -0.57 0.04
C LYS A 47 1.86 -0.80 -0.92
N LYS A 48 1.67 0.13 -1.84
CA LYS A 48 0.53 0.09 -2.74
C LYS A 48 0.58 -1.15 -3.62
N ASP A 49 1.80 -1.63 -3.85
CA ASP A 49 2.02 -2.83 -4.65
C ASP A 49 1.46 -4.07 -3.94
N VAL A 50 1.85 -4.24 -2.69
CA VAL A 50 1.35 -5.36 -1.90
C VAL A 50 -0.12 -5.18 -1.58
N LYS A 51 -0.50 -3.95 -1.20
CA LYS A 51 -1.89 -3.66 -0.87
C LYS A 51 -2.80 -3.82 -2.08
N GLU A 52 -2.25 -3.62 -3.27
CA GLU A 52 -3.08 -3.73 -4.46
C GLU A 52 -3.39 -5.19 -4.73
N LYS A 53 -2.38 -6.03 -4.56
CA LYS A 53 -2.55 -7.46 -4.72
C LYS A 53 -3.47 -8.01 -3.63
N LEU A 54 -3.34 -7.46 -2.44
CA LEU A 54 -4.17 -7.84 -1.31
C LEU A 54 -5.57 -7.24 -1.43
N GLU A 55 -5.64 -6.03 -1.99
CA GLU A 55 -6.90 -5.34 -2.19
C GLU A 55 -7.85 -6.21 -3.00
N LYS A 56 -7.37 -6.58 -4.19
CA LYS A 56 -8.08 -7.46 -5.10
C LYS A 56 -9.37 -6.85 -5.63
N GLU A 57 -10.07 -7.65 -6.43
CA GLU A 57 -11.22 -7.18 -7.17
C GLU A 57 -12.23 -8.31 -7.35
N SER A 58 -11.73 -9.50 -7.65
CA SER A 58 -12.59 -10.65 -7.92
C SER A 58 -12.69 -11.58 -6.70
N LYS A 59 -12.66 -11.01 -5.50
CA LYS A 59 -12.80 -11.81 -4.29
C LYS A 59 -14.19 -11.63 -3.68
N GLU A 60 -15.12 -11.15 -4.47
CA GLU A 60 -16.48 -10.97 -4.02
C GLU A 60 -17.32 -12.17 -4.41
N THR A 61 -17.61 -13.02 -3.44
CA THR A 61 -18.49 -14.17 -3.66
C THR A 61 -19.90 -13.68 -3.98
N GLU A 62 -20.35 -12.72 -3.19
CA GLU A 62 -21.60 -12.03 -3.46
C GLU A 62 -21.34 -10.98 -4.54
N GLY A 63 -21.84 -11.25 -5.75
CA GLY A 63 -21.56 -10.40 -6.89
C GLY A 63 -21.98 -8.95 -6.68
N LYS A 64 -23.18 -8.77 -6.13
CA LYS A 64 -23.74 -7.45 -5.83
C LYS A 64 -24.13 -6.71 -7.10
N ASP A 65 -23.15 -6.39 -7.93
CA ASP A 65 -23.42 -5.72 -9.21
C ASP A 65 -23.96 -6.74 -10.20
N GLU A 66 -25.25 -7.00 -10.11
CA GLU A 66 -25.89 -8.01 -10.94
C GLU A 66 -27.12 -7.46 -11.64
N LYS A 67 -27.96 -6.75 -10.89
CA LYS A 67 -29.22 -6.25 -11.41
C LYS A 67 -28.97 -5.18 -12.46
N ALA A 68 -28.39 -4.07 -12.04
CA ALA A 68 -28.08 -2.96 -12.93
C ALA A 68 -27.08 -2.04 -12.24
N ASN A 69 -26.23 -2.65 -11.44
CA ASN A 69 -25.35 -1.91 -10.55
C ASN A 69 -24.02 -1.59 -11.22
N THR A 70 -23.67 -0.30 -11.20
CA THR A 70 -22.36 0.17 -11.64
C THR A 70 -22.14 0.07 -13.15
N THR A 71 -22.05 -1.15 -13.65
CA THR A 71 -21.77 -1.38 -15.05
C THR A 71 -23.05 -1.69 -15.82
N GLY A 72 -23.44 -0.76 -16.69
CA GLY A 72 -24.64 -0.95 -17.48
C GLY A 72 -24.33 -1.49 -18.86
N SER A 73 -23.32 -2.35 -18.93
CA SER A 73 -22.93 -2.98 -20.19
C SER A 73 -22.30 -4.33 -19.91
N GLY A 1 -14.16 -2.87 -16.99
CA GLY A 1 -13.62 -2.57 -15.65
C GLY A 1 -14.32 -1.40 -14.99
N SER A 2 -14.35 -1.41 -13.67
CA SER A 2 -14.96 -0.33 -12.90
C SER A 2 -13.86 0.49 -12.23
N LYS A 3 -13.68 1.72 -12.67
CA LYS A 3 -12.60 2.54 -12.15
C LYS A 3 -13.14 3.60 -11.21
N LYS A 4 -12.93 3.37 -9.92
CA LYS A 4 -13.29 4.33 -8.89
C LYS A 4 -12.14 4.48 -7.90
N GLN A 5 -11.48 5.63 -7.94
CA GLN A 5 -10.40 5.89 -6.98
C GLN A 5 -11.02 6.27 -5.65
N GLN A 6 -11.13 5.30 -4.78
CA GLN A 6 -11.75 5.52 -3.48
C GLN A 6 -10.68 5.68 -2.41
N THR A 7 -10.89 6.63 -1.53
CA THR A 7 -9.95 6.90 -0.46
C THR A 7 -9.88 5.71 0.50
N GLU A 8 -11.01 5.46 1.17
CA GLU A 8 -11.22 4.28 2.03
C GLU A 8 -9.99 3.86 2.85
N SER A 9 -9.92 2.55 3.11
CA SER A 9 -8.89 1.97 3.94
C SER A 9 -7.49 2.25 3.41
N ALA A 10 -7.36 2.38 2.10
CA ALA A 10 -6.08 2.70 1.48
C ALA A 10 -5.49 3.96 2.11
N GLU A 11 -6.32 4.98 2.24
CA GLU A 11 -5.88 6.25 2.82
C GLU A 11 -5.54 6.08 4.30
N ASN A 12 -6.34 5.32 5.03
CA ASN A 12 -6.07 5.09 6.45
C ASN A 12 -4.73 4.40 6.65
N LYS A 13 -4.55 3.31 5.94
CA LYS A 13 -3.31 2.56 6.01
C LYS A 13 -2.15 3.47 5.65
N GLU A 14 -2.31 4.23 4.57
CA GLU A 14 -1.34 5.23 4.19
C GLU A 14 -1.08 6.20 5.34
N LYS A 15 -2.16 6.75 5.90
CA LYS A 15 -2.07 7.68 7.02
C LYS A 15 -1.30 7.09 8.19
N ILE A 16 -1.51 5.82 8.47
CA ILE A 16 -0.84 5.17 9.57
C ILE A 16 0.66 5.03 9.28
N CYS A 17 0.97 4.69 8.04
CA CYS A 17 2.34 4.59 7.59
C CYS A 17 3.00 5.97 7.55
N ASN A 18 2.28 6.95 7.01
CA ASN A 18 2.82 8.30 6.83
C ASN A 18 3.08 8.96 8.18
N ALA A 19 2.32 8.56 9.18
CA ALA A 19 2.48 9.10 10.53
C ALA A 19 3.84 8.76 11.14
N ALA A 20 4.54 7.79 10.55
CA ALA A 20 5.87 7.41 11.01
C ALA A 20 6.91 8.31 10.37
N LYS A 21 6.57 8.82 9.20
CA LYS A 21 7.39 9.77 8.45
C LYS A 21 8.81 9.25 8.18
N ASP A 22 9.76 9.75 8.95
CA ASP A 22 11.18 9.55 8.66
C ASP A 22 11.76 8.42 9.50
N ASN A 23 11.13 8.10 10.62
CA ASN A 23 11.67 7.06 11.49
C ASN A 23 11.37 5.67 10.94
N GLN A 24 12.39 5.05 10.38
CA GLN A 24 12.29 3.74 9.78
C GLN A 24 11.93 2.69 10.81
N LYS A 25 12.49 2.82 12.01
CA LYS A 25 12.27 1.85 13.07
C LYS A 25 10.80 1.79 13.43
N ALA A 26 10.18 2.97 13.60
CA ALA A 26 8.76 3.03 13.93
C ALA A 26 7.93 2.45 12.80
N CYS A 27 8.32 2.75 11.57
CA CYS A 27 7.65 2.23 10.39
C CYS A 27 7.66 0.70 10.42
N GLU A 28 8.83 0.13 10.63
CA GLU A 28 8.98 -1.31 10.63
C GLU A 28 8.53 -1.93 11.95
N ASN A 29 8.08 -1.08 12.88
CA ASN A 29 7.39 -1.56 14.09
C ASN A 29 5.94 -1.86 13.75
N LEU A 30 5.32 -0.96 13.01
CA LEU A 30 3.95 -1.14 12.56
C LEU A 30 3.92 -1.71 11.13
N LYS A 31 5.10 -2.19 10.72
CA LYS A 31 5.31 -2.88 9.44
C LYS A 31 4.18 -3.86 9.11
N GLU A 32 3.65 -4.54 10.12
CA GLU A 32 2.63 -5.57 9.93
C GLU A 32 1.36 -4.98 9.29
N LYS A 33 1.17 -3.67 9.42
CA LYS A 33 0.01 -3.01 8.83
C LYS A 33 0.18 -2.86 7.32
N GLY A 34 1.35 -3.21 6.82
CA GLY A 34 1.63 -3.08 5.41
C GLY A 34 2.43 -1.83 5.11
N CYS A 35 3.04 -1.27 6.16
CA CYS A 35 3.81 -0.05 6.03
C CYS A 35 5.27 -0.37 5.72
N VAL A 36 5.63 -0.17 4.47
CA VAL A 36 7.00 -0.36 4.05
C VAL A 36 7.69 1.00 3.92
N PHE A 37 8.78 1.19 4.64
CA PHE A 37 9.51 2.43 4.58
C PHE A 37 10.08 2.61 3.18
N ASN A 38 9.74 3.71 2.56
CA ASN A 38 10.13 3.97 1.20
C ASN A 38 11.34 4.90 1.16
N THR A 39 12.48 4.34 0.81
CA THR A 39 13.72 5.08 0.76
C THR A 39 13.79 5.98 -0.47
N GLU A 40 13.02 5.62 -1.50
CA GLU A 40 13.03 6.36 -2.75
C GLU A 40 12.52 7.79 -2.54
N SER A 41 11.47 7.94 -1.73
CA SER A 41 10.91 9.24 -1.44
C SER A 41 11.24 9.67 -0.01
N ASN A 42 11.97 8.81 0.71
CA ASN A 42 12.36 9.04 2.10
C ASN A 42 11.14 9.32 2.98
N LYS A 43 10.34 8.28 3.19
CA LYS A 43 9.19 8.34 4.09
C LYS A 43 8.51 6.99 4.19
N CYS A 44 7.98 6.67 5.36
CA CYS A 44 7.23 5.44 5.54
C CYS A 44 5.90 5.54 4.82
N GLU A 45 5.66 4.60 3.92
CA GLU A 45 4.45 4.62 3.11
C GLU A 45 3.84 3.23 3.04
N LEU A 46 2.65 3.15 2.46
CA LEU A 46 1.97 1.88 2.33
C LEU A 46 2.55 1.10 1.16
N LYS A 47 2.45 -0.23 1.21
CA LYS A 47 2.98 -1.10 0.16
C LYS A 47 2.46 -0.68 -1.23
N LYS A 48 1.34 0.03 -1.26
CA LYS A 48 0.75 0.53 -2.49
C LYS A 48 1.76 1.25 -3.36
N ASP A 49 2.43 2.21 -2.77
CA ASP A 49 3.32 3.10 -3.51
C ASP A 49 4.55 2.36 -4.01
N VAL A 50 5.09 1.51 -3.15
CA VAL A 50 6.28 0.73 -3.49
C VAL A 50 5.98 -0.25 -4.61
N LYS A 51 4.85 -0.94 -4.51
CA LYS A 51 4.46 -1.90 -5.55
C LYS A 51 4.03 -1.17 -6.81
N GLU A 52 3.62 0.08 -6.63
CA GLU A 52 3.33 0.95 -7.77
C GLU A 52 4.61 1.21 -8.56
N LYS A 53 5.70 1.43 -7.83
CA LYS A 53 7.01 1.66 -8.46
C LYS A 53 7.59 0.36 -8.98
N LEU A 54 6.98 -0.76 -8.55
CA LEU A 54 7.36 -2.07 -9.05
C LEU A 54 6.61 -2.36 -10.35
N GLU A 55 5.36 -1.89 -10.43
CA GLU A 55 4.57 -2.03 -11.64
C GLU A 55 5.09 -1.06 -12.71
N LYS A 56 5.42 0.15 -12.26
CA LYS A 56 6.07 1.12 -13.12
C LYS A 56 7.44 0.60 -13.51
N GLU A 57 7.63 0.37 -14.81
CA GLU A 57 8.85 -0.22 -15.33
C GLU A 57 9.05 -1.60 -14.72
N SER A 58 8.01 -2.42 -14.80
CA SER A 58 8.02 -3.76 -14.23
C SER A 58 9.19 -4.58 -14.77
N LYS A 59 10.21 -4.73 -13.95
CA LYS A 59 11.42 -5.43 -14.35
C LYS A 59 11.68 -6.66 -13.48
N GLU A 60 11.57 -6.47 -12.16
CA GLU A 60 11.84 -7.53 -11.17
C GLU A 60 13.30 -7.97 -11.21
N THR A 61 13.67 -8.72 -12.22
CA THR A 61 15.03 -9.20 -12.37
C THR A 61 15.51 -9.07 -13.82
N GLU A 62 15.85 -7.85 -14.19
CA GLU A 62 16.33 -7.56 -15.54
C GLU A 62 17.85 -7.68 -15.61
N GLY A 63 18.44 -8.10 -14.52
CA GLY A 63 19.88 -8.14 -14.43
C GLY A 63 20.36 -7.70 -13.06
N LYS A 64 19.96 -8.44 -12.05
CA LYS A 64 20.35 -8.16 -10.68
C LYS A 64 20.46 -9.47 -9.91
N ASP A 65 21.51 -9.59 -9.12
CA ASP A 65 21.71 -10.79 -8.30
C ASP A 65 21.78 -12.03 -9.18
N GLU A 66 21.43 -13.18 -8.60
CA GLU A 66 21.35 -14.46 -9.32
C GLU A 66 22.72 -14.87 -9.87
N LYS A 67 23.76 -14.24 -9.34
CA LYS A 67 25.14 -14.48 -9.75
C LYS A 67 26.06 -13.48 -9.06
N ALA A 68 25.84 -12.22 -9.38
CA ALA A 68 26.68 -11.14 -8.89
C ALA A 68 25.89 -10.19 -7.99
N ASN A 69 26.20 -10.22 -6.71
CA ASN A 69 25.56 -9.35 -5.73
C ASN A 69 26.38 -9.28 -4.45
N THR A 70 27.03 -10.42 -4.12
CA THR A 70 27.99 -10.54 -3.02
C THR A 70 27.37 -10.17 -1.66
N THR A 71 28.15 -10.39 -0.62
CA THR A 71 27.80 -9.96 0.72
C THR A 71 28.95 -9.12 1.28
N GLY A 72 29.98 -8.98 0.47
CA GLY A 72 31.12 -8.18 0.82
C GLY A 72 31.93 -7.86 -0.42
N SER A 73 32.09 -6.58 -0.71
CA SER A 73 32.72 -6.09 -1.95
C SER A 73 32.13 -6.81 -3.16
N GLY A 1 -17.22 5.59 -6.63
CA GLY A 1 -16.26 4.80 -7.43
C GLY A 1 -16.84 3.47 -7.84
N SER A 2 -16.39 2.96 -8.99
CA SER A 2 -16.86 1.68 -9.48
C SER A 2 -15.95 0.55 -9.00
N LYS A 3 -14.64 0.81 -9.03
CA LYS A 3 -13.68 -0.16 -8.51
C LYS A 3 -13.52 0.06 -7.01
N LYS A 4 -13.83 1.27 -6.57
CA LYS A 4 -13.56 1.67 -5.21
C LYS A 4 -14.77 1.46 -4.32
N GLN A 5 -14.77 0.37 -3.58
CA GLN A 5 -15.82 0.11 -2.61
C GLN A 5 -15.47 0.76 -1.27
N GLN A 6 -14.17 0.84 -1.01
CA GLN A 6 -13.68 1.44 0.23
C GLN A 6 -12.47 2.32 -0.04
N THR A 7 -12.64 3.62 0.19
CA THR A 7 -11.52 4.55 0.09
C THR A 7 -10.82 4.62 1.44
N GLU A 8 -11.54 4.22 2.48
CA GLU A 8 -11.04 4.18 3.84
C GLU A 8 -9.77 3.36 3.94
N SER A 9 -9.73 2.25 3.21
CA SER A 9 -8.60 1.34 3.25
C SER A 9 -7.29 2.06 2.96
N ALA A 10 -7.24 2.79 1.85
CA ALA A 10 -6.05 3.54 1.48
C ALA A 10 -5.87 4.72 2.42
N GLU A 11 -6.99 5.38 2.72
CA GLU A 11 -7.00 6.59 3.53
C GLU A 11 -6.30 6.37 4.88
N ASN A 12 -6.80 5.41 5.65
CA ASN A 12 -6.28 5.19 6.99
C ASN A 12 -4.93 4.49 6.95
N LYS A 13 -4.74 3.56 6.02
CA LYS A 13 -3.48 2.82 5.95
C LYS A 13 -2.33 3.73 5.56
N GLU A 14 -2.53 4.56 4.55
CA GLU A 14 -1.53 5.54 4.18
C GLU A 14 -1.23 6.44 5.36
N LYS A 15 -2.28 6.93 6.01
CA LYS A 15 -2.14 7.84 7.14
C LYS A 15 -1.37 7.17 8.29
N ILE A 16 -1.56 5.87 8.46
CA ILE A 16 -0.86 5.12 9.48
C ILE A 16 0.63 5.04 9.13
N CYS A 17 0.89 4.65 7.89
CA CYS A 17 2.25 4.53 7.40
C CYS A 17 2.94 5.91 7.39
N ASN A 18 2.21 6.93 6.96
CA ASN A 18 2.81 8.25 6.80
C ASN A 18 2.99 8.93 8.14
N ALA A 19 2.29 8.43 9.15
CA ALA A 19 2.42 8.95 10.51
C ALA A 19 3.83 8.75 11.05
N ALA A 20 4.52 7.73 10.54
CA ALA A 20 5.88 7.43 10.97
C ALA A 20 6.84 8.39 10.31
N LYS A 21 6.41 8.93 9.17
CA LYS A 21 7.14 9.96 8.44
C LYS A 21 8.53 9.49 8.03
N ASP A 22 9.55 10.03 8.70
CA ASP A 22 10.94 9.71 8.36
C ASP A 22 11.52 8.71 9.36
N ASN A 23 10.71 8.32 10.34
CA ASN A 23 11.16 7.39 11.36
C ASN A 23 11.00 5.96 10.89
N GLN A 24 12.12 5.33 10.55
CA GLN A 24 12.11 3.98 10.01
C GLN A 24 11.71 2.96 11.07
N LYS A 25 12.17 3.13 12.30
CA LYS A 25 11.90 2.17 13.36
C LYS A 25 10.40 2.06 13.61
N ALA A 26 9.71 3.20 13.62
CA ALA A 26 8.27 3.21 13.76
C ALA A 26 7.62 2.48 12.59
N CYS A 27 8.21 2.63 11.42
CA CYS A 27 7.70 1.99 10.22
C CYS A 27 7.90 0.49 10.28
N GLU A 28 9.04 0.08 10.82
CA GLU A 28 9.33 -1.34 11.02
C GLU A 28 8.32 -1.97 11.96
N ASN A 29 7.77 -1.16 12.85
CA ASN A 29 6.70 -1.59 13.75
C ASN A 29 5.37 -1.61 13.01
N LEU A 30 5.27 -0.78 11.98
CA LEU A 30 4.06 -0.69 11.17
C LEU A 30 4.11 -1.67 9.99
N LYS A 31 5.19 -2.44 9.93
CA LYS A 31 5.36 -3.48 8.93
C LYS A 31 4.15 -4.41 8.89
N GLU A 32 3.60 -4.68 10.08
CA GLU A 32 2.41 -5.51 10.23
C GLU A 32 1.24 -4.99 9.40
N LYS A 33 1.09 -3.67 9.35
CA LYS A 33 -0.05 -3.04 8.70
C LYS A 33 0.15 -3.00 7.18
N GLY A 34 1.38 -3.22 6.75
CA GLY A 34 1.69 -3.14 5.34
C GLY A 34 2.51 -1.93 5.00
N CYS A 35 3.01 -1.25 6.04
CA CYS A 35 3.85 -0.08 5.86
C CYS A 35 5.29 -0.50 5.64
N VAL A 36 5.92 0.07 4.63
CA VAL A 36 7.31 -0.21 4.32
C VAL A 36 8.07 1.09 4.12
N PHE A 37 9.18 1.25 4.81
CA PHE A 37 10.00 2.43 4.64
C PHE A 37 10.58 2.45 3.24
N ASN A 38 10.26 3.50 2.52
CA ASN A 38 10.64 3.63 1.13
C ASN A 38 11.76 4.65 1.01
N THR A 39 12.97 4.19 0.73
CA THR A 39 14.13 5.07 0.64
C THR A 39 14.13 5.89 -0.64
N GLU A 40 13.29 5.47 -1.59
CA GLU A 40 13.05 6.25 -2.81
C GLU A 40 12.59 7.65 -2.45
N SER A 41 11.57 7.74 -1.62
CA SER A 41 11.02 9.01 -1.19
C SER A 41 11.59 9.40 0.18
N ASN A 42 12.29 8.46 0.80
CA ASN A 42 12.76 8.59 2.18
C ASN A 42 11.56 8.87 3.08
N LYS A 43 10.71 7.86 3.21
CA LYS A 43 9.44 8.02 3.88
C LYS A 43 8.84 6.66 4.17
N CYS A 44 8.18 6.52 5.31
CA CYS A 44 7.38 5.34 5.57
C CYS A 44 6.09 5.43 4.77
N GLU A 45 5.87 4.46 3.90
CA GLU A 45 4.73 4.50 3.00
C GLU A 45 4.07 3.14 2.91
N LEU A 46 2.78 3.12 2.62
CA LEU A 46 2.06 1.88 2.41
C LEU A 46 2.63 1.20 1.18
N LYS A 47 3.17 -0.01 1.36
CA LYS A 47 3.89 -0.69 0.28
C LYS A 47 3.04 -0.80 -0.98
N LYS A 48 3.69 -0.72 -2.12
CA LYS A 48 3.00 -0.63 -3.39
C LYS A 48 2.11 -1.84 -3.66
N ASP A 49 2.48 -2.98 -3.10
CA ASP A 49 1.76 -4.22 -3.35
C ASP A 49 0.34 -4.15 -2.81
N VAL A 50 0.17 -3.60 -1.61
CA VAL A 50 -1.15 -3.50 -1.02
C VAL A 50 -1.90 -2.28 -1.55
N LYS A 51 -1.16 -1.24 -1.88
CA LYS A 51 -1.76 -0.03 -2.44
C LYS A 51 -2.22 -0.30 -3.88
N GLU A 52 -1.51 -1.15 -4.58
CA GLU A 52 -1.92 -1.52 -5.93
C GLU A 52 -3.11 -2.47 -5.86
N LYS A 53 -3.20 -3.24 -4.79
CA LYS A 53 -4.36 -4.10 -4.56
C LYS A 53 -5.58 -3.25 -4.23
N LEU A 54 -5.32 -2.11 -3.61
CA LEU A 54 -6.36 -1.15 -3.27
C LEU A 54 -6.99 -0.60 -4.55
N GLU A 55 -6.16 -0.36 -5.55
CA GLU A 55 -6.63 0.03 -6.87
C GLU A 55 -7.16 -1.18 -7.64
N LYS A 56 -6.33 -2.23 -7.68
CA LYS A 56 -6.66 -3.44 -8.40
C LYS A 56 -7.43 -4.40 -7.49
N GLU A 57 -8.71 -4.12 -7.34
CA GLU A 57 -9.61 -5.04 -6.64
C GLU A 57 -9.86 -6.26 -7.51
N SER A 58 -9.97 -6.04 -8.81
CA SER A 58 -10.18 -7.12 -9.76
C SER A 58 -9.75 -6.72 -11.17
N LYS A 59 -9.97 -5.46 -11.54
CA LYS A 59 -9.72 -5.02 -12.92
C LYS A 59 -8.64 -3.95 -13.01
N GLU A 60 -7.43 -4.32 -12.62
CA GLU A 60 -6.24 -3.45 -12.67
C GLU A 60 -6.54 -1.99 -12.34
N THR A 61 -6.75 -1.18 -13.37
CA THR A 61 -6.94 0.26 -13.19
C THR A 61 -7.69 0.90 -14.37
N GLU A 62 -7.73 0.21 -15.52
CA GLU A 62 -8.34 0.75 -16.74
C GLU A 62 -7.50 1.89 -17.30
N GLY A 63 -6.72 1.57 -18.33
CA GLY A 63 -5.83 2.54 -18.93
C GLY A 63 -4.43 2.42 -18.38
N LYS A 64 -4.15 3.22 -17.35
CA LYS A 64 -2.87 3.15 -16.66
C LYS A 64 -3.02 3.74 -15.27
N ASP A 65 -1.92 3.78 -14.54
CA ASP A 65 -1.94 4.21 -13.14
C ASP A 65 -2.00 5.72 -13.03
N GLU A 66 -2.30 6.38 -14.14
CA GLU A 66 -2.47 7.84 -14.16
C GLU A 66 -3.58 8.26 -13.21
N LYS A 67 -4.65 7.49 -13.19
CA LYS A 67 -5.80 7.79 -12.37
C LYS A 67 -5.84 6.87 -11.15
N ALA A 68 -4.71 6.27 -10.84
CA ALA A 68 -4.64 5.32 -9.73
C ALA A 68 -3.32 5.45 -8.98
N ASN A 69 -2.33 4.63 -9.34
CA ASN A 69 -1.07 4.59 -8.62
C ASN A 69 -0.12 5.67 -9.13
N THR A 70 -0.33 6.89 -8.67
CA THR A 70 0.55 7.99 -9.01
C THR A 70 1.44 8.34 -7.83
N THR A 71 2.70 7.95 -7.92
CA THR A 71 3.66 8.23 -6.84
C THR A 71 4.09 9.69 -6.88
N GLY A 72 4.31 10.26 -5.70
CA GLY A 72 4.69 11.65 -5.63
C GLY A 72 3.52 12.59 -5.78
N SER A 73 2.51 12.39 -4.95
CA SER A 73 1.34 13.26 -4.96
C SER A 73 1.34 14.13 -3.69
N GLY A 1 -17.41 5.81 -4.86
CA GLY A 1 -18.05 4.66 -4.17
C GLY A 1 -17.63 4.56 -2.72
N SER A 2 -17.24 5.68 -2.13
CA SER A 2 -16.78 5.69 -0.75
C SER A 2 -17.97 5.70 0.21
N LYS A 3 -18.50 4.51 0.46
CA LYS A 3 -19.65 4.36 1.34
C LYS A 3 -19.61 3.01 2.05
N LYS A 4 -19.70 1.94 1.28
CA LYS A 4 -19.71 0.60 1.84
C LYS A 4 -18.30 0.12 2.15
N GLN A 5 -17.48 0.02 1.11
CA GLN A 5 -16.09 -0.36 1.27
C GLN A 5 -15.35 -0.16 -0.05
N GLN A 6 -14.19 0.48 0.01
CA GLN A 6 -13.36 0.69 -1.18
C GLN A 6 -12.10 1.47 -0.85
N THR A 7 -12.29 2.70 -0.43
CA THR A 7 -11.19 3.63 -0.27
C THR A 7 -10.72 3.76 1.17
N GLU A 8 -11.63 3.59 2.12
CA GLU A 8 -11.34 3.91 3.52
C GLU A 8 -10.13 3.12 4.05
N SER A 9 -9.96 1.89 3.56
CA SER A 9 -8.84 1.06 3.97
C SER A 9 -7.51 1.70 3.55
N ALA A 10 -7.45 2.17 2.31
CA ALA A 10 -6.26 2.81 1.79
C ALA A 10 -6.03 4.15 2.46
N GLU A 11 -7.12 4.90 2.64
CA GLU A 11 -7.08 6.24 3.23
C GLU A 11 -6.35 6.23 4.58
N ASN A 12 -6.88 5.44 5.52
CA ASN A 12 -6.37 5.43 6.87
C ASN A 12 -5.02 4.74 6.96
N LYS A 13 -4.78 3.76 6.08
CA LYS A 13 -3.51 3.03 6.09
C LYS A 13 -2.39 3.95 5.64
N GLU A 14 -2.66 4.71 4.60
CA GLU A 14 -1.72 5.69 4.11
C GLU A 14 -1.37 6.67 5.22
N LYS A 15 -2.38 7.04 6.01
CA LYS A 15 -2.19 7.96 7.13
C LYS A 15 -1.38 7.30 8.23
N ILE A 16 -1.60 6.01 8.45
CA ILE A 16 -0.85 5.26 9.45
C ILE A 16 0.61 5.23 9.06
N CYS A 17 0.86 4.92 7.81
CA CYS A 17 2.20 4.89 7.25
C CYS A 17 2.84 6.28 7.34
N ASN A 18 2.09 7.30 6.97
CA ASN A 18 2.64 8.65 6.89
C ASN A 18 2.84 9.25 8.28
N ALA A 19 2.15 8.71 9.27
CA ALA A 19 2.31 9.15 10.64
C ALA A 19 3.64 8.70 11.23
N ALA A 20 4.31 7.80 10.51
CA ALA A 20 5.64 7.35 10.90
C ALA A 20 6.67 8.25 10.23
N LYS A 21 6.21 8.99 9.24
CA LYS A 21 7.01 9.94 8.48
C LYS A 21 8.25 9.28 7.88
N ASP A 22 9.38 9.47 8.54
CA ASP A 22 10.66 9.00 8.03
C ASP A 22 11.38 8.19 9.09
N ASN A 23 10.65 7.82 10.13
CA ASN A 23 11.20 7.00 11.19
C ASN A 23 11.16 5.54 10.81
N GLN A 24 12.29 5.01 10.33
CA GLN A 24 12.35 3.62 9.91
C GLN A 24 12.08 2.69 11.09
N LYS A 25 12.49 3.11 12.28
CA LYS A 25 12.20 2.33 13.49
C LYS A 25 10.70 2.13 13.64
N ALA A 26 9.96 3.23 13.58
CA ALA A 26 8.52 3.18 13.72
C ALA A 26 7.90 2.43 12.55
N CYS A 27 8.50 2.60 11.37
CA CYS A 27 8.06 1.89 10.18
C CYS A 27 8.21 0.39 10.34
N GLU A 28 9.32 -0.04 10.91
CA GLU A 28 9.55 -1.46 11.18
C GLU A 28 8.48 -2.01 12.13
N ASN A 29 8.02 -1.17 13.05
CA ASN A 29 6.96 -1.55 13.97
C ASN A 29 5.65 -1.80 13.24
N LEU A 30 5.23 -0.84 12.44
CA LEU A 30 3.93 -0.92 11.77
C LEU A 30 4.07 -1.47 10.35
N LYS A 31 5.21 -2.08 10.05
CA LYS A 31 5.44 -2.71 8.77
C LYS A 31 4.44 -3.86 8.57
N GLU A 32 4.11 -4.50 9.70
CA GLU A 32 3.11 -5.56 9.74
C GLU A 32 1.74 -5.08 9.26
N LYS A 33 1.51 -3.78 9.38
CA LYS A 33 0.20 -3.20 9.10
C LYS A 33 0.07 -2.78 7.64
N GLY A 34 1.11 -3.05 6.85
CA GLY A 34 1.03 -2.76 5.44
C GLY A 34 1.79 -1.51 5.06
N CYS A 35 2.68 -1.07 5.92
CA CYS A 35 3.50 0.09 5.64
C CYS A 35 4.91 -0.34 5.28
N VAL A 36 5.47 0.29 4.27
CA VAL A 36 6.83 -0.02 3.83
C VAL A 36 7.66 1.25 3.81
N PHE A 37 8.91 1.16 4.23
CA PHE A 37 9.79 2.29 4.24
C PHE A 37 10.42 2.48 2.87
N ASN A 38 10.37 3.69 2.38
CA ASN A 38 10.95 4.04 1.09
C ASN A 38 12.30 4.70 1.32
N THR A 39 13.35 4.15 0.75
CA THR A 39 14.70 4.67 0.96
C THR A 39 15.07 5.69 -0.10
N GLU A 40 14.26 5.78 -1.15
CA GLU A 40 14.46 6.76 -2.19
C GLU A 40 13.88 8.10 -1.76
N SER A 41 12.58 8.10 -1.49
CA SER A 41 11.90 9.29 -1.00
C SER A 41 12.18 9.49 0.48
N ASN A 42 12.66 8.42 1.12
CA ASN A 42 13.02 8.42 2.54
C ASN A 42 11.82 8.76 3.40
N LYS A 43 10.84 7.85 3.40
CA LYS A 43 9.62 8.01 4.18
C LYS A 43 8.80 6.73 4.11
N CYS A 44 7.90 6.56 5.07
CA CYS A 44 6.98 5.43 5.06
C CYS A 44 5.83 5.67 4.06
N GLU A 45 5.47 4.62 3.33
CA GLU A 45 4.34 4.66 2.41
C GLU A 45 3.58 3.34 2.49
N LEU A 46 2.37 3.32 1.95
CA LEU A 46 1.55 2.11 1.93
C LEU A 46 2.15 1.07 0.99
N LYS A 47 2.20 -0.17 1.47
CA LYS A 47 2.79 -1.28 0.71
C LYS A 47 1.96 -1.60 -0.53
N LYS A 48 2.34 -1.00 -1.66
CA LYS A 48 1.60 -1.16 -2.91
C LYS A 48 1.64 -2.60 -3.38
N ASP A 49 2.76 -3.26 -3.16
CA ASP A 49 2.97 -4.64 -3.59
C ASP A 49 1.81 -5.52 -3.15
N VAL A 50 1.58 -5.55 -1.84
CA VAL A 50 0.55 -6.38 -1.25
C VAL A 50 -0.82 -5.96 -1.74
N LYS A 51 -1.12 -4.66 -1.68
CA LYS A 51 -2.44 -4.18 -2.07
C LYS A 51 -2.67 -4.31 -3.57
N GLU A 52 -1.61 -4.32 -4.35
CA GLU A 52 -1.75 -4.46 -5.80
C GLU A 52 -2.31 -5.84 -6.15
N LYS A 53 -1.72 -6.88 -5.58
CA LYS A 53 -2.20 -8.24 -5.81
C LYS A 53 -3.39 -8.57 -4.90
N LEU A 54 -3.74 -7.62 -4.04
CA LEU A 54 -4.92 -7.75 -3.20
C LEU A 54 -6.10 -7.03 -3.86
N GLU A 55 -5.82 -5.87 -4.44
CA GLU A 55 -6.83 -5.04 -5.09
C GLU A 55 -7.44 -5.80 -6.26
N LYS A 56 -6.59 -6.26 -7.16
CA LYS A 56 -7.03 -7.07 -8.29
C LYS A 56 -5.99 -8.11 -8.66
N GLU A 57 -6.24 -9.35 -8.29
CA GLU A 57 -5.41 -10.45 -8.71
C GLU A 57 -6.19 -11.31 -9.71
N SER A 58 -7.49 -11.41 -9.48
CA SER A 58 -8.35 -12.17 -10.37
C SER A 58 -9.77 -11.62 -10.39
N LYS A 59 -9.97 -10.55 -11.15
CA LYS A 59 -11.31 -10.04 -11.42
C LYS A 59 -11.74 -10.52 -12.80
N GLU A 60 -10.75 -10.69 -13.67
CA GLU A 60 -10.97 -11.16 -15.01
C GLU A 60 -11.20 -12.67 -15.03
N THR A 61 -12.46 -13.06 -14.93
CA THR A 61 -12.84 -14.46 -14.95
C THR A 61 -13.01 -14.97 -16.39
N GLU A 62 -12.34 -14.30 -17.32
CA GLU A 62 -12.39 -14.67 -18.72
C GLU A 62 -11.05 -14.33 -19.37
N GLY A 63 -9.98 -14.73 -18.71
CA GLY A 63 -8.64 -14.49 -19.22
C GLY A 63 -8.02 -15.76 -19.75
N LYS A 64 -8.87 -16.60 -20.34
CA LYS A 64 -8.46 -17.91 -20.86
C LYS A 64 -8.08 -18.82 -19.69
N ASP A 65 -8.60 -18.47 -18.52
CA ASP A 65 -8.40 -19.24 -17.30
C ASP A 65 -9.41 -20.40 -17.25
N GLU A 66 -10.01 -20.61 -16.07
CA GLU A 66 -11.01 -21.66 -15.87
C GLU A 66 -10.39 -23.05 -15.91
N LYS A 67 -10.03 -23.48 -17.11
CA LYS A 67 -9.55 -24.85 -17.32
C LYS A 67 -8.04 -24.99 -17.04
N ALA A 68 -7.25 -24.14 -17.66
CA ALA A 68 -5.81 -24.21 -17.51
C ALA A 68 -5.34 -23.37 -16.33
N ASN A 69 -5.68 -22.11 -16.36
CA ASN A 69 -5.31 -21.20 -15.29
C ASN A 69 -6.38 -21.22 -14.20
N THR A 70 -5.99 -21.59 -12.99
CA THR A 70 -6.94 -21.64 -11.89
C THR A 70 -7.00 -20.31 -11.15
N THR A 71 -6.03 -19.45 -11.44
CA THR A 71 -5.93 -18.15 -10.81
C THR A 71 -6.53 -17.06 -11.71
N GLY A 72 -5.84 -16.79 -12.80
CA GLY A 72 -6.28 -15.78 -13.75
C GLY A 72 -5.44 -15.80 -15.00
N SER A 73 -4.53 -14.85 -15.12
CA SER A 73 -3.64 -14.78 -16.26
C SER A 73 -2.49 -13.82 -15.95
N GLY A 1 -10.18 -11.00 0.86
CA GLY A 1 -10.81 -9.81 1.46
C GLY A 1 -10.51 -8.54 0.69
N SER A 2 -10.95 -8.49 -0.55
CA SER A 2 -10.74 -7.33 -1.40
C SER A 2 -11.95 -6.40 -1.34
N LYS A 3 -13.14 -6.99 -1.32
CA LYS A 3 -14.40 -6.24 -1.33
C LYS A 3 -14.43 -5.27 -2.51
N LYS A 4 -14.67 -4.00 -2.22
CA LYS A 4 -14.66 -2.95 -3.22
C LYS A 4 -14.61 -1.60 -2.50
N GLN A 5 -14.33 -0.54 -3.24
CA GLN A 5 -14.22 0.80 -2.66
C GLN A 5 -13.14 0.82 -1.59
N GLN A 6 -11.89 0.95 -2.02
CA GLN A 6 -10.75 0.84 -1.12
C GLN A 6 -10.32 2.23 -0.63
N THR A 7 -11.24 3.19 -0.73
CA THR A 7 -10.97 4.57 -0.33
C THR A 7 -10.50 4.65 1.13
N GLU A 8 -11.30 4.07 2.03
CA GLU A 8 -11.00 4.10 3.45
C GLU A 8 -9.73 3.33 3.76
N SER A 9 -9.62 2.13 3.20
CA SER A 9 -8.48 1.26 3.43
C SER A 9 -7.18 1.90 2.97
N ALA A 10 -7.19 2.48 1.78
CA ALA A 10 -6.00 3.14 1.25
C ALA A 10 -5.65 4.37 2.06
N GLU A 11 -6.68 5.08 2.51
CA GLU A 11 -6.50 6.31 3.29
C GLU A 11 -5.83 6.03 4.63
N ASN A 12 -6.50 5.23 5.47
CA ASN A 12 -6.04 5.03 6.85
C ASN A 12 -4.70 4.31 6.89
N LYS A 13 -4.45 3.42 5.93
CA LYS A 13 -3.19 2.70 5.89
C LYS A 13 -2.07 3.67 5.57
N GLU A 14 -2.33 4.53 4.59
CA GLU A 14 -1.40 5.58 4.24
C GLU A 14 -1.14 6.48 5.44
N LYS A 15 -2.22 6.84 6.13
CA LYS A 15 -2.16 7.70 7.31
C LYS A 15 -1.30 7.07 8.42
N ILE A 16 -1.43 5.76 8.59
CA ILE A 16 -0.67 5.04 9.61
C ILE A 16 0.81 5.09 9.27
N CYS A 17 1.11 4.86 8.00
CA CYS A 17 2.48 4.89 7.52
C CYS A 17 3.03 6.31 7.60
N ASN A 18 2.19 7.29 7.24
CA ASN A 18 2.59 8.68 7.26
C ASN A 18 2.55 9.24 8.67
N ALA A 19 2.07 8.43 9.61
CA ALA A 19 2.17 8.77 11.03
C ALA A 19 3.59 8.56 11.53
N ALA A 20 4.29 7.62 10.90
CA ALA A 20 5.69 7.37 11.20
C ALA A 20 6.55 8.32 10.40
N LYS A 21 5.99 8.78 9.29
CA LYS A 21 6.59 9.81 8.45
C LYS A 21 7.88 9.31 7.80
N ASP A 22 9.01 9.55 8.45
CA ASP A 22 10.29 9.10 7.91
C ASP A 22 11.08 8.33 8.97
N ASN A 23 10.40 7.94 10.03
CA ASN A 23 11.01 7.09 11.06
C ASN A 23 10.99 5.63 10.61
N GLN A 24 12.15 5.11 10.22
CA GLN A 24 12.25 3.73 9.77
C GLN A 24 11.88 2.79 10.92
N LYS A 25 12.40 3.09 12.10
CA LYS A 25 12.15 2.28 13.29
C LYS A 25 10.64 2.08 13.52
N ALA A 26 9.91 3.19 13.54
CA ALA A 26 8.47 3.16 13.76
C ALA A 26 7.75 2.45 12.62
N CYS A 27 8.34 2.50 11.44
CA CYS A 27 7.70 1.95 10.25
C CYS A 27 7.89 0.46 10.24
N GLU A 28 9.06 0.07 10.73
CA GLU A 28 9.42 -1.29 10.91
C GLU A 28 8.44 -1.98 11.85
N ASN A 29 7.96 -1.23 12.83
CA ASN A 29 6.93 -1.72 13.74
C ASN A 29 5.57 -1.73 13.06
N LEU A 30 5.31 -0.73 12.22
CA LEU A 30 4.05 -0.61 11.51
C LEU A 30 4.03 -1.48 10.26
N LYS A 31 5.09 -2.27 10.11
CA LYS A 31 5.23 -3.22 9.01
C LYS A 31 3.94 -4.02 8.79
N GLU A 32 3.39 -4.54 9.88
CA GLU A 32 2.22 -5.40 9.84
C GLU A 32 0.98 -4.66 9.35
N LYS A 33 1.04 -3.34 9.37
CA LYS A 33 -0.13 -2.52 9.06
C LYS A 33 -0.16 -2.16 7.56
N GLY A 34 0.92 -2.52 6.87
CA GLY A 34 1.02 -2.23 5.45
C GLY A 34 2.12 -1.23 5.17
N CYS A 35 2.80 -0.83 6.23
CA CYS A 35 3.81 0.19 6.13
C CYS A 35 5.18 -0.38 5.89
N VAL A 36 5.85 0.13 4.87
CA VAL A 36 7.21 -0.26 4.56
C VAL A 36 8.01 0.99 4.22
N PHE A 37 9.24 1.08 4.70
CA PHE A 37 10.05 2.25 4.45
C PHE A 37 10.47 2.29 2.99
N ASN A 38 10.26 3.42 2.36
CA ASN A 38 10.60 3.62 0.97
C ASN A 38 11.73 4.61 0.86
N THR A 39 12.90 4.13 0.46
CA THR A 39 14.10 4.96 0.38
C THR A 39 14.12 5.80 -0.90
N GLU A 40 13.11 5.61 -1.74
CA GLU A 40 12.98 6.40 -2.96
C GLU A 40 12.63 7.84 -2.61
N SER A 41 11.68 7.99 -1.68
CA SER A 41 11.27 9.29 -1.19
C SER A 41 11.77 9.51 0.23
N ASN A 42 12.36 8.45 0.78
CA ASN A 42 12.81 8.42 2.17
C ASN A 42 11.65 8.74 3.12
N LYS A 43 10.79 7.75 3.31
CA LYS A 43 9.63 7.87 4.19
C LYS A 43 9.04 6.51 4.47
N CYS A 44 8.09 6.46 5.39
CA CYS A 44 7.30 5.27 5.60
C CYS A 44 6.03 5.35 4.76
N GLU A 45 5.88 4.43 3.82
CA GLU A 45 4.76 4.50 2.90
C GLU A 45 4.02 3.17 2.87
N LEU A 46 2.74 3.21 2.55
CA LEU A 46 1.95 2.01 2.35
C LEU A 46 2.35 1.35 1.04
N LYS A 47 3.39 0.53 1.10
CA LYS A 47 3.92 -0.10 -0.08
C LYS A 47 4.16 -1.59 0.17
N LYS A 48 3.73 -2.06 1.34
CA LYS A 48 3.84 -3.47 1.69
C LYS A 48 3.16 -4.33 0.63
N ASP A 49 2.08 -3.81 0.11
CA ASP A 49 1.24 -4.53 -0.84
C ASP A 49 1.86 -4.52 -2.23
N VAL A 50 2.79 -3.63 -2.46
CA VAL A 50 3.57 -3.63 -3.70
C VAL A 50 4.70 -4.64 -3.55
N LYS A 51 5.31 -4.65 -2.36
CA LYS A 51 6.30 -5.64 -1.99
C LYS A 51 5.68 -7.04 -2.06
N GLU A 52 4.47 -7.12 -1.54
CA GLU A 52 3.69 -8.36 -1.51
C GLU A 52 3.30 -8.76 -2.92
N LYS A 53 2.95 -7.78 -3.75
CA LYS A 53 2.59 -8.03 -5.14
C LYS A 53 3.71 -8.76 -5.87
N LEU A 54 4.93 -8.36 -5.56
CA LEU A 54 6.12 -8.91 -6.20
C LEU A 54 6.41 -10.32 -5.75
N GLU A 55 6.76 -10.47 -4.48
CA GLU A 55 7.22 -11.76 -3.98
C GLU A 55 6.14 -12.49 -3.20
N LYS A 56 4.90 -12.29 -3.62
CA LYS A 56 3.79 -13.11 -3.16
C LYS A 56 4.06 -14.57 -3.52
N GLU A 57 4.64 -14.75 -4.69
CA GLU A 57 4.89 -16.08 -5.22
C GLU A 57 5.83 -15.98 -6.42
N SER A 58 5.57 -14.99 -7.28
CA SER A 58 6.40 -14.73 -8.45
C SER A 58 5.87 -13.50 -9.19
N LYS A 59 6.33 -13.35 -10.44
CA LYS A 59 5.88 -12.34 -11.42
C LYS A 59 6.97 -11.31 -11.69
N GLU A 60 7.26 -10.46 -10.69
CA GLU A 60 8.12 -9.29 -10.90
C GLU A 60 7.55 -8.43 -12.02
N THR A 61 6.56 -7.63 -11.69
CA THR A 61 5.78 -6.90 -12.70
C THR A 61 5.94 -5.38 -12.59
N GLU A 62 6.78 -4.93 -11.67
CA GLU A 62 6.86 -3.51 -11.38
C GLU A 62 7.88 -2.82 -12.26
N GLY A 63 7.40 -2.16 -13.30
CA GLY A 63 8.27 -1.38 -14.16
C GLY A 63 8.17 0.10 -13.82
N LYS A 64 8.01 0.36 -12.52
CA LYS A 64 7.84 1.71 -11.97
C LYS A 64 6.46 2.28 -12.30
N ASP A 65 6.03 2.09 -13.55
CA ASP A 65 4.70 2.52 -14.00
C ASP A 65 4.52 4.01 -13.82
N GLU A 66 5.63 4.73 -13.88
CA GLU A 66 5.63 6.18 -13.76
C GLU A 66 4.81 6.80 -14.89
N LYS A 67 5.38 6.77 -16.08
CA LYS A 67 4.70 7.21 -17.29
C LYS A 67 5.24 6.43 -18.48
N ALA A 68 5.96 5.37 -18.17
CA ALA A 68 6.72 4.63 -19.18
C ALA A 68 6.06 3.30 -19.51
N ASN A 69 4.87 3.05 -18.97
CA ASN A 69 4.18 1.80 -19.24
C ASN A 69 3.43 1.90 -20.57
N THR A 70 4.20 1.95 -21.65
CA THR A 70 3.64 1.91 -22.98
C THR A 70 3.54 0.47 -23.44
N THR A 71 4.70 -0.14 -23.64
CA THR A 71 4.77 -1.56 -23.93
C THR A 71 5.43 -2.28 -22.75
N GLY A 72 6.23 -1.53 -21.99
CA GLY A 72 6.89 -2.08 -20.84
C GLY A 72 8.26 -1.46 -20.64
N SER A 73 9.19 -2.26 -20.15
CA SER A 73 10.56 -1.81 -19.95
C SER A 73 11.49 -3.01 -20.05
N GLY A 1 -19.03 7.66 6.36
CA GLY A 1 -17.92 8.24 5.56
C GLY A 1 -18.03 9.74 5.44
N SER A 2 -17.10 10.33 4.71
CA SER A 2 -17.07 11.79 4.56
C SER A 2 -17.45 12.19 3.14
N LYS A 3 -18.50 11.53 2.61
CA LYS A 3 -18.97 11.74 1.23
C LYS A 3 -17.96 11.17 0.23
N LYS A 4 -16.78 11.74 0.21
CA LYS A 4 -15.72 11.33 -0.71
C LYS A 4 -14.70 10.46 0.00
N GLN A 5 -13.95 9.68 -0.77
CA GLN A 5 -12.89 8.81 -0.25
C GLN A 5 -13.47 7.76 0.68
N GLN A 6 -14.02 6.70 0.07
CA GLN A 6 -14.60 5.60 0.80
C GLN A 6 -13.61 4.47 0.94
N THR A 7 -12.43 4.69 0.36
CA THR A 7 -11.33 3.74 0.39
C THR A 7 -10.63 3.77 1.75
N GLU A 8 -11.43 3.68 2.81
CA GLU A 8 -10.95 3.80 4.19
C GLU A 8 -9.75 2.89 4.47
N SER A 9 -9.73 1.72 3.84
CA SER A 9 -8.64 0.78 4.00
C SER A 9 -7.31 1.41 3.59
N ALA A 10 -7.28 1.94 2.38
CA ALA A 10 -6.10 2.61 1.87
C ALA A 10 -5.86 3.92 2.59
N GLU A 11 -6.94 4.64 2.88
CA GLU A 11 -6.86 5.96 3.51
C GLU A 11 -6.13 5.87 4.85
N ASN A 12 -6.63 5.02 5.74
CA ASN A 12 -6.07 4.92 7.09
C ASN A 12 -4.68 4.29 7.06
N LYS A 13 -4.46 3.34 6.15
CA LYS A 13 -3.15 2.70 6.03
C LYS A 13 -2.12 3.73 5.63
N GLU A 14 -2.44 4.44 4.55
CA GLU A 14 -1.59 5.49 4.03
C GLU A 14 -1.31 6.53 5.11
N LYS A 15 -2.35 6.89 5.85
CA LYS A 15 -2.25 7.90 6.89
C LYS A 15 -1.36 7.42 8.03
N ILE A 16 -1.53 6.17 8.43
CA ILE A 16 -0.75 5.60 9.53
C ILE A 16 0.71 5.44 9.11
N CYS A 17 0.91 4.98 7.88
CA CYS A 17 2.26 4.88 7.32
C CYS A 17 2.92 6.26 7.32
N ASN A 18 2.17 7.27 6.89
CA ASN A 18 2.71 8.62 6.79
C ASN A 18 2.88 9.25 8.16
N ALA A 19 2.10 8.78 9.13
CA ALA A 19 2.23 9.23 10.51
C ALA A 19 3.48 8.66 11.17
N ALA A 20 4.11 7.70 10.50
CA ALA A 20 5.36 7.13 10.98
C ALA A 20 6.51 7.99 10.51
N LYS A 21 6.22 8.85 9.53
CA LYS A 21 7.16 9.83 9.03
C LYS A 21 8.42 9.18 8.47
N ASP A 22 9.56 9.80 8.75
CA ASP A 22 10.84 9.31 8.30
C ASP A 22 11.44 8.33 9.30
N ASN A 23 10.66 7.99 10.34
CA ASN A 23 11.10 7.04 11.34
C ASN A 23 11.04 5.63 10.78
N GLN A 24 12.18 5.13 10.35
CA GLN A 24 12.27 3.82 9.73
C GLN A 24 11.92 2.72 10.73
N LYS A 25 12.46 2.82 11.94
CA LYS A 25 12.23 1.82 12.97
C LYS A 25 10.75 1.75 13.30
N ALA A 26 10.13 2.92 13.41
CA ALA A 26 8.70 3.01 13.72
C ALA A 26 7.88 2.44 12.58
N CYS A 27 8.29 2.72 11.35
CA CYS A 27 7.62 2.21 10.17
C CYS A 27 7.69 0.69 10.15
N GLU A 28 8.90 0.17 10.37
CA GLU A 28 9.12 -1.28 10.36
C GLU A 28 8.35 -1.97 11.50
N ASN A 29 7.96 -1.20 12.51
CA ASN A 29 7.12 -1.72 13.58
C ASN A 29 5.70 -1.95 13.08
N LEU A 30 5.06 -0.87 12.67
CA LEU A 30 3.66 -0.91 12.22
C LEU A 30 3.55 -1.39 10.77
N LYS A 31 4.66 -1.90 10.24
CA LYS A 31 4.72 -2.47 8.90
C LYS A 31 3.67 -3.56 8.70
N GLU A 32 3.20 -4.11 9.82
CA GLU A 32 2.08 -5.05 9.84
C GLU A 32 0.92 -4.56 8.97
N LYS A 33 0.65 -3.27 9.04
CA LYS A 33 -0.49 -2.68 8.35
C LYS A 33 -0.21 -2.55 6.86
N GLY A 34 1.05 -2.65 6.50
CA GLY A 34 1.45 -2.49 5.12
C GLY A 34 2.23 -1.21 4.91
N CYS A 35 3.11 -0.89 5.85
CA CYS A 35 3.86 0.35 5.80
C CYS A 35 5.32 0.03 5.56
N VAL A 36 5.78 0.26 4.35
CA VAL A 36 7.14 -0.03 3.99
C VAL A 36 7.93 1.27 3.91
N PHE A 37 8.97 1.39 4.71
CA PHE A 37 9.82 2.55 4.63
C PHE A 37 10.60 2.51 3.33
N ASN A 38 10.42 3.55 2.54
CA ASN A 38 11.10 3.67 1.28
C ASN A 38 12.27 4.63 1.46
N THR A 39 13.47 4.19 1.12
CA THR A 39 14.66 5.01 1.25
C THR A 39 14.79 5.97 0.07
N GLU A 40 14.28 5.53 -1.06
CA GLU A 40 14.30 6.34 -2.28
C GLU A 40 13.32 7.49 -2.16
N SER A 41 12.10 7.18 -1.73
CA SER A 41 11.10 8.20 -1.44
C SER A 41 11.46 8.90 -0.14
N ASN A 42 12.13 8.12 0.73
CA ASN A 42 12.69 8.62 2.00
C ASN A 42 11.57 8.98 2.97
N LYS A 43 10.66 8.05 3.15
CA LYS A 43 9.59 8.17 4.13
C LYS A 43 8.80 6.87 4.21
N CYS A 44 8.01 6.72 5.26
CA CYS A 44 7.21 5.52 5.44
C CYS A 44 5.94 5.62 4.61
N GLU A 45 5.85 4.77 3.59
CA GLU A 45 4.72 4.77 2.67
C GLU A 45 3.93 3.48 2.78
N LEU A 46 2.77 3.46 2.16
CA LEU A 46 2.00 2.24 2.00
C LEU A 46 2.71 1.37 0.96
N LYS A 47 2.76 0.06 1.20
CA LYS A 47 3.48 -0.88 0.34
C LYS A 47 3.01 -0.81 -1.13
N LYS A 48 1.93 -0.06 -1.35
CA LYS A 48 1.44 0.19 -2.70
C LYS A 48 2.49 0.90 -3.54
N ASP A 49 3.48 1.49 -2.87
CA ASP A 49 4.54 2.25 -3.55
C ASP A 49 5.57 1.28 -4.12
N VAL A 50 5.97 0.31 -3.29
CA VAL A 50 6.85 -0.76 -3.72
C VAL A 50 6.20 -1.53 -4.86
N LYS A 51 4.90 -1.79 -4.70
CA LYS A 51 4.13 -2.48 -5.73
C LYS A 51 4.13 -1.68 -7.03
N GLU A 52 3.92 -0.39 -6.89
CA GLU A 52 3.84 0.49 -8.06
C GLU A 52 5.19 0.60 -8.74
N LYS A 53 6.26 0.71 -7.96
CA LYS A 53 7.61 0.76 -8.50
C LYS A 53 7.94 -0.53 -9.22
N LEU A 54 7.53 -1.63 -8.64
CA LEU A 54 7.73 -2.96 -9.24
C LEU A 54 6.89 -3.10 -10.50
N GLU A 55 5.79 -2.39 -10.55
CA GLU A 55 4.91 -2.41 -11.71
C GLU A 55 5.51 -1.59 -12.85
N LYS A 56 6.04 -0.42 -12.53
CA LYS A 56 6.62 0.47 -13.54
C LYS A 56 8.00 -0.02 -13.97
N GLU A 57 8.61 -0.83 -13.11
CA GLU A 57 9.93 -1.37 -13.39
C GLU A 57 9.96 -2.82 -12.93
N SER A 58 9.37 -3.68 -13.73
CA SER A 58 9.35 -5.11 -13.48
C SER A 58 10.77 -5.67 -13.38
N LYS A 59 11.28 -5.77 -12.16
CA LYS A 59 12.65 -6.21 -11.94
C LYS A 59 12.72 -7.68 -11.58
N GLU A 60 11.92 -8.49 -12.25
CA GLU A 60 11.99 -9.93 -12.09
C GLU A 60 12.34 -10.57 -13.43
N THR A 61 13.37 -10.03 -14.05
CA THR A 61 13.80 -10.43 -15.37
C THR A 61 14.76 -11.61 -15.26
N GLU A 62 14.21 -12.74 -14.83
CA GLU A 62 14.96 -13.98 -14.71
C GLU A 62 15.50 -14.43 -16.07
N GLY A 63 16.34 -15.44 -16.05
CA GLY A 63 17.04 -15.87 -17.25
C GLY A 63 18.53 -15.94 -17.00
N LYS A 64 19.00 -15.11 -16.08
CA LYS A 64 20.38 -15.14 -15.64
C LYS A 64 20.46 -15.82 -14.28
N ASP A 65 21.66 -16.08 -13.82
CA ASP A 65 21.83 -16.77 -12.55
C ASP A 65 22.24 -15.80 -11.46
N GLU A 66 21.23 -15.18 -10.85
CA GLU A 66 21.47 -14.19 -9.79
C GLU A 66 21.70 -14.87 -8.45
N LYS A 67 20.63 -15.36 -7.85
CA LYS A 67 20.69 -16.04 -6.57
C LYS A 67 20.48 -17.53 -6.78
N ALA A 68 19.57 -17.86 -7.67
CA ALA A 68 19.32 -19.25 -8.03
C ALA A 68 20.46 -19.77 -8.89
N ASN A 69 20.71 -21.08 -8.79
CA ASN A 69 21.84 -21.72 -9.45
C ASN A 69 23.16 -21.17 -8.91
N THR A 70 23.40 -21.43 -7.64
CA THR A 70 24.67 -21.07 -7.04
C THR A 70 25.69 -22.19 -7.31
N THR A 71 25.25 -23.15 -8.10
CA THR A 71 26.07 -24.29 -8.51
C THR A 71 26.94 -23.93 -9.72
N GLY A 72 26.82 -22.69 -10.16
CA GLY A 72 27.61 -22.20 -11.27
C GLY A 72 27.35 -20.73 -11.53
N SER A 73 28.05 -20.18 -12.53
CA SER A 73 27.91 -18.77 -12.90
C SER A 73 28.50 -17.84 -11.84
N GLY A 1 -21.73 5.44 -5.50
CA GLY A 1 -20.39 4.86 -5.76
C GLY A 1 -20.48 3.37 -6.08
N SER A 2 -20.09 3.01 -7.30
CA SER A 2 -20.17 1.63 -7.73
C SER A 2 -18.90 0.86 -7.39
N LYS A 3 -19.04 -0.13 -6.51
CA LYS A 3 -17.94 -1.03 -6.11
C LYS A 3 -16.95 -0.32 -5.18
N LYS A 4 -16.49 0.85 -5.59
CA LYS A 4 -15.54 1.62 -4.81
C LYS A 4 -16.25 2.71 -4.02
N GLN A 5 -16.62 2.39 -2.79
CA GLN A 5 -17.23 3.38 -1.90
C GLN A 5 -16.30 3.67 -0.73
N GLN A 6 -15.98 2.63 0.02
CA GLN A 6 -15.09 2.74 1.17
C GLN A 6 -13.71 3.22 0.76
N THR A 7 -13.32 4.38 1.27
CA THR A 7 -12.01 4.93 0.99
C THR A 7 -11.08 4.68 2.18
N GLU A 8 -11.67 4.13 3.25
CA GLU A 8 -10.95 3.84 4.49
C GLU A 8 -9.64 3.08 4.22
N SER A 9 -9.74 2.03 3.41
CA SER A 9 -8.61 1.14 3.14
C SER A 9 -7.34 1.91 2.81
N ALA A 10 -7.39 2.71 1.74
CA ALA A 10 -6.23 3.47 1.29
C ALA A 10 -5.93 4.59 2.28
N GLU A 11 -6.97 5.19 2.84
CA GLU A 11 -6.83 6.35 3.70
C GLU A 11 -6.09 5.99 4.98
N ASN A 12 -6.59 5.01 5.71
CA ASN A 12 -6.06 4.69 7.03
C ASN A 12 -4.71 3.99 6.91
N LYS A 13 -4.57 3.07 5.95
CA LYS A 13 -3.32 2.35 5.77
C LYS A 13 -2.18 3.31 5.51
N GLU A 14 -2.37 4.21 4.55
CA GLU A 14 -1.38 5.22 4.24
C GLU A 14 -1.10 6.10 5.44
N LYS A 15 -2.15 6.53 6.12
CA LYS A 15 -2.03 7.42 7.28
C LYS A 15 -1.17 6.79 8.37
N ILE A 16 -1.28 5.48 8.52
CA ILE A 16 -0.50 4.75 9.50
C ILE A 16 0.98 4.82 9.13
N CYS A 17 1.25 4.67 7.85
CA CYS A 17 2.60 4.75 7.33
C CYS A 17 3.11 6.20 7.38
N ASN A 18 2.24 7.12 6.98
CA ASN A 18 2.61 8.55 6.91
C ASN A 18 2.93 9.10 8.29
N ALA A 19 2.34 8.50 9.32
CA ALA A 19 2.60 8.93 10.69
C ALA A 19 4.03 8.64 11.12
N ALA A 20 4.67 7.68 10.47
CA ALA A 20 6.03 7.29 10.82
C ALA A 20 7.03 8.27 10.24
N LYS A 21 6.68 8.81 9.07
CA LYS A 21 7.47 9.83 8.40
C LYS A 21 8.90 9.35 8.12
N ASP A 22 9.86 9.93 8.85
CA ASP A 22 11.28 9.61 8.63
C ASP A 22 11.71 8.41 9.45
N ASN A 23 10.92 8.08 10.47
CA ASN A 23 11.31 7.04 11.40
C ASN A 23 11.13 5.66 10.82
N GLN A 24 12.22 5.11 10.32
CA GLN A 24 12.26 3.78 9.77
C GLN A 24 11.84 2.76 10.83
N LYS A 25 12.23 3.00 12.07
CA LYS A 25 11.92 2.08 13.16
C LYS A 25 10.40 2.05 13.39
N ALA A 26 9.80 3.23 13.44
CA ALA A 26 8.36 3.35 13.63
C ALA A 26 7.62 2.68 12.48
N CYS A 27 8.14 2.85 11.27
CA CYS A 27 7.55 2.25 10.08
C CYS A 27 7.58 0.73 10.18
N GLU A 28 8.74 0.20 10.54
CA GLU A 28 8.91 -1.24 10.66
C GLU A 28 8.08 -1.82 11.80
N ASN A 29 7.69 -0.98 12.75
CA ASN A 29 6.81 -1.41 13.84
C ASN A 29 5.40 -1.65 13.31
N LEU A 30 4.85 -0.65 12.63
CA LEU A 30 3.50 -0.74 12.09
C LEU A 30 3.52 -1.29 10.67
N LYS A 31 4.67 -1.81 10.29
CA LYS A 31 4.90 -2.43 8.98
C LYS A 31 3.86 -3.50 8.69
N GLU A 32 3.49 -4.24 9.74
CA GLU A 32 2.51 -5.33 9.63
C GLU A 32 1.19 -4.85 9.07
N LYS A 33 0.88 -3.59 9.32
CA LYS A 33 -0.42 -3.02 8.97
C LYS A 33 -0.46 -2.64 7.49
N GLY A 34 0.65 -2.83 6.81
CA GLY A 34 0.70 -2.56 5.38
C GLY A 34 1.62 -1.42 5.02
N CYS A 35 2.66 -1.23 5.83
CA CYS A 35 3.58 -0.12 5.62
C CYS A 35 4.97 -0.62 5.22
N VAL A 36 5.65 0.17 4.41
CA VAL A 36 7.04 -0.10 4.03
C VAL A 36 7.79 1.21 3.88
N PHE A 37 8.94 1.31 4.50
CA PHE A 37 9.74 2.51 4.42
C PHE A 37 10.45 2.55 3.06
N ASN A 38 10.24 3.63 2.34
CA ASN A 38 10.83 3.78 1.03
C ASN A 38 11.98 4.77 1.10
N THR A 39 13.20 4.24 1.03
CA THR A 39 14.40 5.07 1.13
C THR A 39 14.59 5.93 -0.12
N GLU A 40 13.83 5.63 -1.15
CA GLU A 40 13.87 6.38 -2.40
C GLU A 40 13.33 7.79 -2.17
N SER A 41 12.11 7.88 -1.67
CA SER A 41 11.47 9.17 -1.40
C SER A 41 11.76 9.63 0.03
N ASN A 42 12.31 8.71 0.82
CA ASN A 42 12.62 8.95 2.23
C ASN A 42 11.35 9.23 3.03
N LYS A 43 10.54 8.19 3.20
CA LYS A 43 9.32 8.26 3.98
C LYS A 43 8.66 6.89 4.02
N CYS A 44 7.91 6.63 5.08
CA CYS A 44 7.17 5.38 5.20
C CYS A 44 5.86 5.47 4.45
N GLU A 45 5.70 4.61 3.45
CA GLU A 45 4.50 4.62 2.61
C GLU A 45 3.80 3.27 2.67
N LEU A 46 2.65 3.18 2.00
CA LEU A 46 1.94 1.92 1.88
C LEU A 46 2.85 0.92 1.16
N LYS A 47 2.90 -0.32 1.66
CA LYS A 47 3.84 -1.33 1.17
C LYS A 47 3.89 -1.37 -0.36
N LYS A 48 5.04 -0.96 -0.87
CA LYS A 48 5.29 -0.82 -2.31
C LYS A 48 4.93 -2.07 -3.10
N ASP A 49 5.61 -3.15 -2.78
CA ASP A 49 5.53 -4.39 -3.57
C ASP A 49 4.12 -4.97 -3.61
N VAL A 50 3.57 -5.25 -2.45
CA VAL A 50 2.28 -5.92 -2.37
C VAL A 50 1.16 -5.09 -2.97
N LYS A 51 1.10 -3.81 -2.63
CA LYS A 51 0.04 -2.94 -3.14
C LYS A 51 0.16 -2.76 -4.65
N GLU A 52 1.39 -2.76 -5.15
CA GLU A 52 1.65 -2.67 -6.58
C GLU A 52 0.97 -3.81 -7.32
N LYS A 53 1.29 -5.04 -6.90
CA LYS A 53 0.81 -6.23 -7.57
C LYS A 53 -0.57 -6.62 -7.10
N LEU A 54 -1.14 -5.85 -6.19
CA LEU A 54 -2.49 -6.07 -5.73
C LEU A 54 -3.48 -5.33 -6.60
N GLU A 55 -3.12 -4.10 -6.97
CA GLU A 55 -3.95 -3.28 -7.84
C GLU A 55 -3.76 -3.70 -9.28
N LYS A 56 -2.50 -3.78 -9.70
CA LYS A 56 -2.16 -4.11 -11.08
C LYS A 56 -1.88 -5.61 -11.23
N GLU A 57 -2.67 -6.41 -10.53
CA GLU A 57 -2.60 -7.86 -10.67
C GLU A 57 -3.12 -8.26 -12.05
N SER A 58 -4.20 -7.60 -12.47
CA SER A 58 -4.72 -7.72 -13.83
C SER A 58 -5.06 -9.16 -14.19
N LYS A 59 -5.63 -9.90 -13.25
CA LYS A 59 -5.97 -11.30 -13.48
C LYS A 59 -7.43 -11.44 -13.93
N GLU A 60 -8.30 -10.60 -13.39
CA GLU A 60 -9.74 -10.71 -13.65
C GLU A 60 -10.11 -10.03 -14.95
N THR A 61 -9.12 -9.62 -15.71
CA THR A 61 -9.34 -8.98 -16.99
C THR A 61 -8.98 -9.93 -18.13
N GLU A 62 -8.42 -11.08 -17.79
CA GLU A 62 -8.11 -12.10 -18.79
C GLU A 62 -8.60 -13.46 -18.30
N GLY A 63 -9.20 -13.46 -17.13
CA GLY A 63 -9.80 -14.66 -16.59
C GLY A 63 -11.29 -14.68 -16.82
N LYS A 64 -11.68 -14.62 -18.08
CA LYS A 64 -13.09 -14.57 -18.45
C LYS A 64 -13.53 -15.90 -19.05
N ASP A 65 -14.27 -16.67 -18.27
CA ASP A 65 -14.80 -17.96 -18.73
C ASP A 65 -16.29 -17.84 -19.02
N GLU A 66 -16.87 -16.72 -18.58
CA GLU A 66 -18.29 -16.42 -18.72
C GLU A 66 -19.12 -17.31 -17.79
N LYS A 67 -19.09 -18.62 -18.03
CA LYS A 67 -19.75 -19.60 -17.17
C LYS A 67 -19.68 -21.00 -17.77
N ALA A 68 -19.41 -21.08 -19.07
CA ALA A 68 -19.42 -22.37 -19.76
C ALA A 68 -18.09 -22.69 -20.43
N ASN A 69 -17.10 -21.81 -20.29
CA ASN A 69 -15.80 -22.04 -20.92
C ASN A 69 -15.07 -23.16 -20.19
N THR A 70 -15.04 -24.33 -20.81
CA THR A 70 -14.43 -25.51 -20.21
C THR A 70 -12.91 -25.43 -20.28
N THR A 71 -12.38 -25.55 -21.48
CA THR A 71 -10.94 -25.47 -21.69
C THR A 71 -10.61 -24.33 -22.65
N GLY A 72 -10.16 -23.22 -22.10
CA GLY A 72 -9.89 -22.05 -22.91
C GLY A 72 -8.53 -21.46 -22.65
N SER A 73 -8.22 -20.41 -23.40
CA SER A 73 -6.94 -19.73 -23.32
C SER A 73 -6.99 -18.50 -24.20
N GLY A 1 -4.96 9.47 -15.95
CA GLY A 1 -5.26 10.15 -14.67
C GLY A 1 -6.73 10.50 -14.55
N SER A 2 -7.43 9.78 -13.69
CA SER A 2 -8.85 10.02 -13.49
C SER A 2 -9.10 10.61 -12.10
N LYS A 3 -10.37 10.66 -11.71
CA LYS A 3 -10.76 11.21 -10.43
C LYS A 3 -10.45 10.23 -9.31
N LYS A 4 -9.59 10.63 -8.40
CA LYS A 4 -9.23 9.77 -7.27
C LYS A 4 -9.92 10.25 -6.00
N GLN A 5 -10.75 9.38 -5.44
CA GLN A 5 -11.45 9.69 -4.20
C GLN A 5 -10.68 9.15 -3.01
N GLN A 6 -10.57 9.97 -1.98
CA GLN A 6 -9.89 9.59 -0.75
C GLN A 6 -10.75 8.59 0.00
N THR A 7 -10.22 7.39 0.19
CA THR A 7 -11.01 6.31 0.77
C THR A 7 -10.37 5.75 2.03
N GLU A 8 -11.21 5.19 2.90
CA GLU A 8 -10.81 4.61 4.18
C GLU A 8 -9.56 3.74 4.06
N SER A 9 -9.68 2.65 3.32
CA SER A 9 -8.63 1.65 3.26
C SER A 9 -7.32 2.23 2.72
N ALA A 10 -7.34 2.70 1.48
CA ALA A 10 -6.13 3.16 0.82
C ALA A 10 -5.47 4.32 1.55
N GLU A 11 -6.27 5.30 1.98
CA GLU A 11 -5.71 6.54 2.51
C GLU A 11 -5.26 6.35 3.95
N ASN A 12 -6.14 5.79 4.77
CA ASN A 12 -5.84 5.62 6.18
C ASN A 12 -4.69 4.63 6.38
N LYS A 13 -4.57 3.65 5.49
CA LYS A 13 -3.45 2.71 5.56
C LYS A 13 -2.15 3.44 5.28
N GLU A 14 -2.15 4.31 4.28
CA GLU A 14 -0.99 5.14 3.99
C GLU A 14 -0.75 6.11 5.13
N LYS A 15 -1.82 6.66 5.68
CA LYS A 15 -1.72 7.65 6.76
C LYS A 15 -1.00 7.07 7.97
N ILE A 16 -1.42 5.87 8.40
CA ILE A 16 -0.78 5.22 9.54
C ILE A 16 0.70 5.01 9.27
N CYS A 17 1.00 4.53 8.07
CA CYS A 17 2.37 4.30 7.65
C CYS A 17 3.14 5.62 7.55
N ASN A 18 2.52 6.59 6.90
CA ASN A 18 3.14 7.91 6.67
C ASN A 18 3.33 8.67 7.98
N ALA A 19 2.56 8.31 9.00
CA ALA A 19 2.62 8.96 10.31
C ALA A 19 3.98 8.75 11.00
N ALA A 20 4.72 7.75 10.56
CA ALA A 20 6.04 7.48 11.13
C ALA A 20 7.08 8.35 10.43
N LYS A 21 6.69 8.86 9.27
CA LYS A 21 7.48 9.82 8.51
C LYS A 21 8.86 9.28 8.15
N ASP A 22 9.92 9.88 8.69
CA ASP A 22 11.27 9.56 8.29
C ASP A 22 11.93 8.59 9.26
N ASN A 23 11.20 8.18 10.29
CA ASN A 23 11.74 7.23 11.26
C ASN A 23 11.44 5.81 10.82
N GLN A 24 12.39 5.22 10.10
CA GLN A 24 12.22 3.90 9.52
C GLN A 24 11.84 2.87 10.57
N LYS A 25 12.46 2.96 11.75
CA LYS A 25 12.19 2.01 12.83
C LYS A 25 10.71 1.98 13.18
N ALA A 26 10.09 3.16 13.21
CA ALA A 26 8.68 3.29 13.55
C ALA A 26 7.82 2.63 12.48
N CYS A 27 8.22 2.79 11.22
CA CYS A 27 7.52 2.18 10.10
C CYS A 27 7.59 0.66 10.22
N GLU A 28 8.81 0.16 10.40
CA GLU A 28 9.05 -1.27 10.50
C GLU A 28 8.43 -1.86 11.77
N ASN A 29 8.11 -1.00 12.73
CA ASN A 29 7.38 -1.41 13.93
C ASN A 29 5.96 -1.80 13.58
N LEU A 30 5.28 -0.91 12.89
CA LEU A 30 3.90 -1.15 12.45
C LEU A 30 3.88 -1.72 11.04
N LYS A 31 5.04 -2.25 10.63
CA LYS A 31 5.26 -2.91 9.35
C LYS A 31 4.08 -3.80 8.93
N GLU A 32 3.65 -4.69 9.82
CA GLU A 32 2.69 -5.72 9.49
C GLU A 32 1.27 -5.14 9.29
N LYS A 33 1.13 -3.84 9.49
CA LYS A 33 -0.14 -3.18 9.26
C LYS A 33 -0.26 -2.78 7.78
N GLY A 34 0.74 -3.17 7.00
CA GLY A 34 0.76 -2.85 5.58
C GLY A 34 1.68 -1.69 5.29
N CYS A 35 2.74 -1.57 6.06
CA CYS A 35 3.64 -0.44 5.97
C CYS A 35 5.05 -0.89 5.61
N VAL A 36 5.81 0.02 5.01
CA VAL A 36 7.21 -0.23 4.67
C VAL A 36 7.90 1.10 4.39
N PHE A 37 9.03 1.35 5.04
CA PHE A 37 9.73 2.59 4.82
C PHE A 37 10.17 2.72 3.37
N ASN A 38 9.75 3.82 2.76
CA ASN A 38 10.05 4.08 1.37
C ASN A 38 11.17 5.10 1.27
N THR A 39 12.39 4.59 1.13
CA THR A 39 13.57 5.43 1.10
C THR A 39 13.55 6.41 -0.08
N GLU A 40 12.81 6.03 -1.12
CA GLU A 40 12.72 6.83 -2.33
C GLU A 40 11.88 8.09 -2.09
N SER A 41 11.07 8.06 -1.04
CA SER A 41 10.27 9.21 -0.66
C SER A 41 10.72 9.73 0.71
N ASN A 42 11.62 8.97 1.34
CA ASN A 42 12.17 9.30 2.67
C ASN A 42 11.06 9.27 3.73
N LYS A 43 10.07 8.44 3.48
CA LYS A 43 8.98 8.23 4.43
C LYS A 43 8.39 6.84 4.24
N CYS A 44 7.81 6.28 5.29
CA CYS A 44 7.19 4.98 5.20
C CYS A 44 5.98 5.03 4.26
N GLU A 45 5.89 4.05 3.38
CA GLU A 45 4.82 4.01 2.39
C GLU A 45 3.99 2.75 2.56
N LEU A 46 2.73 2.81 2.16
CA LEU A 46 1.87 1.64 2.16
C LEU A 46 2.50 0.59 1.25
N LYS A 47 2.72 -0.61 1.77
CA LYS A 47 3.30 -1.68 1.00
C LYS A 47 2.48 -1.90 -0.28
N LYS A 48 3.08 -1.56 -1.41
CA LYS A 48 2.38 -1.58 -2.69
C LYS A 48 1.91 -2.98 -3.05
N ASP A 49 2.54 -3.98 -2.45
CA ASP A 49 2.12 -5.36 -2.60
C ASP A 49 0.73 -5.54 -2.04
N VAL A 50 0.46 -4.86 -0.92
CA VAL A 50 -0.81 -4.98 -0.22
C VAL A 50 -1.88 -4.14 -0.88
N LYS A 51 -1.49 -2.97 -1.40
CA LYS A 51 -2.44 -2.09 -2.09
C LYS A 51 -2.99 -2.80 -3.32
N GLU A 52 -2.09 -3.34 -4.11
CA GLU A 52 -2.42 -4.11 -5.30
C GLU A 52 -3.23 -5.36 -4.90
N LYS A 53 -2.75 -6.06 -3.88
CA LYS A 53 -3.42 -7.25 -3.39
C LYS A 53 -4.83 -6.92 -2.90
N LEU A 54 -4.98 -5.75 -2.31
CA LEU A 54 -6.25 -5.30 -1.77
C LEU A 54 -7.31 -5.28 -2.86
N GLU A 55 -7.00 -4.65 -3.99
CA GLU A 55 -7.98 -4.57 -5.08
C GLU A 55 -8.09 -5.91 -5.82
N LYS A 56 -7.17 -6.82 -5.54
CA LYS A 56 -7.23 -8.17 -6.10
C LYS A 56 -8.10 -9.09 -5.25
N GLU A 57 -7.72 -9.22 -3.98
CA GLU A 57 -8.31 -10.22 -3.08
C GLU A 57 -9.78 -9.91 -2.76
N SER A 58 -10.13 -8.64 -2.79
CA SER A 58 -11.48 -8.21 -2.42
C SER A 58 -12.53 -8.76 -3.37
N LYS A 59 -12.11 -9.19 -4.54
CA LYS A 59 -13.02 -9.73 -5.53
C LYS A 59 -13.34 -11.20 -5.25
N GLU A 60 -12.40 -11.88 -4.62
CA GLU A 60 -12.56 -13.31 -4.36
C GLU A 60 -13.14 -13.54 -2.97
N THR A 61 -14.45 -13.43 -2.86
CA THR A 61 -15.14 -13.74 -1.62
C THR A 61 -16.14 -14.87 -1.84
N GLU A 62 -16.65 -14.96 -3.06
CA GLU A 62 -17.55 -16.03 -3.44
C GLU A 62 -16.74 -17.22 -3.96
N GLY A 63 -17.33 -18.40 -3.91
CA GLY A 63 -16.63 -19.60 -4.32
C GLY A 63 -16.50 -20.60 -3.20
N LYS A 64 -17.44 -20.56 -2.27
CA LYS A 64 -17.40 -21.44 -1.11
C LYS A 64 -18.79 -21.97 -0.79
N ASP A 65 -18.94 -23.28 -0.85
CA ASP A 65 -20.17 -23.93 -0.41
C ASP A 65 -20.15 -23.96 1.11
N GLU A 66 -21.05 -23.23 1.74
CA GLU A 66 -21.01 -23.06 3.18
C GLU A 66 -21.99 -23.98 3.90
N LYS A 67 -23.11 -24.29 3.26
CA LYS A 67 -24.06 -25.23 3.84
C LYS A 67 -23.68 -26.66 3.49
N ALA A 68 -23.90 -27.02 2.23
CA ALA A 68 -23.67 -28.37 1.69
C ALA A 68 -24.22 -28.39 0.29
N ASN A 69 -23.79 -27.40 -0.48
CA ASN A 69 -24.45 -27.05 -1.72
C ASN A 69 -23.92 -27.84 -2.89
N THR A 70 -24.82 -28.15 -3.80
CA THR A 70 -24.47 -28.75 -5.09
C THR A 70 -25.22 -28.01 -6.20
N THR A 71 -25.90 -26.95 -5.80
CA THR A 71 -26.75 -26.18 -6.70
C THR A 71 -26.16 -24.80 -7.00
N GLY A 72 -24.96 -24.54 -6.47
CA GLY A 72 -24.33 -23.27 -6.69
C GLY A 72 -24.31 -22.41 -5.43
N SER A 73 -24.60 -21.13 -5.60
CA SER A 73 -24.59 -20.20 -4.49
C SER A 73 -25.58 -19.07 -4.78
N GLY A 1 -17.60 16.66 7.37
CA GLY A 1 -16.96 17.13 6.12
C GLY A 1 -15.90 16.18 5.62
N SER A 2 -15.15 15.59 6.56
CA SER A 2 -14.09 14.65 6.23
C SER A 2 -13.04 15.27 5.33
N LYS A 3 -12.07 15.94 5.94
CA LYS A 3 -11.03 16.63 5.20
C LYS A 3 -10.02 15.62 4.64
N LYS A 4 -9.46 15.94 3.49
CA LYS A 4 -8.65 14.99 2.71
C LYS A 4 -9.53 13.81 2.26
N GLN A 5 -9.66 12.82 3.14
CA GLN A 5 -10.48 11.63 2.90
C GLN A 5 -10.19 10.64 4.01
N GLN A 6 -8.97 10.11 3.98
CA GLN A 6 -8.43 9.28 5.07
C GLN A 6 -9.33 8.10 5.43
N THR A 7 -10.02 7.56 4.42
CA THR A 7 -10.94 6.47 4.67
C THR A 7 -10.51 5.21 3.92
N GLU A 8 -11.02 4.07 4.39
CA GLU A 8 -10.73 2.76 3.81
C GLU A 8 -9.24 2.43 3.96
N SER A 9 -8.88 1.18 3.70
CA SER A 9 -7.53 0.71 3.96
C SER A 9 -6.51 1.49 3.16
N ALA A 10 -6.92 1.99 2.01
CA ALA A 10 -6.02 2.75 1.16
C ALA A 10 -5.55 4.02 1.85
N GLU A 11 -6.48 4.87 2.25
CA GLU A 11 -6.10 6.19 2.74
C GLU A 11 -5.62 6.14 4.18
N ASN A 12 -6.24 5.29 5.00
CA ASN A 12 -5.89 5.24 6.41
C ASN A 12 -4.57 4.50 6.61
N LYS A 13 -4.21 3.60 5.69
CA LYS A 13 -2.91 2.94 5.76
C LYS A 13 -1.85 3.97 5.48
N GLU A 14 -2.01 4.66 4.36
CA GLU A 14 -1.07 5.69 3.94
C GLU A 14 -0.85 6.72 5.04
N LYS A 15 -1.94 7.13 5.69
CA LYS A 15 -1.88 8.08 6.78
C LYS A 15 -1.03 7.53 7.92
N ILE A 16 -1.31 6.28 8.31
CA ILE A 16 -0.59 5.65 9.41
C ILE A 16 0.87 5.46 9.05
N CYS A 17 1.11 5.08 7.81
CA CYS A 17 2.47 4.95 7.30
C CYS A 17 3.19 6.29 7.39
N ASN A 18 2.50 7.36 6.98
CA ASN A 18 3.11 8.70 6.97
C ASN A 18 3.21 9.25 8.38
N ALA A 19 2.45 8.68 9.31
CA ALA A 19 2.55 9.04 10.71
C ALA A 19 3.84 8.49 11.33
N ALA A 20 4.45 7.55 10.60
CA ALA A 20 5.73 7.01 11.02
C ALA A 20 6.85 7.88 10.47
N LYS A 21 6.55 8.54 9.35
CA LYS A 21 7.49 9.46 8.70
C LYS A 21 8.75 8.72 8.26
N ASP A 22 9.88 9.42 8.22
CA ASP A 22 11.15 8.82 7.80
C ASP A 22 11.78 8.00 8.92
N ASN A 23 11.06 7.87 10.03
CA ASN A 23 11.50 7.03 11.13
C ASN A 23 11.34 5.57 10.76
N GLN A 24 12.45 4.90 10.52
CA GLN A 24 12.43 3.52 10.07
C GLN A 24 11.93 2.62 11.20
N LYS A 25 12.35 2.91 12.43
CA LYS A 25 11.90 2.13 13.58
C LYS A 25 10.39 2.20 13.73
N ALA A 26 9.83 3.39 13.57
CA ALA A 26 8.39 3.58 13.64
C ALA A 26 7.69 2.76 12.54
N CYS A 27 8.31 2.73 11.37
CA CYS A 27 7.80 1.95 10.24
C CYS A 27 7.86 0.47 10.57
N GLU A 28 8.98 0.04 11.14
CA GLU A 28 9.14 -1.33 11.60
C GLU A 28 8.00 -1.74 12.53
N ASN A 29 7.62 -0.84 13.42
CA ASN A 29 6.55 -1.09 14.39
C ASN A 29 5.23 -1.42 13.68
N LEU A 30 4.88 -0.61 12.69
CA LEU A 30 3.62 -0.76 11.99
C LEU A 30 3.80 -1.41 10.62
N LYS A 31 4.91 -2.09 10.45
CA LYS A 31 5.20 -2.82 9.21
C LYS A 31 4.10 -3.86 8.92
N GLU A 32 3.60 -4.49 9.97
CA GLU A 32 2.57 -5.52 9.84
C GLU A 32 1.19 -4.90 9.60
N LYS A 33 1.15 -3.59 9.46
CA LYS A 33 -0.09 -2.88 9.18
C LYS A 33 -0.17 -2.50 7.71
N GLY A 34 0.77 -3.01 6.93
CA GLY A 34 0.75 -2.79 5.49
C GLY A 34 1.66 -1.66 5.05
N CYS A 35 2.41 -1.12 5.99
CA CYS A 35 3.31 -0.02 5.70
C CYS A 35 4.70 -0.53 5.32
N VAL A 36 5.28 0.08 4.30
CA VAL A 36 6.61 -0.28 3.81
C VAL A 36 7.47 0.96 3.70
N PHE A 37 8.70 0.89 4.16
CA PHE A 37 9.58 2.04 4.11
C PHE A 37 10.00 2.33 2.67
N ASN A 38 9.86 3.59 2.30
CA ASN A 38 10.25 4.04 0.96
C ASN A 38 11.57 4.78 1.05
N THR A 39 12.55 4.32 0.29
CA THR A 39 13.88 4.90 0.32
C THR A 39 13.97 6.16 -0.55
N GLU A 40 13.27 6.16 -1.67
CA GLU A 40 13.29 7.28 -2.59
C GLU A 40 12.53 8.47 -2.02
N SER A 41 11.36 8.20 -1.46
CA SER A 41 10.56 9.25 -0.84
C SER A 41 11.07 9.51 0.58
N ASN A 42 11.72 8.51 1.15
CA ASN A 42 12.32 8.61 2.49
C ASN A 42 11.24 8.81 3.54
N LYS A 43 10.48 7.75 3.78
CA LYS A 43 9.35 7.77 4.70
C LYS A 43 8.69 6.41 4.68
N CYS A 44 7.94 6.09 5.73
CA CYS A 44 7.14 4.89 5.71
C CYS A 44 5.90 5.14 4.86
N GLU A 45 5.68 4.29 3.87
CA GLU A 45 4.63 4.53 2.90
C GLU A 45 3.84 3.25 2.61
N LEU A 46 2.59 3.41 2.19
CA LEU A 46 1.78 2.28 1.79
C LEU A 46 2.35 1.71 0.48
N LYS A 47 2.77 0.46 0.52
CA LYS A 47 3.40 -0.17 -0.65
C LYS A 47 2.42 -0.21 -1.81
N LYS A 48 2.59 0.72 -2.74
CA LYS A 48 1.68 0.89 -3.87
C LYS A 48 1.56 -0.39 -4.66
N ASP A 49 2.71 -0.99 -4.96
CA ASP A 49 2.79 -2.16 -5.83
C ASP A 49 1.93 -3.30 -5.32
N VAL A 50 1.84 -3.44 -4.01
CA VAL A 50 1.07 -4.51 -3.40
C VAL A 50 -0.42 -4.17 -3.41
N LYS A 51 -0.75 -2.92 -3.09
CA LYS A 51 -2.14 -2.51 -3.04
C LYS A 51 -2.73 -2.43 -4.44
N GLU A 52 -1.93 -1.92 -5.36
CA GLU A 52 -2.31 -1.79 -6.76
C GLU A 52 -2.65 -3.16 -7.34
N LYS A 53 -1.77 -4.13 -7.15
CA LYS A 53 -1.99 -5.47 -7.69
C LYS A 53 -2.90 -6.30 -6.80
N LEU A 54 -3.34 -5.72 -5.70
CA LEU A 54 -4.39 -6.33 -4.90
C LEU A 54 -5.76 -5.90 -5.43
N GLU A 55 -5.89 -4.60 -5.65
CA GLU A 55 -7.13 -4.02 -6.15
C GLU A 55 -7.36 -4.40 -7.62
N LYS A 56 -6.31 -4.27 -8.42
CA LYS A 56 -6.41 -4.47 -9.85
C LYS A 56 -6.03 -5.91 -10.21
N GLU A 57 -6.76 -6.48 -11.17
CA GLU A 57 -6.55 -7.88 -11.56
C GLU A 57 -5.37 -8.02 -12.53
N SER A 58 -4.62 -6.94 -12.73
CA SER A 58 -3.47 -6.96 -13.63
C SER A 58 -2.27 -7.66 -12.97
N LYS A 59 -2.55 -8.54 -12.03
CA LYS A 59 -1.51 -9.29 -11.33
C LYS A 59 -1.26 -10.64 -12.02
N GLU A 60 -2.18 -11.04 -12.88
CA GLU A 60 -2.06 -12.30 -13.61
C GLU A 60 -1.25 -12.09 -14.87
N THR A 61 0.05 -12.32 -14.77
CA THR A 61 0.98 -12.11 -15.88
C THR A 61 0.81 -10.69 -16.44
N GLU A 62 1.43 -9.73 -15.77
CA GLU A 62 1.23 -8.32 -16.09
C GLU A 62 1.67 -7.99 -17.51
N GLY A 63 0.68 -7.83 -18.38
CA GLY A 63 0.94 -7.39 -19.74
C GLY A 63 0.70 -5.90 -19.86
N LYS A 64 1.57 -5.13 -19.25
CA LYS A 64 1.39 -3.69 -19.16
C LYS A 64 2.62 -2.96 -19.66
N ASP A 65 2.46 -1.66 -19.89
CA ASP A 65 3.60 -0.79 -20.12
C ASP A 65 4.16 -0.39 -18.76
N GLU A 66 5.22 0.40 -18.73
CA GLU A 66 5.77 0.81 -17.46
C GLU A 66 5.05 2.07 -16.97
N LYS A 67 5.42 3.21 -17.54
CA LYS A 67 4.69 4.45 -17.34
C LYS A 67 4.30 5.02 -18.70
N ALA A 68 4.63 4.23 -19.72
CA ALA A 68 4.38 4.55 -21.11
C ALA A 68 4.87 3.39 -21.96
N ASN A 69 4.23 3.15 -23.09
CA ASN A 69 4.66 2.08 -23.99
C ASN A 69 5.42 2.67 -25.17
N THR A 70 5.04 3.88 -25.54
CA THR A 70 5.73 4.62 -26.59
C THR A 70 7.15 4.97 -26.16
N THR A 71 7.25 5.59 -24.98
CA THR A 71 8.54 6.00 -24.40
C THR A 71 9.40 6.79 -25.39
N GLY A 72 9.22 8.10 -25.40
CA GLY A 72 10.00 8.94 -26.28
C GLY A 72 9.11 9.76 -27.19
N SER A 73 8.21 9.09 -27.88
CA SER A 73 7.28 9.75 -28.78
C SER A 73 5.94 9.03 -28.72
N GLY A 1 -16.63 -1.76 -4.43
CA GLY A 1 -16.73 -0.42 -3.78
C GLY A 1 -16.56 0.70 -4.80
N SER A 2 -15.88 1.76 -4.39
CA SER A 2 -15.65 2.91 -5.26
C SER A 2 -14.55 3.78 -4.67
N LYS A 3 -14.34 4.95 -5.27
CA LYS A 3 -13.32 5.89 -4.80
C LYS A 3 -13.77 6.54 -3.50
N LYS A 4 -15.05 6.38 -3.20
CA LYS A 4 -15.63 6.87 -1.97
C LYS A 4 -16.17 5.70 -1.16
N GLN A 5 -15.63 5.50 0.05
CA GLN A 5 -15.99 4.37 0.91
C GLN A 5 -15.39 3.06 0.38
N GLN A 6 -15.11 2.15 1.32
CA GLN A 6 -14.51 0.84 1.02
C GLN A 6 -13.03 0.99 0.66
N THR A 7 -12.63 2.20 0.35
CA THR A 7 -11.24 2.52 0.06
C THR A 7 -10.56 3.12 1.29
N GLU A 8 -11.33 3.30 2.36
CA GLU A 8 -10.82 3.91 3.59
C GLU A 8 -9.73 3.04 4.21
N SER A 9 -9.78 1.76 3.91
CA SER A 9 -8.77 0.81 4.36
C SER A 9 -7.39 1.22 3.84
N ALA A 10 -7.35 1.63 2.58
CA ALA A 10 -6.12 2.09 1.97
C ALA A 10 -5.79 3.50 2.46
N GLU A 11 -6.83 4.30 2.67
CA GLU A 11 -6.67 5.69 3.10
C GLU A 11 -6.09 5.76 4.52
N ASN A 12 -6.63 4.96 5.44
CA ASN A 12 -6.18 5.01 6.83
C ASN A 12 -4.81 4.38 6.97
N LYS A 13 -4.53 3.35 6.17
CA LYS A 13 -3.23 2.71 6.19
C LYS A 13 -2.18 3.70 5.72
N GLU A 14 -2.53 4.40 4.65
CA GLU A 14 -1.70 5.46 4.11
C GLU A 14 -1.36 6.49 5.19
N LYS A 15 -2.37 6.82 5.99
CA LYS A 15 -2.22 7.77 7.08
C LYS A 15 -1.33 7.21 8.18
N ILE A 16 -1.43 5.92 8.43
CA ILE A 16 -0.62 5.26 9.46
C ILE A 16 0.85 5.35 9.08
N CYS A 17 1.12 5.09 7.81
CA CYS A 17 2.47 5.19 7.29
C CYS A 17 2.96 6.64 7.39
N ASN A 18 2.06 7.57 7.11
CA ASN A 18 2.39 9.00 7.18
C ASN A 18 2.59 9.45 8.62
N ALA A 19 2.08 8.69 9.57
CA ALA A 19 2.31 8.97 10.98
C ALA A 19 3.75 8.65 11.38
N ALA A 20 4.41 7.79 10.61
CA ALA A 20 5.78 7.40 10.90
C ALA A 20 6.77 8.32 10.19
N LYS A 21 6.46 8.65 8.94
CA LYS A 21 7.29 9.54 8.13
C LYS A 21 8.72 9.01 7.97
N ASP A 22 9.67 9.60 8.68
CA ASP A 22 11.07 9.24 8.53
C ASP A 22 11.53 8.31 9.64
N ASN A 23 10.64 8.03 10.58
CA ASN A 23 10.96 7.13 11.69
C ASN A 23 10.87 5.69 11.20
N GLN A 24 12.01 5.17 10.74
CA GLN A 24 12.09 3.83 10.19
C GLN A 24 11.68 2.79 11.22
N LYS A 25 12.11 2.97 12.47
CA LYS A 25 11.80 2.03 13.52
C LYS A 25 10.29 1.94 13.70
N ALA A 26 9.65 3.10 13.80
CA ALA A 26 8.19 3.14 13.92
C ALA A 26 7.55 2.48 12.71
N CYS A 27 8.09 2.77 11.53
CA CYS A 27 7.59 2.21 10.29
C CYS A 27 7.64 0.68 10.33
N GLU A 28 8.83 0.14 10.59
CA GLU A 28 9.01 -1.32 10.64
C GLU A 28 8.17 -1.93 11.76
N ASN A 29 8.01 -1.18 12.83
CA ASN A 29 7.23 -1.63 13.98
C ASN A 29 5.75 -1.75 13.62
N LEU A 30 5.28 -0.96 12.66
CA LEU A 30 3.89 -1.05 12.20
C LEU A 30 3.84 -1.49 10.73
N LYS A 31 4.95 -2.04 10.25
CA LYS A 31 5.05 -2.55 8.88
C LYS A 31 3.96 -3.59 8.62
N GLU A 32 3.56 -4.29 9.67
CA GLU A 32 2.48 -5.28 9.61
C GLU A 32 1.23 -4.71 8.93
N LYS A 33 0.98 -3.42 9.12
CA LYS A 33 -0.22 -2.79 8.60
C LYS A 33 -0.14 -2.57 7.09
N GLY A 34 1.07 -2.66 6.54
CA GLY A 34 1.25 -2.49 5.12
C GLY A 34 2.21 -1.36 4.79
N CYS A 35 2.72 -0.71 5.84
CA CYS A 35 3.62 0.41 5.68
C CYS A 35 5.04 -0.08 5.43
N VAL A 36 5.57 0.28 4.27
CA VAL A 36 6.93 -0.10 3.90
C VAL A 36 7.78 1.16 3.78
N PHE A 37 8.93 1.17 4.44
CA PHE A 37 9.81 2.32 4.36
C PHE A 37 10.44 2.40 2.98
N ASN A 38 10.26 3.54 2.36
CA ASN A 38 10.78 3.77 1.02
C ASN A 38 12.09 4.53 1.10
N THR A 39 13.11 4.01 0.42
CA THR A 39 14.42 4.64 0.44
C THR A 39 14.58 5.65 -0.70
N GLU A 40 13.71 5.54 -1.71
CA GLU A 40 13.76 6.39 -2.89
C GLU A 40 13.56 7.86 -2.50
N SER A 41 12.43 8.13 -1.86
CA SER A 41 12.15 9.46 -1.32
C SER A 41 12.51 9.49 0.16
N ASN A 42 12.76 8.30 0.72
CA ASN A 42 13.20 8.14 2.11
C ASN A 42 12.09 8.57 3.07
N LYS A 43 11.10 7.70 3.19
CA LYS A 43 9.95 7.94 4.05
C LYS A 43 9.10 6.68 4.10
N CYS A 44 8.32 6.53 5.15
CA CYS A 44 7.46 5.37 5.29
C CYS A 44 6.11 5.65 4.64
N GLU A 45 5.78 4.88 3.61
CA GLU A 45 4.51 5.02 2.92
C GLU A 45 3.85 3.66 2.76
N LEU A 46 2.61 3.64 2.32
CA LEU A 46 1.89 2.38 2.20
C LEU A 46 2.32 1.64 0.94
N LYS A 47 2.35 0.32 1.03
CA LYS A 47 2.72 -0.52 -0.10
C LYS A 47 1.82 -0.26 -1.31
N LYS A 48 0.63 0.27 -1.05
CA LYS A 48 -0.29 0.69 -2.10
C LYS A 48 0.40 1.59 -3.11
N ASP A 49 1.21 2.48 -2.60
CA ASP A 49 1.81 3.53 -3.40
C ASP A 49 2.97 3.00 -4.22
N VAL A 50 3.72 2.09 -3.63
CA VAL A 50 4.81 1.44 -4.34
C VAL A 50 4.26 0.66 -5.54
N LYS A 51 3.17 -0.05 -5.30
CA LYS A 51 2.49 -0.80 -6.35
C LYS A 51 1.92 0.14 -7.40
N GLU A 52 1.28 1.20 -6.91
CA GLU A 52 0.65 2.20 -7.76
C GLU A 52 1.64 2.79 -8.76
N LYS A 53 2.81 3.21 -8.26
CA LYS A 53 3.84 3.78 -9.12
C LYS A 53 4.38 2.75 -10.09
N LEU A 54 4.36 1.50 -9.67
CA LEU A 54 4.82 0.39 -10.50
C LEU A 54 3.81 0.12 -11.62
N GLU A 55 2.54 0.08 -11.26
CA GLU A 55 1.46 -0.16 -12.22
C GLU A 55 1.42 0.92 -13.29
N LYS A 56 1.49 2.18 -12.87
CA LYS A 56 1.33 3.30 -13.78
C LYS A 56 2.65 3.66 -14.47
N GLU A 57 3.61 2.75 -14.42
CA GLU A 57 4.86 2.92 -15.15
C GLU A 57 4.77 2.19 -16.50
N SER A 58 3.59 1.69 -16.80
CA SER A 58 3.34 0.99 -18.06
C SER A 58 3.32 1.97 -19.23
N LYS A 59 2.77 3.16 -18.99
CA LYS A 59 2.76 4.25 -19.97
C LYS A 59 1.95 3.89 -21.20
N GLU A 60 0.65 4.16 -21.12
CA GLU A 60 -0.30 3.94 -22.23
C GLU A 60 -0.48 2.44 -22.49
N THR A 61 0.06 1.62 -21.59
CA THR A 61 0.02 0.17 -21.70
C THR A 61 0.40 -0.32 -23.09
N GLU A 62 1.70 -0.34 -23.38
CA GLU A 62 2.18 -0.84 -24.66
C GLU A 62 1.98 -2.34 -24.74
N GLY A 63 0.94 -2.74 -25.44
CA GLY A 63 0.59 -4.14 -25.55
C GLY A 63 -0.91 -4.33 -25.56
N LYS A 64 -1.56 -3.91 -24.47
CA LYS A 64 -3.02 -4.02 -24.33
C LYS A 64 -3.46 -5.48 -24.43
N ASP A 65 -3.83 -5.89 -25.63
CA ASP A 65 -4.19 -7.28 -25.89
C ASP A 65 -3.69 -7.69 -27.26
N GLU A 66 -2.38 -7.84 -27.39
CA GLU A 66 -1.79 -8.32 -28.63
C GLU A 66 -2.06 -9.82 -28.78
N LYS A 67 -1.52 -10.59 -27.84
CA LYS A 67 -1.77 -12.02 -27.78
C LYS A 67 -2.14 -12.41 -26.36
N ALA A 68 -3.38 -12.10 -25.98
CA ALA A 68 -3.93 -12.41 -24.66
C ALA A 68 -3.36 -11.53 -23.56
N ASN A 69 -2.30 -10.78 -23.88
CA ASN A 69 -1.60 -9.93 -22.91
C ASN A 69 -0.88 -10.76 -21.87
N THR A 70 -1.65 -11.31 -20.94
CA THR A 70 -1.13 -12.18 -19.91
C THR A 70 -2.05 -13.39 -19.72
N THR A 71 -3.28 -13.12 -19.27
CA THR A 71 -4.27 -14.15 -18.96
C THR A 71 -3.66 -15.29 -18.16
N GLY A 72 -3.13 -14.94 -16.99
CA GLY A 72 -2.48 -15.93 -16.14
C GLY A 72 -0.98 -16.00 -16.41
N SER A 73 -0.23 -16.44 -15.42
CA SER A 73 1.21 -16.58 -15.57
C SER A 73 1.72 -17.69 -14.67
N GLY A 1 -3.99 0.08 -10.38
CA GLY A 1 -5.23 -0.45 -11.00
C GLY A 1 -6.41 0.49 -10.80
N SER A 2 -7.58 -0.08 -10.59
CA SER A 2 -8.79 0.70 -10.36
C SER A 2 -9.67 0.04 -9.30
N LYS A 3 -9.59 0.55 -8.07
CA LYS A 3 -10.40 0.02 -6.97
C LYS A 3 -11.83 0.53 -7.06
N LYS A 4 -12.76 -0.21 -6.47
CA LYS A 4 -14.14 0.22 -6.40
C LYS A 4 -14.55 0.45 -4.95
N GLN A 5 -14.52 1.72 -4.54
CA GLN A 5 -14.88 2.15 -3.19
C GLN A 5 -13.84 1.70 -2.16
N GLN A 6 -12.77 1.08 -2.63
CA GLN A 6 -11.67 0.68 -1.76
C GLN A 6 -10.77 1.89 -1.49
N THR A 7 -11.24 2.77 -0.64
CA THR A 7 -10.50 3.99 -0.35
C THR A 7 -10.22 4.13 1.15
N GLU A 8 -10.94 3.37 1.98
CA GLU A 8 -10.76 3.45 3.44
C GLU A 8 -9.36 2.97 3.81
N SER A 9 -8.98 1.83 3.24
CA SER A 9 -7.66 1.26 3.48
C SER A 9 -6.57 2.24 3.11
N ALA A 10 -6.68 2.81 1.91
CA ALA A 10 -5.71 3.77 1.42
C ALA A 10 -5.60 4.96 2.37
N GLU A 11 -6.73 5.46 2.81
CA GLU A 11 -6.78 6.62 3.70
C GLU A 11 -6.11 6.33 5.05
N ASN A 12 -6.59 5.30 5.74
CA ASN A 12 -6.15 5.05 7.11
C ASN A 12 -4.77 4.41 7.16
N LYS A 13 -4.45 3.53 6.21
CA LYS A 13 -3.15 2.87 6.20
C LYS A 13 -2.04 3.86 5.88
N GLU A 14 -2.30 4.72 4.91
CA GLU A 14 -1.36 5.79 4.58
C GLU A 14 -1.15 6.68 5.79
N LYS A 15 -2.25 7.03 6.46
CA LYS A 15 -2.18 7.89 7.64
C LYS A 15 -1.27 7.28 8.71
N ILE A 16 -1.27 5.95 8.80
CA ILE A 16 -0.43 5.25 9.75
C ILE A 16 1.04 5.46 9.39
N CYS A 17 1.32 5.43 8.10
CA CYS A 17 2.67 5.66 7.60
C CYS A 17 3.04 7.14 7.68
N ASN A 18 2.12 7.99 7.26
CA ASN A 18 2.38 9.43 7.16
C ASN A 18 2.58 10.04 8.55
N ALA A 19 1.95 9.44 9.56
CA ALA A 19 2.08 9.92 10.94
C ALA A 19 3.50 9.68 11.46
N ALA A 20 4.25 8.83 10.78
CA ALA A 20 5.63 8.55 11.16
C ALA A 20 6.60 9.36 10.31
N LYS A 21 6.13 9.73 9.12
CA LYS A 21 6.92 10.49 8.15
C LYS A 21 8.19 9.74 7.74
N ASP A 22 9.26 9.95 8.47
CA ASP A 22 10.56 9.36 8.14
C ASP A 22 11.10 8.47 9.25
N ASN A 23 10.28 8.17 10.24
CA ASN A 23 10.74 7.32 11.34
C ASN A 23 10.68 5.85 10.92
N GLN A 24 11.78 5.37 10.37
CA GLN A 24 11.90 4.00 9.89
C GLN A 24 11.49 2.99 10.95
N LYS A 25 12.04 3.13 12.15
CA LYS A 25 11.86 2.13 13.19
C LYS A 25 10.39 1.92 13.55
N ALA A 26 9.66 3.02 13.70
CA ALA A 26 8.25 2.94 14.04
C ALA A 26 7.47 2.25 12.94
N CYS A 27 7.91 2.49 11.72
CA CYS A 27 7.28 1.95 10.54
C CYS A 27 7.65 0.49 10.33
N GLU A 28 8.84 0.12 10.78
CA GLU A 28 9.23 -1.28 10.79
C GLU A 28 8.35 -2.07 11.75
N ASN A 29 7.82 -1.38 12.75
CA ASN A 29 6.83 -1.98 13.66
C ASN A 29 5.49 -2.07 12.94
N LEU A 30 5.25 -1.13 12.05
CA LEU A 30 4.02 -1.09 11.26
C LEU A 30 4.17 -1.89 9.97
N LYS A 31 5.36 -2.46 9.78
CA LYS A 31 5.72 -3.18 8.57
C LYS A 31 4.74 -4.29 8.24
N GLU A 32 4.36 -5.06 9.24
CA GLU A 32 3.48 -6.20 9.05
C GLU A 32 2.06 -5.75 8.68
N LYS A 33 1.77 -4.48 8.92
CA LYS A 33 0.46 -3.92 8.58
C LYS A 33 0.41 -3.51 7.12
N GLY A 34 1.55 -3.58 6.45
CA GLY A 34 1.61 -3.18 5.06
C GLY A 34 2.34 -1.87 4.88
N CYS A 35 2.73 -1.27 5.99
CA CYS A 35 3.44 0.00 5.97
C CYS A 35 4.93 -0.24 5.77
N VAL A 36 5.43 0.16 4.61
CA VAL A 36 6.83 -0.08 4.27
C VAL A 36 7.59 1.23 4.23
N PHE A 37 8.68 1.32 4.97
CA PHE A 37 9.56 2.45 4.82
C PHE A 37 10.29 2.32 3.50
N ASN A 38 10.08 3.30 2.63
CA ASN A 38 10.63 3.25 1.30
C ASN A 38 11.77 4.24 1.18
N THR A 39 13.00 3.74 1.15
CA THR A 39 14.18 4.60 1.06
C THR A 39 14.22 5.35 -0.27
N GLU A 40 13.54 4.80 -1.28
CA GLU A 40 13.35 5.50 -2.55
C GLU A 40 12.57 6.79 -2.33
N SER A 41 11.63 6.74 -1.40
CA SER A 41 10.76 7.87 -1.12
C SER A 41 11.25 8.64 0.10
N ASN A 42 12.20 8.02 0.82
CA ASN A 42 12.76 8.56 2.06
C ASN A 42 11.65 8.84 3.07
N LYS A 43 10.64 7.99 3.07
CA LYS A 43 9.54 8.11 4.00
C LYS A 43 8.80 6.79 4.12
N CYS A 44 7.94 6.68 5.11
CA CYS A 44 7.08 5.52 5.24
C CYS A 44 5.92 5.62 4.26
N GLU A 45 5.80 4.62 3.41
CA GLU A 45 4.81 4.66 2.34
C GLU A 45 4.10 3.31 2.29
N LEU A 46 2.77 3.33 2.22
CA LEU A 46 1.99 2.10 2.15
C LEU A 46 2.44 1.28 0.93
N LYS A 47 2.56 -0.04 1.11
CA LYS A 47 3.06 -0.91 0.07
C LYS A 47 2.24 -0.81 -1.21
N LYS A 48 2.75 0.00 -2.13
CA LYS A 48 2.12 0.28 -3.41
C LYS A 48 1.79 -0.99 -4.19
N ASP A 49 2.67 -1.96 -4.08
CA ASP A 49 2.57 -3.20 -4.85
C ASP A 49 1.42 -4.06 -4.35
N VAL A 50 1.12 -3.96 -3.06
CA VAL A 50 -0.02 -4.65 -2.48
C VAL A 50 -1.30 -3.93 -2.88
N LYS A 51 -1.25 -2.60 -2.84
CA LYS A 51 -2.39 -1.77 -3.27
C LYS A 51 -2.78 -2.11 -4.70
N GLU A 52 -1.76 -2.20 -5.55
CA GLU A 52 -1.93 -2.54 -6.96
C GLU A 52 -2.71 -3.85 -7.11
N LYS A 53 -2.22 -4.89 -6.46
CA LYS A 53 -2.83 -6.21 -6.56
C LYS A 53 -4.18 -6.27 -5.86
N LEU A 54 -4.34 -5.44 -4.85
CA LEU A 54 -5.57 -5.45 -4.04
C LEU A 54 -6.72 -4.76 -4.78
N GLU A 55 -6.41 -3.67 -5.47
CA GLU A 55 -7.43 -2.97 -6.24
C GLU A 55 -7.63 -3.64 -7.59
N LYS A 56 -6.73 -4.56 -7.93
CA LYS A 56 -6.88 -5.38 -9.13
C LYS A 56 -8.14 -6.23 -9.03
N GLU A 57 -8.44 -6.70 -7.82
CA GLU A 57 -9.60 -7.56 -7.58
C GLU A 57 -10.92 -6.80 -7.76
N SER A 58 -10.85 -5.47 -7.75
CA SER A 58 -12.05 -4.66 -7.93
C SER A 58 -12.58 -4.72 -9.35
N LYS A 59 -11.85 -5.41 -10.22
CA LYS A 59 -12.31 -5.65 -11.60
C LYS A 59 -12.75 -7.10 -11.77
N GLU A 60 -12.58 -7.88 -10.69
CA GLU A 60 -12.85 -9.32 -10.69
C GLU A 60 -12.11 -10.04 -11.81
N THR A 61 -10.94 -10.55 -11.47
CA THR A 61 -10.14 -11.31 -12.40
C THR A 61 -9.49 -12.47 -11.66
N GLU A 62 -10.12 -12.85 -10.55
CA GLU A 62 -9.60 -13.87 -9.65
C GLU A 62 -8.29 -13.42 -9.01
N GLY A 63 -7.67 -14.31 -8.24
CA GLY A 63 -6.43 -13.97 -7.58
C GLY A 63 -5.36 -15.01 -7.81
N LYS A 64 -4.33 -14.63 -8.55
CA LYS A 64 -3.22 -15.53 -8.84
C LYS A 64 -1.90 -14.89 -8.41
N ASP A 65 -0.81 -15.61 -8.60
CA ASP A 65 0.51 -15.10 -8.25
C ASP A 65 1.10 -14.33 -9.42
N GLU A 66 1.10 -13.01 -9.32
CA GLU A 66 1.71 -12.15 -10.33
C GLU A 66 3.19 -12.48 -10.42
N LYS A 67 3.86 -12.28 -9.30
CA LYS A 67 5.26 -12.60 -9.15
C LYS A 67 5.56 -12.79 -7.67
N ALA A 68 5.74 -14.05 -7.26
CA ALA A 68 6.01 -14.39 -5.87
C ALA A 68 4.90 -13.86 -4.95
N ASN A 69 3.67 -13.89 -5.46
CA ASN A 69 2.52 -13.38 -4.71
C ASN A 69 2.05 -14.39 -3.69
N THR A 70 2.58 -14.31 -2.49
CA THR A 70 2.21 -15.21 -1.42
C THR A 70 0.98 -14.66 -0.67
N THR A 71 0.74 -13.38 -0.84
CA THR A 71 -0.38 -12.73 -0.17
C THR A 71 -1.68 -12.96 -0.94
N GLY A 72 -2.38 -14.04 -0.62
CA GLY A 72 -3.66 -14.31 -1.24
C GLY A 72 -4.70 -13.33 -0.78
N SER A 73 -4.99 -13.34 0.51
CA SER A 73 -5.91 -12.40 1.11
C SER A 73 -5.55 -12.19 2.57
N GLY A 1 -5.07 18.65 -0.50
CA GLY A 1 -6.21 19.46 -1.03
C GLY A 1 -6.30 19.41 -2.54
N SER A 2 -5.18 19.13 -3.20
CA SER A 2 -5.15 19.04 -4.66
C SER A 2 -5.96 17.85 -5.13
N LYS A 3 -5.70 16.68 -4.55
CA LYS A 3 -6.41 15.48 -4.92
C LYS A 3 -7.39 15.08 -3.82
N LYS A 4 -8.56 14.59 -4.22
CA LYS A 4 -9.56 14.13 -3.28
C LYS A 4 -9.22 12.72 -2.78
N GLN A 5 -9.87 12.31 -1.70
CA GLN A 5 -9.63 11.00 -1.14
C GLN A 5 -10.70 10.01 -1.60
N GLN A 6 -10.27 8.77 -1.80
CA GLN A 6 -11.17 7.71 -2.20
C GLN A 6 -10.76 6.42 -1.49
N THR A 7 -11.75 5.57 -1.23
CA THR A 7 -11.57 4.29 -0.51
C THR A 7 -10.98 4.49 0.89
N GLU A 8 -11.82 4.23 1.90
CA GLU A 8 -11.47 4.40 3.30
C GLU A 8 -10.17 3.68 3.65
N SER A 9 -10.07 2.43 3.21
CA SER A 9 -8.97 1.58 3.59
C SER A 9 -7.64 2.09 3.04
N ALA A 10 -7.63 2.61 1.82
CA ALA A 10 -6.42 3.16 1.24
C ALA A 10 -6.02 4.44 1.96
N GLU A 11 -7.02 5.27 2.25
CA GLU A 11 -6.78 6.55 2.91
C GLU A 11 -6.11 6.36 4.27
N ASN A 12 -6.80 5.70 5.19
CA ASN A 12 -6.36 5.64 6.58
C ASN A 12 -5.11 4.77 6.75
N LYS A 13 -4.98 3.71 5.96
CA LYS A 13 -3.84 2.80 6.11
C LYS A 13 -2.56 3.48 5.66
N GLU A 14 -2.67 4.22 4.57
CA GLU A 14 -1.52 4.92 4.01
C GLU A 14 -1.12 6.06 4.94
N LYS A 15 -2.10 6.63 5.63
CA LYS A 15 -1.88 7.68 6.61
C LYS A 15 -1.23 7.11 7.87
N ILE A 16 -1.49 5.83 8.14
CA ILE A 16 -0.90 5.16 9.28
C ILE A 16 0.60 5.01 9.06
N CYS A 17 0.96 4.58 7.86
CA CYS A 17 2.36 4.46 7.50
C CYS A 17 3.02 5.84 7.40
N ASN A 18 2.22 6.83 6.99
CA ASN A 18 2.70 8.21 6.90
C ASN A 18 2.94 8.81 8.28
N ALA A 19 2.25 8.27 9.28
CA ALA A 19 2.46 8.70 10.67
C ALA A 19 3.85 8.32 11.15
N ALA A 20 4.48 7.37 10.48
CA ALA A 20 5.83 6.95 10.84
C ALA A 20 6.84 7.92 10.26
N LYS A 21 6.43 8.58 9.17
CA LYS A 21 7.23 9.61 8.53
C LYS A 21 8.57 9.05 8.06
N ASP A 22 9.65 9.82 8.26
CA ASP A 22 10.98 9.43 7.81
C ASP A 22 11.63 8.45 8.79
N ASN A 23 10.86 7.97 9.76
CA ASN A 23 11.37 7.02 10.74
C ASN A 23 11.09 5.60 10.31
N GLN A 24 12.10 4.94 9.74
CA GLN A 24 11.96 3.56 9.33
C GLN A 24 11.76 2.66 10.54
N LYS A 25 12.47 2.96 11.62
CA LYS A 25 12.41 2.13 12.82
C LYS A 25 10.98 2.09 13.34
N ALA A 26 10.35 3.25 13.41
CA ALA A 26 8.97 3.34 13.86
C ALA A 26 8.05 2.57 12.94
N CYS A 27 8.29 2.67 11.65
CA CYS A 27 7.43 2.02 10.67
C CYS A 27 7.64 0.52 10.70
N GLU A 28 8.89 0.08 10.88
CA GLU A 28 9.18 -1.35 11.02
C GLU A 28 8.40 -1.97 12.19
N ASN A 29 8.19 -1.18 13.24
CA ASN A 29 7.44 -1.64 14.41
C ASN A 29 5.95 -1.81 14.09
N LEU A 30 5.40 -0.88 13.33
CA LEU A 30 3.99 -0.97 12.96
C LEU A 30 3.80 -1.51 11.54
N LYS A 31 4.87 -2.11 11.02
CA LYS A 31 4.89 -2.64 9.66
C LYS A 31 3.96 -3.85 9.52
N GLU A 32 3.54 -4.37 10.66
CA GLU A 32 2.61 -5.49 10.73
C GLU A 32 1.31 -5.19 9.98
N LYS A 33 1.02 -3.91 9.76
CA LYS A 33 -0.14 -3.51 9.00
C LYS A 33 0.10 -3.69 7.51
N GLY A 34 1.19 -3.11 7.01
CA GLY A 34 1.54 -3.28 5.62
C GLY A 34 2.24 -2.06 5.07
N CYS A 35 3.23 -1.58 5.80
CA CYS A 35 3.92 -0.36 5.42
C CYS A 35 5.30 -0.70 4.88
N VAL A 36 5.78 0.12 3.96
CA VAL A 36 7.11 -0.06 3.39
C VAL A 36 7.82 1.29 3.34
N PHE A 37 9.06 1.31 3.81
CA PHE A 37 9.83 2.53 3.82
C PHE A 37 10.52 2.73 2.47
N ASN A 38 10.26 3.86 1.86
CA ASN A 38 10.88 4.18 0.59
C ASN A 38 12.07 5.09 0.84
N THR A 39 13.26 4.55 0.64
CA THR A 39 14.48 5.27 0.96
C THR A 39 14.73 6.42 -0.01
N GLU A 40 14.07 6.38 -1.15
CA GLU A 40 14.26 7.39 -2.18
C GLU A 40 13.56 8.69 -1.78
N SER A 41 12.35 8.57 -1.27
CA SER A 41 11.63 9.73 -0.75
C SER A 41 12.03 9.96 0.71
N ASN A 42 12.60 8.91 1.30
CA ASN A 42 13.05 8.92 2.69
C ASN A 42 11.85 9.09 3.61
N LYS A 43 10.87 8.22 3.43
CA LYS A 43 9.71 8.15 4.32
C LYS A 43 8.97 6.84 4.09
N CYS A 44 8.11 6.48 5.02
CA CYS A 44 7.41 5.19 4.94
C CYS A 44 6.00 5.37 4.41
N GLU A 45 5.59 4.46 3.52
CA GLU A 45 4.28 4.53 2.89
C GLU A 45 3.61 3.16 2.94
N LEU A 46 2.29 3.13 2.77
CA LEU A 46 1.57 1.87 2.76
C LEU A 46 1.91 1.07 1.50
N LYS A 47 2.17 -0.21 1.67
CA LYS A 47 2.44 -1.08 0.55
C LYS A 47 1.12 -1.62 0.02
N LYS A 48 0.72 -1.15 -1.14
CA LYS A 48 -0.55 -1.54 -1.76
C LYS A 48 -0.59 -3.02 -2.05
N ASP A 49 0.57 -3.59 -2.27
CA ASP A 49 0.72 -5.03 -2.45
C ASP A 49 0.29 -5.79 -1.20
N VAL A 50 0.63 -5.23 -0.04
CA VAL A 50 0.23 -5.83 1.23
C VAL A 50 -1.24 -5.57 1.48
N LYS A 51 -1.69 -4.35 1.16
CA LYS A 51 -3.09 -3.99 1.25
C LYS A 51 -3.94 -4.95 0.40
N GLU A 52 -3.37 -5.32 -0.73
CA GLU A 52 -3.98 -6.28 -1.64
C GLU A 52 -4.18 -7.63 -0.95
N LYS A 53 -3.13 -8.10 -0.28
CA LYS A 53 -3.17 -9.40 0.39
C LYS A 53 -3.92 -9.33 1.72
N LEU A 54 -4.15 -8.11 2.18
CA LEU A 54 -4.88 -7.89 3.42
C LEU A 54 -6.37 -8.02 3.18
N GLU A 55 -6.90 -7.16 2.30
CA GLU A 55 -8.33 -7.17 2.01
C GLU A 55 -8.69 -8.28 1.03
N LYS A 56 -7.78 -8.54 0.08
CA LYS A 56 -8.03 -9.51 -0.98
C LYS A 56 -9.26 -9.12 -1.77
N GLU A 57 -9.41 -7.80 -1.96
CA GLU A 57 -10.52 -7.19 -2.71
C GLU A 57 -11.82 -7.23 -1.92
N SER A 58 -12.04 -8.30 -1.19
CA SER A 58 -13.26 -8.47 -0.43
C SER A 58 -12.94 -8.89 1.00
N LYS A 59 -12.95 -7.93 1.91
CA LYS A 59 -12.70 -8.21 3.32
C LYS A 59 -14.00 -8.31 4.11
N GLU A 60 -15.13 -8.26 3.39
CA GLU A 60 -16.47 -8.49 3.95
C GLU A 60 -16.93 -7.35 4.88
N THR A 61 -15.98 -6.54 5.34
CA THR A 61 -16.25 -5.37 6.19
C THR A 61 -16.48 -5.80 7.63
N GLU A 62 -17.35 -6.79 7.83
CA GLU A 62 -17.62 -7.30 9.16
C GLU A 62 -17.03 -8.70 9.28
N GLY A 63 -16.21 -9.06 8.31
CA GLY A 63 -15.61 -10.37 8.27
C GLY A 63 -14.45 -10.51 9.22
N LYS A 64 -14.73 -10.43 10.51
CA LYS A 64 -13.71 -10.62 11.53
C LYS A 64 -14.29 -11.43 12.68
N ASP A 65 -15.36 -10.92 13.28
CA ASP A 65 -16.12 -11.62 14.34
C ASP A 65 -15.36 -11.61 15.67
N GLU A 66 -14.04 -11.65 15.59
CA GLU A 66 -13.18 -11.69 16.77
C GLU A 66 -13.41 -12.98 17.54
N LYS A 67 -14.25 -12.94 18.56
CA LYS A 67 -14.59 -14.13 19.33
C LYS A 67 -16.09 -14.15 19.65
N ALA A 68 -16.81 -13.15 19.13
CA ALA A 68 -18.25 -13.01 19.39
C ALA A 68 -18.79 -11.76 18.71
N ASN A 69 -18.11 -10.64 18.93
CA ASN A 69 -18.57 -9.33 18.47
C ASN A 69 -19.95 -9.03 19.04
N THR A 70 -19.98 -8.43 20.22
CA THR A 70 -21.22 -8.21 20.95
C THR A 70 -21.75 -6.78 20.77
N THR A 71 -21.38 -6.13 19.66
CA THR A 71 -21.78 -4.76 19.37
C THR A 71 -21.16 -3.78 20.35
N GLY A 72 -20.20 -3.00 19.87
CA GLY A 72 -19.54 -2.02 20.71
C GLY A 72 -18.34 -1.42 20.01
N SER A 73 -17.63 -2.25 19.27
CA SER A 73 -16.49 -1.81 18.49
C SER A 73 -16.68 -2.25 17.05
N GLY A 1 -25.16 2.54 -4.72
CA GLY A 1 -24.08 3.51 -5.05
C GLY A 1 -23.18 2.97 -6.15
N SER A 2 -23.54 3.25 -7.39
CA SER A 2 -22.83 2.70 -8.54
C SER A 2 -21.69 3.61 -9.00
N LYS A 3 -21.15 4.43 -8.10
CA LYS A 3 -20.03 5.29 -8.44
C LYS A 3 -19.12 5.52 -7.22
N LYS A 4 -17.81 5.54 -7.49
CA LYS A 4 -16.77 5.74 -6.48
C LYS A 4 -16.67 4.55 -5.53
N GLN A 5 -15.49 3.95 -5.50
CA GLN A 5 -15.21 2.84 -4.59
C GLN A 5 -14.70 3.39 -3.27
N GLN A 6 -14.34 2.50 -2.36
CA GLN A 6 -13.80 2.93 -1.08
C GLN A 6 -12.29 2.76 -1.05
N THR A 7 -11.58 3.87 -1.04
CA THR A 7 -10.14 3.86 -0.92
C THR A 7 -9.74 3.94 0.56
N GLU A 8 -10.73 3.75 1.41
CA GLU A 8 -10.59 3.85 2.86
C GLU A 8 -9.38 3.07 3.38
N SER A 9 -9.24 1.83 2.91
CA SER A 9 -8.13 0.98 3.33
C SER A 9 -6.79 1.66 3.05
N ALA A 10 -6.64 2.18 1.84
CA ALA A 10 -5.41 2.82 1.45
C ALA A 10 -5.20 4.13 2.21
N GLU A 11 -6.27 4.89 2.36
CA GLU A 11 -6.20 6.21 2.96
C GLU A 11 -5.76 6.15 4.42
N ASN A 12 -6.39 5.26 5.19
CA ASN A 12 -6.09 5.15 6.61
C ASN A 12 -4.78 4.41 6.84
N LYS A 13 -4.48 3.44 5.97
CA LYS A 13 -3.28 2.61 6.15
C LYS A 13 -2.05 3.44 5.86
N GLU A 14 -2.10 4.18 4.77
CA GLU A 14 -1.02 5.05 4.38
C GLU A 14 -0.80 6.10 5.46
N LYS A 15 -1.90 6.59 6.03
CA LYS A 15 -1.87 7.55 7.12
C LYS A 15 -1.13 6.96 8.33
N ILE A 16 -1.32 5.66 8.56
CA ILE A 16 -0.65 4.98 9.66
C ILE A 16 0.85 4.92 9.41
N CYS A 17 1.20 4.60 8.17
CA CYS A 17 2.60 4.58 7.77
C CYS A 17 3.18 5.99 7.82
N ASN A 18 2.39 6.98 7.44
CA ASN A 18 2.82 8.38 7.46
C ASN A 18 2.97 8.87 8.89
N ALA A 19 2.29 8.20 9.82
CA ALA A 19 2.43 8.51 11.25
C ALA A 19 3.83 8.14 11.75
N ALA A 20 4.54 7.31 10.97
CA ALA A 20 5.90 6.94 11.29
C ALA A 20 6.87 7.91 10.63
N LYS A 21 6.34 8.63 9.63
CA LYS A 21 7.09 9.65 8.90
C LYS A 21 8.34 9.08 8.24
N ASP A 22 9.48 9.66 8.57
CA ASP A 22 10.74 9.29 7.94
C ASP A 22 11.53 8.34 8.84
N ASN A 23 10.89 7.85 9.88
CA ASN A 23 11.53 6.93 10.80
C ASN A 23 11.25 5.48 10.39
N GLN A 24 12.31 4.78 9.99
CA GLN A 24 12.21 3.42 9.49
C GLN A 24 11.92 2.45 10.64
N LYS A 25 12.55 2.70 11.78
CA LYS A 25 12.31 1.92 12.99
C LYS A 25 10.82 1.96 13.34
N ALA A 26 10.29 3.17 13.45
CA ALA A 26 8.87 3.37 13.77
C ALA A 26 7.99 2.73 12.70
N CYS A 27 8.42 2.83 11.46
CA CYS A 27 7.71 2.26 10.33
C CYS A 27 7.53 0.76 10.53
N GLU A 28 8.62 0.07 10.77
CA GLU A 28 8.57 -1.38 10.93
C GLU A 28 7.87 -1.79 12.22
N ASN A 29 7.67 -0.84 13.14
CA ASN A 29 6.89 -1.10 14.34
C ASN A 29 5.41 -1.23 13.99
N LEU A 30 4.95 -0.42 13.05
CA LEU A 30 3.55 -0.45 12.62
C LEU A 30 3.43 -1.05 11.22
N LYS A 31 4.51 -1.68 10.78
CA LYS A 31 4.62 -2.30 9.47
C LYS A 31 3.52 -3.32 9.16
N GLU A 32 2.96 -3.96 10.19
CA GLU A 32 1.93 -4.98 10.00
C GLU A 32 0.68 -4.42 9.32
N LYS A 33 0.57 -3.09 9.34
CA LYS A 33 -0.54 -2.42 8.66
C LYS A 33 -0.33 -2.44 7.15
N GLY A 34 0.91 -2.67 6.75
CA GLY A 34 1.26 -2.68 5.35
C GLY A 34 2.22 -1.56 5.00
N CYS A 35 3.14 -1.30 5.91
CA CYS A 35 3.99 -0.12 5.78
C CYS A 35 5.37 -0.51 5.32
N VAL A 36 5.86 0.23 4.35
CA VAL A 36 7.20 0.00 3.83
C VAL A 36 7.96 1.33 3.79
N PHE A 37 9.18 1.32 4.26
CA PHE A 37 10.01 2.49 4.17
C PHE A 37 10.61 2.57 2.79
N ASN A 38 10.33 3.64 2.10
CA ASN A 38 10.80 3.80 0.74
C ASN A 38 11.96 4.78 0.73
N THR A 39 13.13 4.27 0.37
CA THR A 39 14.34 5.08 0.33
C THR A 39 14.24 6.20 -0.71
N GLU A 40 13.43 5.96 -1.73
CA GLU A 40 13.28 6.92 -2.82
C GLU A 40 12.39 8.08 -2.39
N SER A 41 11.36 7.77 -1.60
CA SER A 41 10.44 8.78 -1.09
C SER A 41 10.98 9.34 0.24
N ASN A 42 11.86 8.57 0.86
CA ASN A 42 12.49 8.96 2.13
C ASN A 42 11.46 8.95 3.26
N LYS A 43 10.38 8.20 3.07
CA LYS A 43 9.32 8.13 4.06
C LYS A 43 8.83 6.69 4.21
N CYS A 44 8.07 6.44 5.26
CA CYS A 44 7.33 5.20 5.41
C CYS A 44 5.93 5.38 4.82
N GLU A 45 5.60 4.57 3.82
CA GLU A 45 4.30 4.68 3.18
C GLU A 45 3.69 3.30 2.98
N LEU A 46 2.40 3.27 2.65
CA LEU A 46 1.70 2.02 2.37
C LEU A 46 2.20 1.45 1.05
N LYS A 47 2.56 0.18 1.06
CA LYS A 47 3.07 -0.48 -0.13
C LYS A 47 2.01 -0.48 -1.23
N LYS A 48 2.25 0.31 -2.26
CA LYS A 48 1.32 0.47 -3.38
C LYS A 48 0.99 -0.89 -4.00
N ASP A 49 2.01 -1.72 -4.06
CA ASP A 49 1.90 -3.07 -4.60
C ASP A 49 0.87 -3.90 -3.86
N VAL A 50 0.97 -3.91 -2.54
CA VAL A 50 0.11 -4.73 -1.71
C VAL A 50 -1.33 -4.23 -1.78
N LYS A 51 -1.55 -2.96 -1.48
CA LYS A 51 -2.89 -2.39 -1.42
C LYS A 51 -3.69 -2.67 -2.69
N GLU A 52 -3.05 -2.50 -3.82
CA GLU A 52 -3.72 -2.64 -5.10
C GLU A 52 -3.99 -4.09 -5.45
N LYS A 53 -2.96 -4.92 -5.32
CA LYS A 53 -3.04 -6.31 -5.77
C LYS A 53 -3.66 -7.21 -4.71
N LEU A 54 -3.92 -6.68 -3.53
CA LEU A 54 -4.60 -7.42 -2.50
C LEU A 54 -6.10 -7.17 -2.57
N GLU A 55 -6.48 -5.90 -2.64
CA GLU A 55 -7.89 -5.53 -2.66
C GLU A 55 -8.47 -5.63 -4.08
N LYS A 56 -8.01 -4.76 -4.96
CA LYS A 56 -8.67 -4.58 -6.24
C LYS A 56 -8.08 -5.48 -7.32
N GLU A 57 -8.15 -6.78 -7.10
CA GLU A 57 -7.82 -7.75 -8.11
C GLU A 57 -9.02 -8.63 -8.42
N SER A 58 -9.90 -8.75 -7.43
CA SER A 58 -11.19 -9.45 -7.57
C SER A 58 -11.88 -9.55 -6.21
N LYS A 59 -11.09 -9.72 -5.16
CA LYS A 59 -11.61 -9.95 -3.82
C LYS A 59 -11.88 -8.65 -3.08
N GLU A 60 -12.25 -7.59 -3.80
CA GLU A 60 -12.67 -6.34 -3.17
C GLU A 60 -13.76 -6.63 -2.15
N THR A 61 -14.89 -7.12 -2.66
CA THR A 61 -15.89 -7.80 -1.83
C THR A 61 -16.55 -8.89 -2.66
N GLU A 62 -16.01 -9.09 -3.85
CA GLU A 62 -16.60 -10.03 -4.80
C GLU A 62 -16.05 -11.42 -4.55
N GLY A 63 -16.83 -12.22 -3.83
CA GLY A 63 -16.36 -13.51 -3.39
C GLY A 63 -16.10 -13.52 -1.90
N LYS A 64 -15.73 -12.34 -1.38
CA LYS A 64 -15.53 -12.11 0.05
C LYS A 64 -14.33 -12.88 0.60
N ASP A 65 -14.49 -14.19 0.73
CA ASP A 65 -13.52 -15.03 1.41
C ASP A 65 -12.34 -15.36 0.52
N GLU A 66 -11.45 -14.37 0.33
CA GLU A 66 -10.17 -14.53 -0.38
C GLU A 66 -10.27 -15.46 -1.59
N LYS A 67 -9.84 -16.70 -1.40
CA LYS A 67 -9.91 -17.72 -2.44
C LYS A 67 -10.25 -19.06 -1.81
N ALA A 68 -11.54 -19.39 -1.86
CA ALA A 68 -12.07 -20.63 -1.29
C ALA A 68 -11.73 -20.71 0.20
N ASN A 69 -12.52 -20.04 1.01
CA ASN A 69 -12.38 -20.12 2.46
C ASN A 69 -13.46 -21.03 3.01
N THR A 70 -13.16 -21.71 4.11
CA THR A 70 -14.05 -22.73 4.65
C THR A 70 -14.01 -23.97 3.74
N THR A 71 -13.37 -25.02 4.22
CA THR A 71 -13.14 -26.23 3.42
C THR A 71 -14.43 -26.76 2.80
N GLY A 72 -15.50 -26.80 3.58
CA GLY A 72 -16.76 -27.27 3.07
C GLY A 72 -17.72 -27.63 4.19
N SER A 73 -18.68 -28.47 3.87
CA SER A 73 -19.69 -28.87 4.83
C SER A 73 -19.57 -30.36 5.14
N GLY A 1 -16.50 12.48 -9.19
CA GLY A 1 -16.26 11.38 -8.24
C GLY A 1 -15.18 11.74 -7.22
N SER A 2 -14.47 10.74 -6.74
CA SER A 2 -13.39 10.97 -5.79
C SER A 2 -12.28 9.94 -5.98
N LYS A 3 -11.18 10.37 -6.58
CA LYS A 3 -10.01 9.51 -6.77
C LYS A 3 -9.16 9.47 -5.50
N LYS A 4 -9.56 10.27 -4.52
CA LYS A 4 -8.94 10.28 -3.20
C LYS A 4 -10.03 10.41 -2.14
N GLN A 5 -9.70 10.08 -0.89
CA GLN A 5 -10.67 10.07 0.21
C GLN A 5 -11.73 8.99 0.00
N GLN A 6 -12.68 8.93 0.93
CA GLN A 6 -13.80 7.97 0.89
C GLN A 6 -13.35 6.55 1.20
N THR A 7 -12.40 6.07 0.42
CA THR A 7 -11.88 4.73 0.60
C THR A 7 -11.05 4.65 1.88
N GLU A 8 -11.69 4.20 2.95
CA GLU A 8 -11.05 4.12 4.26
C GLU A 8 -9.82 3.22 4.20
N SER A 9 -9.89 2.20 3.37
CA SER A 9 -8.81 1.24 3.23
C SER A 9 -7.52 1.92 2.77
N ALA A 10 -7.52 2.40 1.55
CA ALA A 10 -6.32 2.98 0.95
C ALA A 10 -5.88 4.26 1.66
N GLU A 11 -6.84 5.07 2.06
CA GLU A 11 -6.53 6.41 2.58
C GLU A 11 -5.95 6.33 3.99
N ASN A 12 -6.66 5.65 4.88
CA ASN A 12 -6.24 5.58 6.28
C ASN A 12 -4.98 4.74 6.43
N LYS A 13 -4.80 3.76 5.54
CA LYS A 13 -3.61 2.91 5.59
C LYS A 13 -2.37 3.76 5.31
N GLU A 14 -2.42 4.56 4.25
CA GLU A 14 -1.33 5.48 3.94
C GLU A 14 -1.10 6.42 5.11
N LYS A 15 -2.19 6.86 5.74
CA LYS A 15 -2.11 7.76 6.88
C LYS A 15 -1.28 7.14 8.00
N ILE A 16 -1.50 5.85 8.27
CA ILE A 16 -0.78 5.15 9.32
C ILE A 16 0.71 5.10 8.99
N CYS A 17 0.98 4.83 7.73
CA CYS A 17 2.35 4.79 7.24
C CYS A 17 2.99 6.18 7.28
N ASN A 18 2.22 7.19 6.88
CA ASN A 18 2.72 8.56 6.89
C ASN A 18 2.97 9.02 8.32
N ALA A 19 2.20 8.49 9.25
CA ALA A 19 2.33 8.81 10.67
C ALA A 19 3.60 8.19 11.27
N ALA A 20 4.31 7.40 10.48
CA ALA A 20 5.57 6.83 10.92
C ALA A 20 6.72 7.72 10.49
N LYS A 21 6.41 8.64 9.58
CA LYS A 21 7.36 9.65 9.11
C LYS A 21 8.56 9.01 8.42
N ASP A 22 9.70 9.68 8.53
CA ASP A 22 10.95 9.20 7.97
C ASP A 22 11.70 8.34 8.97
N ASN A 23 11.05 8.05 10.09
CA ASN A 23 11.61 7.17 11.10
C ASN A 23 11.39 5.72 10.70
N GLN A 24 12.44 5.10 10.19
CA GLN A 24 12.32 3.72 9.72
C GLN A 24 11.98 2.79 10.86
N LYS A 25 12.52 3.06 12.05
CA LYS A 25 12.30 2.18 13.20
C LYS A 25 10.80 2.12 13.51
N ALA A 26 10.17 3.30 13.50
CA ALA A 26 8.74 3.38 13.71
C ALA A 26 7.99 2.62 12.61
N CYS A 27 8.43 2.81 11.37
CA CYS A 27 7.83 2.15 10.22
C CYS A 27 7.95 0.64 10.35
N GLU A 28 9.17 0.17 10.60
CA GLU A 28 9.43 -1.27 10.78
C GLU A 28 8.51 -1.87 11.83
N ASN A 29 8.29 -1.13 12.91
CA ASN A 29 7.53 -1.62 14.05
C ASN A 29 6.02 -1.67 13.76
N LEU A 30 5.54 -0.87 12.82
CA LEU A 30 4.13 -0.93 12.44
C LEU A 30 3.96 -1.47 11.02
N LYS A 31 5.04 -2.00 10.47
CA LYS A 31 5.07 -2.52 9.10
C LYS A 31 4.09 -3.68 8.91
N GLU A 32 3.78 -4.39 9.99
CA GLU A 32 2.87 -5.52 9.92
C GLU A 32 1.44 -5.09 9.56
N LYS A 33 1.22 -3.77 9.48
CA LYS A 33 -0.06 -3.24 9.02
C LYS A 33 -0.01 -2.88 7.54
N GLY A 34 1.14 -3.06 6.91
CA GLY A 34 1.27 -2.82 5.49
C GLY A 34 2.05 -1.56 5.18
N CYS A 35 2.89 -1.13 6.11
CA CYS A 35 3.68 0.08 5.92
C CYS A 35 5.15 -0.27 5.72
N VAL A 36 5.64 -0.08 4.51
CA VAL A 36 7.03 -0.38 4.19
C VAL A 36 7.79 0.91 3.94
N PHE A 37 8.93 1.06 4.58
CA PHE A 37 9.73 2.26 4.45
C PHE A 37 10.23 2.40 3.02
N ASN A 38 10.04 3.58 2.47
CA ASN A 38 10.44 3.85 1.09
C ASN A 38 11.63 4.79 1.09
N THR A 39 12.80 4.26 0.73
CA THR A 39 14.03 5.03 0.71
C THR A 39 14.01 6.08 -0.41
N GLU A 40 13.18 5.84 -1.41
CA GLU A 40 13.02 6.77 -2.53
C GLU A 40 12.62 8.15 -2.03
N SER A 41 11.59 8.20 -1.17
CA SER A 41 11.14 9.46 -0.61
C SER A 41 11.71 9.64 0.80
N ASN A 42 12.34 8.57 1.30
CA ASN A 42 12.88 8.55 2.66
C ASN A 42 11.75 8.74 3.68
N LYS A 43 10.64 8.08 3.42
CA LYS A 43 9.47 8.15 4.30
C LYS A 43 8.81 6.78 4.37
N CYS A 44 8.01 6.54 5.40
CA CYS A 44 7.28 5.29 5.50
C CYS A 44 6.07 5.33 4.59
N GLU A 45 5.92 4.32 3.74
CA GLU A 45 4.91 4.35 2.69
C GLU A 45 4.01 3.11 2.77
N LEU A 46 2.77 3.24 2.33
CA LEU A 46 1.87 2.10 2.29
C LEU A 46 2.27 1.15 1.19
N LYS A 47 2.38 -0.13 1.55
CA LYS A 47 2.70 -1.17 0.59
C LYS A 47 1.64 -1.21 -0.50
N LYS A 48 2.04 -0.89 -1.72
CA LYS A 48 1.10 -0.79 -2.83
C LYS A 48 0.57 -2.17 -3.22
N ASP A 49 1.27 -3.20 -2.79
CA ASP A 49 0.81 -4.57 -2.94
C ASP A 49 -0.40 -4.82 -2.04
N VAL A 50 -0.27 -4.41 -0.79
CA VAL A 50 -1.37 -4.50 0.15
C VAL A 50 -2.49 -3.56 -0.26
N LYS A 51 -2.11 -2.36 -0.70
CA LYS A 51 -3.07 -1.38 -1.22
C LYS A 51 -3.92 -1.99 -2.31
N GLU A 52 -3.27 -2.67 -3.25
CA GLU A 52 -3.94 -3.34 -4.35
C GLU A 52 -5.01 -4.29 -3.81
N LYS A 53 -4.62 -5.10 -2.85
CA LYS A 53 -5.52 -6.09 -2.25
C LYS A 53 -6.68 -5.41 -1.54
N LEU A 54 -6.37 -4.39 -0.74
CA LEU A 54 -7.39 -3.73 0.06
C LEU A 54 -8.30 -2.83 -0.78
N GLU A 55 -7.77 -2.31 -1.87
CA GLU A 55 -8.57 -1.48 -2.76
C GLU A 55 -9.66 -2.30 -3.44
N LYS A 56 -9.36 -3.56 -3.74
CA LYS A 56 -10.38 -4.45 -4.27
C LYS A 56 -10.46 -5.72 -3.42
N GLU A 57 -10.76 -5.55 -2.13
CA GLU A 57 -10.92 -6.68 -1.22
C GLU A 57 -12.09 -7.56 -1.63
N SER A 58 -13.29 -7.08 -1.37
CA SER A 58 -14.49 -7.79 -1.75
C SER A 58 -15.60 -6.81 -2.11
N LYS A 59 -15.90 -5.90 -1.20
CA LYS A 59 -16.94 -4.90 -1.42
C LYS A 59 -16.88 -3.79 -0.35
N GLU A 60 -16.15 -2.74 -0.66
CA GLU A 60 -16.11 -1.56 0.20
C GLU A 60 -16.87 -0.42 -0.46
N THR A 61 -16.29 0.14 -1.52
CA THR A 61 -16.98 1.14 -2.32
C THR A 61 -18.03 0.48 -3.21
N GLU A 62 -17.58 -0.54 -3.93
CA GLU A 62 -18.44 -1.29 -4.84
C GLU A 62 -17.72 -2.58 -5.22
N GLY A 63 -18.23 -3.70 -4.76
CA GLY A 63 -17.53 -4.95 -4.95
C GLY A 63 -18.41 -6.10 -5.41
N LYS A 64 -18.58 -6.20 -6.72
CA LYS A 64 -19.27 -7.32 -7.34
C LYS A 64 -18.66 -7.54 -8.71
N ASP A 65 -17.36 -7.80 -8.73
CA ASP A 65 -16.62 -7.87 -9.99
C ASP A 65 -16.52 -9.30 -10.53
N GLU A 66 -15.28 -9.79 -10.67
CA GLU A 66 -15.01 -10.95 -11.50
C GLU A 66 -15.56 -12.26 -10.93
N LYS A 67 -16.60 -12.76 -11.61
CA LYS A 67 -17.31 -13.97 -11.23
C LYS A 67 -17.92 -13.81 -9.83
N ALA A 68 -17.90 -12.58 -9.37
CA ALA A 68 -18.44 -12.21 -8.09
C ALA A 68 -19.88 -11.79 -8.28
N ASN A 69 -20.13 -11.07 -9.36
CA ASN A 69 -21.48 -10.71 -9.75
C ASN A 69 -22.10 -11.88 -10.50
N THR A 70 -23.34 -12.22 -10.15
CA THR A 70 -24.08 -13.29 -10.79
C THR A 70 -23.65 -14.67 -10.25
N THR A 71 -22.34 -14.87 -10.12
CA THR A 71 -21.77 -16.07 -9.49
C THR A 71 -21.94 -17.31 -10.39
N GLY A 72 -20.87 -18.09 -10.49
CA GLY A 72 -20.90 -19.28 -11.31
C GLY A 72 -20.48 -20.51 -10.54
N SER A 73 -21.45 -21.27 -10.06
CA SER A 73 -21.18 -22.45 -9.28
C SER A 73 -22.25 -23.51 -9.55
N GLY A 1 -18.42 8.47 -13.48
CA GLY A 1 -19.13 8.14 -12.23
C GLY A 1 -18.17 7.72 -11.13
N SER A 2 -17.61 8.71 -10.43
CA SER A 2 -16.66 8.48 -9.34
C SER A 2 -15.39 7.78 -9.83
N LYS A 3 -14.44 7.57 -8.93
CA LYS A 3 -13.23 6.85 -9.26
C LYS A 3 -12.84 5.91 -8.12
N LYS A 4 -12.94 4.61 -8.38
CA LYS A 4 -12.63 3.62 -7.36
C LYS A 4 -11.13 3.34 -7.35
N GLN A 5 -10.42 4.14 -6.55
CA GLN A 5 -8.98 4.00 -6.39
C GLN A 5 -8.58 4.63 -5.06
N GLN A 6 -9.03 5.87 -4.87
CA GLN A 6 -8.85 6.56 -3.61
C GLN A 6 -9.87 6.03 -2.62
N THR A 7 -9.53 4.94 -1.97
CA THR A 7 -10.46 4.30 -1.05
C THR A 7 -9.99 4.51 0.40
N GLU A 8 -10.96 4.49 1.32
CA GLU A 8 -10.70 4.74 2.73
C GLU A 8 -9.60 3.84 3.29
N SER A 9 -9.57 2.59 2.83
CA SER A 9 -8.58 1.62 3.28
C SER A 9 -7.18 2.10 2.98
N ALA A 10 -6.95 2.58 1.77
CA ALA A 10 -5.66 3.09 1.37
C ALA A 10 -5.37 4.39 2.13
N GLU A 11 -6.38 5.25 2.22
CA GLU A 11 -6.24 6.56 2.84
C GLU A 11 -5.80 6.46 4.30
N ASN A 12 -6.55 5.70 5.11
CA ASN A 12 -6.28 5.63 6.54
C ASN A 12 -5.01 4.83 6.82
N LYS A 13 -4.75 3.82 6.02
CA LYS A 13 -3.56 2.98 6.19
C LYS A 13 -2.31 3.77 5.80
N GLU A 14 -2.39 4.48 4.69
CA GLU A 14 -1.31 5.35 4.27
C GLU A 14 -1.02 6.39 5.34
N LYS A 15 -2.07 6.88 5.98
CA LYS A 15 -1.93 7.85 7.06
C LYS A 15 -1.25 7.21 8.27
N ILE A 16 -1.45 5.92 8.46
CA ILE A 16 -0.82 5.19 9.54
C ILE A 16 0.67 5.03 9.25
N CYS A 17 0.98 4.67 8.01
CA CYS A 17 2.35 4.57 7.57
C CYS A 17 3.02 5.95 7.58
N ASN A 18 2.26 6.97 7.20
CA ASN A 18 2.75 8.35 7.18
C ASN A 18 2.95 8.89 8.60
N ALA A 19 2.30 8.25 9.56
CA ALA A 19 2.48 8.60 10.97
C ALA A 19 3.87 8.17 11.44
N ALA A 20 4.48 7.23 10.72
CA ALA A 20 5.81 6.76 11.03
C ALA A 20 6.84 7.74 10.47
N LYS A 21 6.41 8.47 9.44
CA LYS A 21 7.20 9.55 8.89
C LYS A 21 8.54 9.04 8.35
N ASP A 22 9.60 9.80 8.60
CA ASP A 22 10.93 9.47 8.12
C ASP A 22 11.66 8.53 9.06
N ASN A 23 10.97 8.06 10.09
CA ASN A 23 11.56 7.11 11.03
C ASN A 23 11.35 5.68 10.52
N GLN A 24 12.44 5.07 10.06
CA GLN A 24 12.38 3.73 9.50
C GLN A 24 12.01 2.74 10.58
N LYS A 25 12.54 2.94 11.79
CA LYS A 25 12.25 2.06 12.91
C LYS A 25 10.76 2.06 13.23
N ALA A 26 10.19 3.25 13.34
CA ALA A 26 8.77 3.38 13.64
C ALA A 26 7.93 2.72 12.55
N CYS A 27 8.41 2.81 11.32
CA CYS A 27 7.75 2.18 10.19
C CYS A 27 7.79 0.67 10.31
N GLU A 28 8.97 0.12 10.57
CA GLU A 28 9.15 -1.33 10.67
C GLU A 28 8.31 -1.91 11.82
N ASN A 29 8.07 -1.09 12.84
CA ASN A 29 7.19 -1.46 13.94
C ASN A 29 5.77 -1.70 13.43
N LEU A 30 5.17 -0.68 12.82
CA LEU A 30 3.81 -0.77 12.32
C LEU A 30 3.76 -1.39 10.94
N LYS A 31 4.88 -1.96 10.50
CA LYS A 31 4.98 -2.64 9.22
C LYS A 31 4.05 -3.84 9.17
N GLU A 32 3.61 -4.29 10.34
CA GLU A 32 2.63 -5.36 10.46
C GLU A 32 1.35 -5.02 9.70
N LYS A 33 1.06 -3.72 9.62
CA LYS A 33 -0.15 -3.24 8.97
C LYS A 33 0.06 -3.10 7.46
N GLY A 34 1.28 -3.38 7.01
CA GLY A 34 1.60 -3.27 5.60
C GLY A 34 2.22 -1.95 5.25
N CYS A 35 3.08 -1.45 6.14
CA CYS A 35 3.76 -0.18 5.90
C CYS A 35 5.23 -0.43 5.62
N VAL A 36 5.66 -0.04 4.43
CA VAL A 36 7.04 -0.24 4.02
C VAL A 36 7.74 1.11 3.89
N PHE A 37 8.96 1.19 4.38
CA PHE A 37 9.72 2.42 4.32
C PHE A 37 10.43 2.52 2.98
N ASN A 38 10.21 3.61 2.30
CA ASN A 38 10.87 3.89 1.04
C ASN A 38 11.87 5.02 1.20
N THR A 39 13.14 4.70 1.07
CA THR A 39 14.21 5.69 1.13
C THR A 39 14.20 6.58 -0.09
N GLU A 40 13.55 6.10 -1.15
CA GLU A 40 13.44 6.83 -2.41
C GLU A 40 12.81 8.19 -2.19
N SER A 41 11.57 8.20 -1.72
CA SER A 41 10.89 9.44 -1.39
C SER A 41 11.17 9.79 0.08
N ASN A 42 11.86 8.86 0.75
CA ASN A 42 12.26 9.00 2.16
C ASN A 42 11.05 9.17 3.07
N LYS A 43 10.26 8.11 3.18
CA LYS A 43 9.17 8.05 4.15
C LYS A 43 8.60 6.64 4.23
N CYS A 44 7.69 6.42 5.15
CA CYS A 44 7.01 5.14 5.25
C CYS A 44 5.63 5.22 4.60
N GLU A 45 5.36 4.30 3.69
CA GLU A 45 4.09 4.28 2.97
C GLU A 45 3.52 2.87 2.92
N LEU A 46 2.33 2.73 2.35
CA LEU A 46 1.67 1.43 2.24
C LEU A 46 2.42 0.52 1.29
N LYS A 47 2.35 -0.77 1.57
CA LYS A 47 2.91 -1.79 0.69
C LYS A 47 2.13 -1.83 -0.63
N LYS A 48 1.03 -1.08 -0.66
CA LYS A 48 0.13 -1.00 -1.81
C LYS A 48 0.90 -0.85 -3.11
N ASP A 49 1.75 0.16 -3.14
CA ASP A 49 2.46 0.53 -4.37
C ASP A 49 3.60 -0.44 -4.66
N VAL A 50 4.30 -0.85 -3.60
CA VAL A 50 5.44 -1.74 -3.74
C VAL A 50 4.99 -3.13 -4.21
N LYS A 51 3.91 -3.62 -3.64
CA LYS A 51 3.36 -4.91 -4.03
C LYS A 51 2.75 -4.84 -5.42
N GLU A 52 2.09 -3.72 -5.71
CA GLU A 52 1.52 -3.49 -7.03
C GLU A 52 2.63 -3.50 -8.07
N LYS A 53 3.71 -2.77 -7.76
CA LYS A 53 4.86 -2.70 -8.66
C LYS A 53 5.47 -4.08 -8.86
N LEU A 54 5.54 -4.83 -7.77
CA LEU A 54 6.18 -6.14 -7.77
C LEU A 54 5.36 -7.15 -8.58
N GLU A 55 4.13 -7.39 -8.16
CA GLU A 55 3.31 -8.44 -8.75
C GLU A 55 2.88 -8.10 -10.17
N LYS A 56 2.79 -6.81 -10.50
CA LYS A 56 2.44 -6.38 -11.83
C LYS A 56 3.67 -6.38 -12.75
N GLU A 57 4.86 -6.36 -12.15
CA GLU A 57 6.09 -6.37 -12.92
C GLU A 57 6.28 -7.74 -13.58
N SER A 58 5.78 -8.77 -12.91
CA SER A 58 5.77 -10.11 -13.49
C SER A 58 4.84 -10.15 -14.70
N LYS A 59 3.88 -9.22 -14.71
CA LYS A 59 2.96 -8.99 -15.84
C LYS A 59 1.97 -10.13 -16.04
N GLU A 60 2.27 -11.30 -15.51
CA GLU A 60 1.38 -12.45 -15.61
C GLU A 60 0.17 -12.25 -14.70
N THR A 61 0.36 -11.44 -13.66
CA THR A 61 -0.69 -11.20 -12.66
C THR A 61 -1.65 -10.10 -13.13
N GLU A 62 -1.42 -9.59 -14.34
CA GLU A 62 -2.28 -8.56 -14.90
C GLU A 62 -3.22 -9.17 -15.93
N GLY A 63 -4.48 -9.32 -15.56
CA GLY A 63 -5.45 -9.92 -16.45
C GLY A 63 -6.82 -10.01 -15.82
N LYS A 64 -7.09 -11.12 -15.13
CA LYS A 64 -8.38 -11.35 -14.50
C LYS A 64 -8.23 -12.28 -13.30
N ASP A 65 -8.85 -11.90 -12.18
CA ASP A 65 -8.89 -12.76 -11.00
C ASP A 65 -9.97 -13.81 -11.20
N GLU A 66 -11.18 -13.33 -11.48
CA GLU A 66 -12.34 -14.17 -11.75
C GLU A 66 -12.72 -15.02 -10.54
N LYS A 67 -13.63 -14.50 -9.73
CA LYS A 67 -14.14 -15.19 -8.53
C LYS A 67 -13.08 -15.22 -7.44
N ALA A 68 -11.96 -15.87 -7.74
CA ALA A 68 -10.86 -15.99 -6.80
C ALA A 68 -9.61 -16.47 -7.54
N ASN A 69 -8.63 -15.58 -7.67
CA ASN A 69 -7.37 -15.94 -8.29
C ASN A 69 -6.70 -17.05 -7.50
N THR A 70 -6.36 -18.13 -8.20
CA THR A 70 -5.81 -19.31 -7.58
C THR A 70 -4.40 -19.07 -7.03
N THR A 71 -3.75 -18.01 -7.51
CA THR A 71 -2.40 -17.67 -7.07
C THR A 71 -1.43 -18.79 -7.45
N GLY A 72 -1.82 -19.59 -8.44
CA GLY A 72 -1.04 -20.74 -8.82
C GLY A 72 -1.82 -22.02 -8.60
N SER A 73 -1.26 -22.92 -7.81
CA SER A 73 -1.93 -24.16 -7.47
C SER A 73 -1.43 -24.68 -6.13
N GLY A 1 -22.05 17.79 0.47
CA GLY A 1 -23.10 16.80 0.12
C GLY A 1 -22.61 15.77 -0.87
N SER A 2 -23.04 14.52 -0.67
CA SER A 2 -22.61 13.39 -1.49
C SER A 2 -21.13 13.09 -1.28
N LYS A 3 -20.85 11.94 -0.66
CA LYS A 3 -19.49 11.49 -0.37
C LYS A 3 -18.84 12.34 0.72
N LYS A 4 -17.92 11.75 1.45
CA LYS A 4 -17.19 12.46 2.48
C LYS A 4 -15.86 11.79 2.73
N GLN A 5 -15.91 10.52 3.14
CA GLN A 5 -14.71 9.74 3.37
C GLN A 5 -14.74 8.53 2.46
N GLN A 6 -13.77 8.45 1.55
CA GLN A 6 -13.74 7.40 0.55
C GLN A 6 -12.37 6.71 0.57
N THR A 7 -12.33 5.48 0.05
CA THR A 7 -11.12 4.64 0.06
C THR A 7 -10.52 4.60 1.46
N GLU A 8 -11.40 4.31 2.42
CA GLU A 8 -11.06 4.32 3.83
C GLU A 8 -9.87 3.42 4.16
N SER A 9 -9.81 2.26 3.50
CA SER A 9 -8.74 1.30 3.75
C SER A 9 -7.40 1.89 3.33
N ALA A 10 -7.29 2.30 2.07
CA ALA A 10 -6.06 2.90 1.57
C ALA A 10 -5.72 4.16 2.35
N GLU A 11 -6.74 4.96 2.65
CA GLU A 11 -6.59 6.20 3.38
C GLU A 11 -5.89 6.00 4.72
N ASN A 12 -6.45 5.13 5.55
CA ASN A 12 -5.92 4.94 6.91
C ASN A 12 -4.61 4.18 6.87
N LYS A 13 -4.47 3.25 5.92
CA LYS A 13 -3.20 2.56 5.71
C LYS A 13 -2.10 3.58 5.50
N GLU A 14 -2.30 4.43 4.49
CA GLU A 14 -1.36 5.48 4.17
C GLU A 14 -1.11 6.41 5.37
N LYS A 15 -2.18 6.79 6.05
CA LYS A 15 -2.07 7.72 7.17
C LYS A 15 -1.26 7.12 8.31
N ILE A 16 -1.44 5.82 8.57
CA ILE A 16 -0.68 5.14 9.60
C ILE A 16 0.78 5.05 9.21
N CYS A 17 1.00 4.70 7.96
CA CYS A 17 2.35 4.61 7.41
C CYS A 17 3.03 5.97 7.42
N ASN A 18 2.31 7.00 6.98
CA ASN A 18 2.89 8.33 6.83
C ASN A 18 3.03 9.01 8.18
N ALA A 19 2.34 8.46 9.18
CA ALA A 19 2.45 8.96 10.55
C ALA A 19 3.85 8.72 11.10
N ALA A 20 4.53 7.71 10.55
CA ALA A 20 5.87 7.36 10.98
C ALA A 20 6.87 8.30 10.34
N LYS A 21 6.45 8.91 9.23
CA LYS A 21 7.23 9.91 8.53
C LYS A 21 8.60 9.36 8.11
N ASP A 22 9.67 9.93 8.65
CA ASP A 22 11.02 9.55 8.26
C ASP A 22 11.60 8.50 9.20
N ASN A 23 10.84 8.14 10.23
CA ASN A 23 11.33 7.20 11.22
C ASN A 23 11.08 5.76 10.75
N GLN A 24 12.16 5.09 10.36
CA GLN A 24 12.08 3.73 9.88
C GLN A 24 11.75 2.77 11.00
N LYS A 25 12.32 3.02 12.17
CA LYS A 25 12.09 2.19 13.35
C LYS A 25 10.60 2.03 13.60
N ALA A 26 9.92 3.16 13.74
CA ALA A 26 8.49 3.16 14.04
C ALA A 26 7.70 2.58 12.88
N CYS A 27 8.19 2.80 11.67
CA CYS A 27 7.58 2.24 10.48
C CYS A 27 7.56 0.72 10.55
N GLU A 28 8.71 0.15 10.86
CA GLU A 28 8.85 -1.29 10.91
C GLU A 28 8.26 -1.87 12.20
N ASN A 29 7.81 -1.00 13.09
CA ASN A 29 6.99 -1.42 14.22
C ASN A 29 5.57 -1.71 13.73
N LEU A 30 5.08 -0.86 12.85
CA LEU A 30 3.74 -1.03 12.27
C LEU A 30 3.83 -1.57 10.84
N LYS A 31 5.00 -2.13 10.52
CA LYS A 31 5.28 -2.80 9.24
C LYS A 31 4.13 -3.73 8.84
N GLU A 32 3.49 -4.31 9.85
CA GLU A 32 2.35 -5.21 9.68
C GLU A 32 1.30 -4.65 8.73
N LYS A 33 0.96 -3.38 8.89
CA LYS A 33 -0.21 -2.79 8.26
C LYS A 33 0.06 -2.33 6.82
N GLY A 34 1.05 -2.93 6.19
CA GLY A 34 1.35 -2.61 4.81
C GLY A 34 2.36 -1.49 4.71
N CYS A 35 2.76 -0.99 5.86
CA CYS A 35 3.69 0.12 5.94
C CYS A 35 5.11 -0.35 5.73
N VAL A 36 5.72 0.09 4.65
CA VAL A 36 7.10 -0.20 4.36
C VAL A 36 7.84 1.09 4.10
N PHE A 37 9.06 1.19 4.61
CA PHE A 37 9.84 2.39 4.42
C PHE A 37 10.28 2.49 2.96
N ASN A 38 9.90 3.58 2.34
CA ASN A 38 10.22 3.81 0.95
C ASN A 38 11.42 4.71 0.85
N THR A 39 12.58 4.11 0.58
CA THR A 39 13.84 4.82 0.55
C THR A 39 13.92 5.80 -0.62
N GLU A 40 13.16 5.51 -1.67
CA GLU A 40 13.15 6.35 -2.86
C GLU A 40 12.63 7.74 -2.56
N SER A 41 11.75 7.86 -1.57
CA SER A 41 11.22 9.15 -1.16
C SER A 41 11.53 9.42 0.31
N ASN A 42 12.25 8.47 0.91
CA ASN A 42 12.64 8.54 2.33
C ASN A 42 11.44 8.79 3.24
N LYS A 43 10.54 7.82 3.33
CA LYS A 43 9.41 7.91 4.25
C LYS A 43 8.68 6.59 4.31
N CYS A 44 8.03 6.34 5.44
CA CYS A 44 7.22 5.14 5.58
C CYS A 44 5.96 5.28 4.76
N GLU A 45 5.66 4.28 3.94
CA GLU A 45 4.56 4.38 3.00
C GLU A 45 3.92 3.01 2.78
N LEU A 46 2.66 3.02 2.38
CA LEU A 46 1.97 1.80 2.00
C LEU A 46 2.48 1.37 0.62
N LYS A 47 3.55 0.61 0.62
CA LYS A 47 4.20 0.21 -0.61
C LYS A 47 4.50 -1.29 -0.60
N LYS A 48 3.92 -1.98 0.37
CA LYS A 48 4.18 -3.41 0.57
C LYS A 48 3.84 -4.21 -0.67
N ASP A 49 2.75 -3.83 -1.31
CA ASP A 49 2.26 -4.56 -2.48
C ASP A 49 3.10 -4.25 -3.71
N VAL A 50 3.43 -2.98 -3.87
CA VAL A 50 4.20 -2.53 -5.03
C VAL A 50 5.58 -3.19 -5.07
N LYS A 51 6.26 -3.18 -3.93
CA LYS A 51 7.57 -3.80 -3.83
C LYS A 51 7.47 -5.31 -4.06
N GLU A 52 6.41 -5.89 -3.51
CA GLU A 52 6.18 -7.33 -3.63
C GLU A 52 5.98 -7.73 -5.09
N LYS A 53 5.22 -6.91 -5.82
CA LYS A 53 4.96 -7.18 -7.23
C LYS A 53 6.16 -6.77 -8.09
N LEU A 54 7.08 -6.04 -7.48
CA LEU A 54 8.29 -5.60 -8.18
C LEU A 54 9.38 -6.67 -8.08
N GLU A 55 9.56 -7.21 -6.88
CA GLU A 55 10.58 -8.25 -6.66
C GLU A 55 10.22 -9.52 -7.43
N LYS A 56 8.98 -9.96 -7.27
CA LYS A 56 8.45 -11.16 -7.96
C LYS A 56 9.22 -12.42 -7.57
N GLU A 57 10.37 -12.62 -8.19
CA GLU A 57 11.17 -13.82 -8.04
C GLU A 57 12.40 -13.51 -7.20
N SER A 58 13.23 -12.61 -7.71
CA SER A 58 14.41 -12.15 -7.02
C SER A 58 14.70 -10.71 -7.41
N LYS A 59 15.03 -10.50 -8.69
CA LYS A 59 15.28 -9.14 -9.19
C LYS A 59 15.16 -9.04 -10.71
N GLU A 60 15.08 -10.18 -11.40
CA GLU A 60 14.99 -10.21 -12.86
C GLU A 60 16.20 -9.54 -13.52
N THR A 61 17.16 -10.33 -13.95
CA THR A 61 18.35 -9.78 -14.58
C THR A 61 18.67 -10.46 -15.90
N GLU A 62 17.69 -11.16 -16.47
CA GLU A 62 17.85 -11.68 -17.81
C GLU A 62 17.79 -10.52 -18.80
N GLY A 63 18.93 -10.18 -19.36
CA GLY A 63 19.06 -8.96 -20.11
C GLY A 63 19.91 -7.96 -19.35
N LYS A 64 20.62 -8.48 -18.35
CA LYS A 64 21.48 -7.67 -17.50
C LYS A 64 22.77 -8.40 -17.17
N ASP A 65 22.66 -9.42 -16.34
CA ASP A 65 23.83 -10.04 -15.72
C ASP A 65 23.91 -11.52 -16.02
N GLU A 66 24.77 -12.21 -15.26
CA GLU A 66 25.02 -13.66 -15.39
C GLU A 66 25.77 -13.97 -16.68
N LYS A 67 26.01 -12.94 -17.48
CA LYS A 67 26.76 -13.09 -18.72
C LYS A 67 27.87 -12.04 -18.76
N ALA A 68 28.17 -11.49 -17.58
CA ALA A 68 29.15 -10.42 -17.42
C ALA A 68 28.68 -9.11 -18.05
N ASN A 69 29.22 -8.00 -17.58
CA ASN A 69 28.82 -6.68 -18.08
C ASN A 69 30.06 -5.83 -18.35
N THR A 70 30.51 -5.82 -19.60
CA THR A 70 31.65 -5.01 -19.99
C THR A 70 31.20 -3.78 -20.78
N THR A 71 31.19 -2.64 -20.12
CA THR A 71 30.73 -1.40 -20.73
C THR A 71 31.89 -0.57 -21.27
N GLY A 72 33.06 -1.20 -21.40
CA GLY A 72 34.22 -0.51 -21.90
C GLY A 72 35.22 -0.20 -20.81
N SER A 73 35.13 -0.94 -19.71
CA SER A 73 36.04 -0.75 -18.60
C SER A 73 36.86 -2.02 -18.37
#